data_5YU6
#
_entry.id   5YU6
#
_cell.length_a   68.560
_cell.length_b   302.678
_cell.length_c   88.264
_cell.angle_alpha   90.00
_cell.angle_beta   109.24
_cell.angle_gamma   90.00
#
_symmetry.space_group_name_H-M   'P 1 21 1'
#
loop_
_entity.id
_entity.type
_entity.pdbx_description
1 polymer Exportin-5
2 polymer '13-mer peptide'
3 polymer 'GTP-binding nuclear protein Ran'
4 non-polymer "GUANOSINE-5'-TRIPHOSPHATE"
5 non-polymer 'MAGNESIUM ION'
#
loop_
_entity_poly.entity_id
_entity_poly.type
_entity_poly.pdbx_seq_one_letter_code
_entity_poly.pdbx_strand_id
1 'polypeptide(L)'
;MAMDQVNALCEQLVKAVTVMMDPNSTQRYRLEALKFCEEFKEKCPICVPCGLRLAEKTQVAIVRHFGLQILEHVVKFRWN
GMSRLEKVYLKNSVMELIANGTLNILEEENHIKDALSRIVVEMIKREWPQHWPDMLIELDTLSKQGETQTELVMFILLRL
AEDVVTFQTLPPQRRRDIQQTLTQNMERIFSFLLNTLQENVNKYQQVKTDTSQESKAQANCRVGVAALNTLAGYIDWVSM
SHITAENCKLLEILCLLLNEQELQLGAAECLLIAVSRKGKLEDRKPLMVLFGDVAMHYILSAAQTADGGGLVEKHYVFLK
RLCQVLCALGNQLCALLGADSDVETPSNFGKYLESFLAFTTHPSQFLRSSTQMTWGALFRHEILSRDPLLLAIIPKYLRA
SMTNLVKMGFPSKTDSPSCEYSRFDFDSDEDFNAFFNSSRAQQGEVMRLACRLDPKTSFQMAGEWLKYQLSTFLDAGSVN
SCSAVGTGEGSLCSVFSPSFVQWEAMTLFLESVITQMFRTLNREEIPVNDGIELLQMVLNFDTKDPLILSCVLTNVSALF
PFVTYRPEFLPQVFSKLFSSVTFETVEESKAPRTRAVRNVRRHACSSIIKMCRDYPQLVLPNFDMLYNHVKQLLSNELLL
TQMEKCALMEALVLISNQFKNYERQKVFLEELMAPVASIWLSQDMHRVLSDVDAFIAYVGTDQKSCDPGLEDPCGLNRAR
MSFCVYSILGVVKRTCWPTDLEEAKAGGFVVGYTSSGNPIFRNPCTEQILKLLDNLLALIRTHNTLYAPEMLAKMAEPFT
KALDMLDAEKSAILGLPQPLLELNDSPVFKTVLERMQRFFSTLYENCFHILGKAGPSMQQDFYTVEDLATQLLSSAFVNL
NNIPDYRLRPMLRVFVKPLVLFCPPEHYEALVSPILGPLFTYLHMRLSQKWQVINQRSLLCGEDEAADENPESQEMLEEQ
LVRMLTREVMDLITVCCVSKKGADHSSAPPADGDDEEMMATEVTPSAMAELTDLGKCLMKHEDVCTALLITAFNSLAWKD
TLSCQRTTSQLCWPLLKQVLSGTLLADAVTWLFTSVLKGLQMHGQHDGCMASLVHLAFQIYEALRPRYLEIRAVMEQIPE
IQKDSLDQFDCKLLNPSLQKVADKRRKDQFKRLIAGCIGKPLGEQFRKEVHIKNLPSLFKKTKPMLETEVLDNDGGGLAT
IFEP
;
A,C
2 'polypeptide(L)' (UNK)(UNK)(UNK)(UNK)(UNK)(UNK)(UNK)(UNK)(UNK)(UNK)(UNK)(UNK)(UNK) E,F
3 'polypeptide(L)'
;MAAQGEPQVQFKLVLVGDGGTGKTTFVKRHLTGEFEKKYVATLGVEVHPLVFHTNRGPIKFNVWDTAGQEKFGGLRDGYY
IQAQCAIIMFDVTSRVTYKNVPNWHRDLVRVCENIPIVLCGNKVDIKDRKVKAKSIVFHRKKNLQYYDISAKSNYNFEKP
FLWLARKLIGDPNLEFVAMPALAPPEVVMDPALAAQYEHDLEVAQTTALPDEDDDL
;
B,D
#
loop_
_chem_comp.id
_chem_comp.type
_chem_comp.name
_chem_comp.formula
GTP non-polymer GUANOSINE-5'-TRIPHOSPHATE 'C10 H16 N5 O14 P3'
MG non-polymer 'MAGNESIUM ION' 'Mg 2'
#
# COMPACT_ATOMS: atom_id res chain seq x y z
N GLN A 5 -94.76 -46.12 -23.55
CA GLN A 5 -93.99 -47.07 -24.35
C GLN A 5 -92.51 -46.71 -24.26
N VAL A 6 -91.65 -47.73 -24.38
CA VAL A 6 -90.22 -47.54 -24.16
C VAL A 6 -89.55 -46.93 -25.39
N ASN A 7 -89.92 -47.39 -26.59
CA ASN A 7 -89.18 -47.01 -27.79
C ASN A 7 -89.38 -45.54 -28.13
N ALA A 8 -90.61 -45.03 -28.05
CA ALA A 8 -90.85 -43.62 -28.30
C ALA A 8 -90.03 -42.76 -27.34
N LEU A 9 -90.07 -43.10 -26.05
CA LEU A 9 -89.27 -42.38 -25.07
C LEU A 9 -87.79 -42.47 -25.40
N CYS A 10 -87.34 -43.60 -25.95
CA CYS A 10 -85.92 -43.76 -26.27
C CYS A 10 -85.52 -42.86 -27.43
N GLU A 11 -86.36 -42.79 -28.48
CA GLU A 11 -86.09 -41.85 -29.56
C GLU A 11 -86.06 -40.42 -29.03
N GLN A 12 -87.01 -40.07 -28.16
CA GLN A 12 -87.00 -38.72 -27.59
C GLN A 12 -85.72 -38.45 -26.82
N LEU A 13 -85.25 -39.43 -26.04
CA LEU A 13 -84.02 -39.26 -25.29
C LEU A 13 -82.83 -39.10 -26.22
N VAL A 14 -82.80 -39.84 -27.33
CA VAL A 14 -81.75 -39.68 -28.32
C VAL A 14 -81.75 -38.26 -28.86
N LYS A 15 -82.94 -37.71 -29.16
CA LYS A 15 -83.01 -36.35 -29.63
C LYS A 15 -82.49 -35.36 -28.58
N ALA A 16 -82.90 -35.56 -27.32
CA ALA A 16 -82.49 -34.64 -26.26
C ALA A 16 -80.98 -34.65 -26.06
N VAL A 17 -80.39 -35.83 -25.91
CA VAL A 17 -78.95 -35.92 -25.67
C VAL A 17 -78.18 -35.43 -26.89
N THR A 18 -78.69 -35.70 -28.09
CA THR A 18 -78.04 -35.19 -29.29
C THR A 18 -78.04 -33.67 -29.29
N VAL A 19 -79.12 -33.05 -28.82
CA VAL A 19 -79.18 -31.59 -28.78
C VAL A 19 -78.24 -31.05 -27.70
N MET A 20 -78.21 -31.68 -26.52
CA MET A 20 -77.37 -31.18 -25.44
C MET A 20 -75.89 -31.32 -25.75
N MET A 21 -75.49 -32.37 -26.49
CA MET A 21 -74.08 -32.56 -26.82
C MET A 21 -73.65 -31.78 -28.06
N ASP A 22 -74.53 -30.94 -28.61
CA ASP A 22 -74.18 -30.10 -29.74
C ASP A 22 -73.81 -28.72 -29.25
N PRO A 23 -72.57 -28.27 -29.43
CA PRO A 23 -72.19 -26.94 -28.93
C PRO A 23 -72.93 -25.80 -29.60
N ASN A 24 -73.33 -25.96 -30.86
CA ASN A 24 -74.04 -24.91 -31.59
C ASN A 24 -75.53 -24.86 -31.26
N SER A 25 -75.99 -25.63 -30.28
CA SER A 25 -77.40 -25.63 -29.94
C SER A 25 -77.79 -24.33 -29.24
N THR A 26 -79.07 -23.99 -29.34
CA THR A 26 -79.59 -22.80 -28.68
C THR A 26 -79.84 -23.09 -27.21
N GLN A 27 -79.83 -22.03 -26.41
CA GLN A 27 -79.96 -22.19 -24.96
C GLN A 27 -81.37 -22.62 -24.57
N ARG A 28 -82.39 -22.05 -25.23
CA ARG A 28 -83.76 -22.46 -24.95
C ARG A 28 -83.95 -23.96 -25.21
N TYR A 29 -83.43 -24.44 -26.35
CA TYR A 29 -83.52 -25.86 -26.66
C TYR A 29 -82.74 -26.70 -25.65
N ARG A 30 -81.57 -26.21 -25.22
CA ARG A 30 -80.80 -26.92 -24.21
C ARG A 30 -81.56 -27.06 -22.91
N LEU A 31 -82.23 -25.99 -22.47
CA LEU A 31 -82.98 -26.07 -21.22
C LEU A 31 -84.22 -26.94 -21.36
N GLU A 32 -84.84 -26.96 -22.55
CA GLU A 32 -85.97 -27.86 -22.75
C GLU A 32 -85.53 -29.31 -22.67
N ALA A 33 -84.47 -29.66 -23.40
CA ALA A 33 -83.99 -31.04 -23.40
C ALA A 33 -83.49 -31.46 -22.02
N LEU A 34 -82.76 -30.57 -21.33
CA LEU A 34 -82.25 -30.90 -20.02
C LEU A 34 -83.37 -31.04 -19.00
N LYS A 35 -84.39 -30.17 -19.06
CA LYS A 35 -85.52 -30.28 -18.16
C LYS A 35 -86.27 -31.60 -18.40
N PHE A 36 -86.48 -31.95 -19.67
CA PHE A 36 -87.12 -33.21 -20.00
C PHE A 36 -86.31 -34.39 -19.47
N CYS A 37 -84.98 -34.32 -19.57
CA CYS A 37 -84.14 -35.41 -19.11
C CYS A 37 -84.19 -35.54 -17.59
N GLU A 38 -84.07 -34.43 -16.87
CA GLU A 38 -84.08 -34.49 -15.41
C GLU A 38 -85.43 -34.96 -14.89
N GLU A 39 -86.53 -34.47 -15.48
CA GLU A 39 -87.85 -34.96 -15.10
C GLU A 39 -87.98 -36.45 -15.37
N PHE A 40 -87.52 -36.89 -16.55
CA PHE A 40 -87.51 -38.31 -16.87
C PHE A 40 -86.77 -39.12 -15.81
N LYS A 41 -85.56 -38.72 -15.47
CA LYS A 41 -84.80 -39.43 -14.45
C LYS A 41 -85.50 -39.42 -13.11
N GLU A 42 -86.23 -38.35 -12.80
CA GLU A 42 -86.82 -38.22 -11.47
C GLU A 42 -88.05 -39.10 -11.31
N LYS A 43 -89.00 -39.07 -12.26
CA LYS A 43 -90.27 -39.73 -12.02
C LYS A 43 -90.71 -40.71 -13.11
N CYS A 44 -89.81 -41.13 -13.99
CA CYS A 44 -90.25 -42.10 -15.00
C CYS A 44 -90.23 -43.51 -14.42
N PRO A 45 -91.19 -44.36 -14.79
CA PRO A 45 -91.21 -45.74 -14.30
C PRO A 45 -90.48 -46.75 -15.17
N ILE A 46 -90.01 -46.37 -16.35
CA ILE A 46 -89.32 -47.30 -17.25
C ILE A 46 -87.91 -46.80 -17.52
N CYS A 47 -87.30 -46.16 -16.53
CA CYS A 47 -85.95 -45.63 -16.71
C CYS A 47 -84.95 -46.73 -17.03
N VAL A 48 -85.07 -47.88 -16.35
CA VAL A 48 -84.09 -48.96 -16.52
C VAL A 48 -84.19 -49.56 -17.91
N PRO A 49 -85.37 -49.94 -18.41
CA PRO A 49 -85.41 -50.47 -19.78
C PRO A 49 -84.97 -49.46 -20.84
N CYS A 50 -85.30 -48.19 -20.66
CA CYS A 50 -84.87 -47.17 -21.61
C CYS A 50 -83.35 -47.03 -21.61
N GLY A 51 -82.76 -46.91 -20.42
CA GLY A 51 -81.31 -46.78 -20.33
C GLY A 51 -80.59 -47.97 -20.89
N LEU A 52 -81.12 -49.18 -20.63
CA LEU A 52 -80.54 -50.37 -21.25
C LEU A 52 -80.70 -50.36 -22.76
N ARG A 53 -81.79 -49.77 -23.26
CA ARG A 53 -81.95 -49.68 -24.71
C ARG A 53 -80.94 -48.72 -25.32
N LEU A 54 -80.66 -47.61 -24.64
CA LEU A 54 -79.74 -46.61 -25.17
C LEU A 54 -78.29 -47.06 -25.08
N ALA A 55 -77.95 -47.89 -24.10
CA ALA A 55 -76.57 -48.30 -23.86
C ALA A 55 -76.13 -49.46 -24.75
N GLU A 56 -76.93 -49.86 -25.72
CA GLU A 56 -76.56 -50.98 -26.58
C GLU A 56 -75.60 -50.55 -27.68
N LYS A 57 -74.68 -51.45 -28.00
CA LYS A 57 -73.57 -51.17 -28.92
C LYS A 57 -74.01 -50.57 -30.25
N THR A 58 -75.25 -50.82 -30.66
CA THR A 58 -75.74 -50.27 -31.93
C THR A 58 -75.87 -48.75 -31.90
N GLN A 59 -75.88 -48.14 -30.73
CA GLN A 59 -76.12 -46.72 -30.62
C GLN A 59 -74.82 -45.92 -30.67
N VAL A 60 -74.95 -44.61 -30.85
CA VAL A 60 -73.80 -43.72 -30.83
C VAL A 60 -73.25 -43.66 -29.40
N ALA A 61 -71.92 -43.49 -29.30
CA ALA A 61 -71.27 -43.47 -27.99
C ALA A 61 -71.86 -42.41 -27.07
N ILE A 62 -72.31 -41.29 -27.63
CA ILE A 62 -72.99 -40.28 -26.83
C ILE A 62 -74.26 -40.85 -26.21
N VAL A 63 -75.07 -41.53 -27.02
CA VAL A 63 -76.33 -42.07 -26.54
C VAL A 63 -76.08 -43.17 -25.51
N ARG A 64 -75.13 -44.07 -25.80
CA ARG A 64 -74.82 -45.15 -24.86
C ARG A 64 -74.34 -44.60 -23.53
N HIS A 65 -73.47 -43.59 -23.57
CA HIS A 65 -73.05 -42.93 -22.34
C HIS A 65 -74.24 -42.35 -21.61
N PHE A 66 -75.19 -41.75 -22.34
CA PHE A 66 -76.36 -41.18 -21.68
C PHE A 66 -77.20 -42.24 -20.99
N GLY A 67 -77.40 -43.39 -21.64
CA GLY A 67 -78.18 -44.46 -21.02
C GLY A 67 -77.49 -45.06 -19.80
N LEU A 68 -76.20 -45.35 -19.92
CA LEU A 68 -75.44 -45.81 -18.76
C LEU A 68 -75.54 -44.81 -17.62
N GLN A 69 -75.49 -43.51 -17.95
CA GLN A 69 -75.65 -42.50 -16.93
C GLN A 69 -77.05 -42.52 -16.32
N ILE A 70 -78.06 -42.88 -17.11
CA ILE A 70 -79.40 -43.06 -16.56
C ILE A 70 -79.40 -44.18 -15.52
N LEU A 71 -78.74 -45.30 -15.83
CA LEU A 71 -78.67 -46.39 -14.87
C LEU A 71 -77.94 -45.96 -13.61
N GLU A 72 -76.78 -45.30 -13.76
CA GLU A 72 -76.08 -44.77 -12.60
C GLU A 72 -76.96 -43.83 -11.78
N HIS A 73 -77.83 -43.07 -12.46
CA HIS A 73 -78.68 -42.14 -11.74
C HIS A 73 -79.75 -42.86 -10.94
N VAL A 74 -80.36 -43.91 -11.52
CA VAL A 74 -81.39 -44.62 -10.76
C VAL A 74 -80.78 -45.39 -9.61
N VAL A 75 -79.54 -45.88 -9.76
CA VAL A 75 -78.87 -46.48 -8.62
C VAL A 75 -78.53 -45.42 -7.58
N LYS A 76 -78.21 -44.21 -8.03
CA LYS A 76 -77.69 -43.19 -7.13
C LYS A 76 -78.79 -42.49 -6.33
N PHE A 77 -79.98 -42.32 -6.90
CA PHE A 77 -81.02 -41.54 -6.26
C PHE A 77 -82.33 -42.29 -6.02
N ARG A 78 -82.69 -43.26 -6.88
CA ARG A 78 -83.95 -43.96 -6.75
C ARG A 78 -83.78 -45.42 -6.35
N TRP A 79 -82.67 -45.76 -5.69
CA TRP A 79 -82.43 -47.14 -5.30
C TRP A 79 -83.33 -47.56 -4.15
N ASN A 80 -83.64 -46.64 -3.24
CA ASN A 80 -84.50 -46.95 -2.11
C ASN A 80 -85.98 -47.03 -2.49
N GLY A 81 -86.35 -46.57 -3.67
CA GLY A 81 -87.70 -46.70 -4.18
C GLY A 81 -87.93 -47.90 -5.06
N MET A 82 -86.95 -48.78 -5.22
CA MET A 82 -87.04 -49.94 -6.09
C MET A 82 -87.31 -51.20 -5.28
N SER A 83 -87.97 -52.16 -5.93
CA SER A 83 -88.21 -53.46 -5.34
C SER A 83 -86.95 -54.31 -5.41
N ARG A 84 -87.00 -55.50 -4.80
CA ARG A 84 -85.85 -56.39 -4.83
C ARG A 84 -85.64 -56.96 -6.24
N LEU A 85 -86.73 -57.35 -6.90
CA LEU A 85 -86.63 -57.90 -8.25
C LEU A 85 -86.12 -56.86 -9.24
N GLU A 86 -86.53 -55.60 -9.08
CA GLU A 86 -86.01 -54.54 -9.95
C GLU A 86 -84.51 -54.39 -9.78
N LYS A 87 -84.04 -54.37 -8.53
CA LYS A 87 -82.61 -54.25 -8.26
C LYS A 87 -81.85 -55.44 -8.84
N VAL A 88 -82.41 -56.65 -8.72
CA VAL A 88 -81.75 -57.82 -9.31
C VAL A 88 -81.69 -57.67 -10.83
N TYR A 89 -82.76 -57.20 -11.44
CA TYR A 89 -82.78 -57.04 -12.89
C TYR A 89 -81.73 -56.04 -13.36
N LEU A 90 -81.62 -54.90 -12.67
CA LEU A 90 -80.62 -53.91 -13.04
C LEU A 90 -79.21 -54.45 -12.82
N LYS A 91 -78.98 -55.10 -11.69
CA LYS A 91 -77.65 -55.64 -11.39
C LYS A 91 -77.22 -56.65 -12.44
N ASN A 92 -78.07 -57.64 -12.74
CA ASN A 92 -77.72 -58.62 -13.76
C ASN A 92 -77.60 -57.98 -15.13
N SER A 93 -78.38 -56.93 -15.38
CA SER A 93 -78.30 -56.23 -16.66
C SER A 93 -76.93 -55.60 -16.85
N VAL A 94 -76.46 -54.82 -15.88
CA VAL A 94 -75.17 -54.16 -16.06
C VAL A 94 -74.04 -55.17 -15.95
N MET A 95 -74.23 -56.24 -15.18
CA MET A 95 -73.20 -57.28 -15.11
C MET A 95 -73.03 -57.97 -16.45
N GLU A 96 -74.14 -58.25 -17.15
CA GLU A 96 -74.02 -58.80 -18.49
C GLU A 96 -73.61 -57.75 -19.51
N LEU A 97 -73.81 -56.46 -19.21
CA LEU A 97 -73.19 -55.43 -20.03
C LEU A 97 -71.68 -55.50 -19.94
N ILE A 98 -71.15 -55.82 -18.76
CA ILE A 98 -69.72 -56.11 -18.65
C ILE A 98 -69.38 -57.39 -19.42
N ALA A 99 -70.24 -58.41 -19.31
CA ALA A 99 -69.93 -59.70 -19.89
C ALA A 99 -69.81 -59.63 -21.42
N ASN A 100 -70.86 -59.13 -22.07
CA ASN A 100 -70.90 -59.12 -23.54
C ASN A 100 -71.51 -57.86 -24.13
N GLY A 101 -71.76 -56.82 -23.33
CA GLY A 101 -72.46 -55.65 -23.79
C GLY A 101 -71.61 -54.47 -24.21
N THR A 102 -70.31 -54.63 -24.33
CA THR A 102 -69.42 -53.54 -24.70
C THR A 102 -68.54 -53.95 -25.88
N LEU A 103 -67.81 -52.98 -26.41
CA LEU A 103 -66.88 -53.22 -27.49
C LEU A 103 -65.55 -53.75 -26.95
N ASN A 104 -64.60 -53.98 -27.85
CA ASN A 104 -63.28 -54.41 -27.44
C ASN A 104 -62.56 -53.30 -26.67
N ILE A 105 -61.43 -53.65 -26.07
CA ILE A 105 -60.63 -52.66 -25.34
C ILE A 105 -60.20 -51.55 -26.29
N LEU A 106 -59.65 -51.93 -27.44
CA LEU A 106 -59.06 -50.95 -28.36
C LEU A 106 -60.10 -50.14 -29.11
N GLU A 107 -61.34 -50.62 -29.17
CA GLU A 107 -62.40 -49.97 -29.93
C GLU A 107 -63.37 -49.18 -29.06
N GLU A 108 -63.35 -49.38 -27.75
CA GLU A 108 -64.30 -48.73 -26.85
C GLU A 108 -63.74 -47.42 -26.33
N GLU A 109 -64.60 -46.41 -26.23
CA GLU A 109 -64.20 -45.14 -25.66
C GLU A 109 -64.09 -45.23 -24.15
N ASN A 110 -63.18 -44.42 -23.59
CA ASN A 110 -62.96 -44.46 -22.14
C ASN A 110 -64.16 -43.93 -21.36
N HIS A 111 -64.94 -43.03 -21.95
CA HIS A 111 -66.11 -42.52 -21.24
C HIS A 111 -67.20 -43.58 -21.14
N ILE A 112 -67.22 -44.55 -22.05
CA ILE A 112 -68.17 -45.65 -21.94
C ILE A 112 -67.75 -46.60 -20.83
N LYS A 113 -66.45 -46.90 -20.74
CA LYS A 113 -65.95 -47.75 -19.66
C LYS A 113 -66.18 -47.08 -18.31
N ASP A 114 -65.91 -45.78 -18.22
CA ASP A 114 -66.16 -45.04 -16.98
C ASP A 114 -67.65 -45.04 -16.64
N ALA A 115 -68.49 -44.77 -17.63
CA ALA A 115 -69.94 -44.72 -17.39
C ALA A 115 -70.46 -46.07 -16.92
N LEU A 116 -69.89 -47.17 -17.45
CA LEU A 116 -70.35 -48.50 -17.03
C LEU A 116 -69.84 -48.84 -15.64
N SER A 117 -68.57 -48.56 -15.36
CA SER A 117 -68.01 -48.88 -14.05
C SER A 117 -68.66 -48.06 -12.94
N ARG A 118 -69.08 -46.83 -13.24
CA ARG A 118 -69.74 -46.00 -12.23
C ARG A 118 -70.99 -46.68 -11.68
N ILE A 119 -71.75 -47.38 -12.54
CA ILE A 119 -72.98 -48.04 -12.10
C ILE A 119 -72.65 -49.13 -11.10
N VAL A 120 -71.71 -50.02 -11.46
CA VAL A 120 -71.36 -51.11 -10.57
C VAL A 120 -70.82 -50.56 -9.25
N VAL A 121 -69.96 -49.54 -9.32
CA VAL A 121 -69.45 -48.91 -8.10
C VAL A 121 -70.59 -48.40 -7.24
N GLU A 122 -71.59 -47.77 -7.86
CA GLU A 122 -72.71 -47.21 -7.11
C GLU A 122 -73.54 -48.30 -6.44
N MET A 123 -73.72 -49.43 -7.12
CA MET A 123 -74.44 -50.55 -6.50
C MET A 123 -73.64 -51.14 -5.36
N ILE A 124 -72.33 -51.25 -5.52
CA ILE A 124 -71.46 -51.72 -4.43
C ILE A 124 -71.62 -50.80 -3.21
N LYS A 125 -71.57 -49.49 -3.43
CA LYS A 125 -71.73 -48.55 -2.33
C LYS A 125 -73.12 -48.62 -1.73
N ARG A 126 -74.13 -48.98 -2.53
CA ARG A 126 -75.47 -49.18 -1.99
C ARG A 126 -75.50 -50.38 -1.04
N GLU A 127 -75.12 -51.55 -1.54
CA GLU A 127 -75.10 -52.75 -0.68
C GLU A 127 -74.03 -53.72 -1.20
N TRP A 128 -72.80 -53.57 -0.71
CA TRP A 128 -71.82 -54.61 -1.08
C TRP A 128 -71.85 -55.83 -0.15
N PRO A 129 -71.46 -55.71 1.13
CA PRO A 129 -71.12 -56.93 1.87
C PRO A 129 -72.32 -57.76 2.31
N GLN A 130 -73.34 -57.10 2.86
CA GLN A 130 -74.45 -57.84 3.43
C GLN A 130 -75.32 -58.46 2.35
N HIS A 131 -75.71 -57.67 1.35
CA HIS A 131 -76.65 -58.10 0.32
C HIS A 131 -75.97 -58.58 -0.95
N TRP A 132 -74.65 -58.57 -1.01
CA TRP A 132 -73.97 -58.97 -2.24
C TRP A 132 -72.61 -59.60 -1.91
N PRO A 133 -72.59 -60.71 -1.15
CA PRO A 133 -71.30 -61.28 -0.74
C PRO A 133 -70.50 -61.86 -1.90
N ASP A 134 -71.17 -62.33 -2.96
CA ASP A 134 -70.50 -62.94 -4.10
C ASP A 134 -70.07 -61.92 -5.15
N MET A 135 -69.92 -60.65 -4.77
CA MET A 135 -69.57 -59.62 -5.73
C MET A 135 -68.15 -59.79 -6.26
N LEU A 136 -67.18 -59.98 -5.37
CA LEU A 136 -65.79 -60.14 -5.81
C LEU A 136 -65.62 -61.40 -6.65
N ILE A 137 -66.35 -62.46 -6.34
CA ILE A 137 -66.27 -63.67 -7.15
C ILE A 137 -66.89 -63.42 -8.53
N GLU A 138 -67.86 -62.51 -8.61
CA GLU A 138 -68.45 -62.18 -9.90
C GLU A 138 -67.53 -61.30 -10.73
N LEU A 139 -66.82 -60.38 -10.09
CA LEU A 139 -65.78 -59.62 -10.80
C LEU A 139 -64.63 -60.54 -11.22
N ASP A 140 -64.35 -61.58 -10.45
CA ASP A 140 -63.28 -62.50 -10.81
C ASP A 140 -63.68 -63.36 -12.01
N THR A 141 -64.84 -64.02 -11.92
CA THR A 141 -65.32 -64.82 -13.04
C THR A 141 -65.64 -63.98 -14.26
N LEU A 142 -65.88 -62.67 -14.08
CA LEU A 142 -66.00 -61.78 -15.23
C LEU A 142 -64.64 -61.46 -15.82
N SER A 143 -63.64 -61.21 -14.96
CA SER A 143 -62.31 -60.89 -15.43
C SER A 143 -61.68 -62.04 -16.19
N LYS A 144 -61.97 -63.27 -15.77
CA LYS A 144 -61.39 -64.45 -16.43
C LYS A 144 -61.84 -64.58 -17.88
N GLN A 145 -62.92 -63.92 -18.27
CA GLN A 145 -63.44 -64.08 -19.63
C GLN A 145 -62.50 -63.47 -20.66
N GLY A 146 -62.09 -62.22 -20.46
CA GLY A 146 -61.17 -61.58 -21.38
C GLY A 146 -60.53 -60.38 -20.74
N GLU A 147 -59.74 -59.66 -21.54
CA GLU A 147 -59.06 -58.47 -21.04
C GLU A 147 -59.96 -57.24 -21.04
N THR A 148 -61.00 -57.22 -21.86
CA THR A 148 -62.00 -56.15 -21.80
C THR A 148 -62.64 -56.09 -20.42
N GLN A 149 -63.25 -57.20 -20.02
CA GLN A 149 -63.88 -57.28 -18.69
C GLN A 149 -62.86 -57.04 -17.59
N THR A 150 -61.61 -57.45 -17.79
CA THR A 150 -60.57 -57.19 -16.80
C THR A 150 -60.35 -55.69 -16.63
N GLU A 151 -60.24 -54.97 -17.75
CA GLU A 151 -60.08 -53.52 -17.67
C GLU A 151 -61.28 -52.87 -17.00
N LEU A 152 -62.49 -53.36 -17.30
CA LEU A 152 -63.68 -52.84 -16.63
C LEU A 152 -63.61 -53.06 -15.12
N VAL A 153 -63.20 -54.26 -14.70
CA VAL A 153 -63.06 -54.54 -13.27
C VAL A 153 -62.03 -53.61 -12.65
N MET A 154 -60.94 -53.32 -13.37
CA MET A 154 -59.96 -52.36 -12.88
C MET A 154 -60.60 -51.00 -12.66
N PHE A 155 -61.35 -50.51 -13.65
CA PHE A 155 -62.12 -49.29 -13.47
C PHE A 155 -62.96 -49.32 -12.20
N ILE A 156 -63.70 -50.42 -11.99
CA ILE A 156 -64.62 -50.51 -10.87
C ILE A 156 -63.86 -50.45 -9.54
N LEU A 157 -62.80 -51.25 -9.42
CA LEU A 157 -62.04 -51.25 -8.16
C LEU A 157 -61.41 -49.90 -7.89
N LEU A 158 -60.87 -49.26 -8.93
CA LEU A 158 -60.23 -47.95 -8.75
C LEU A 158 -61.24 -46.92 -8.28
N ARG A 159 -62.36 -46.78 -8.99
CA ARG A 159 -63.35 -45.77 -8.61
C ARG A 159 -63.97 -46.08 -7.26
N LEU A 160 -64.11 -47.36 -6.90
CA LEU A 160 -64.61 -47.72 -5.58
C LEU A 160 -63.65 -47.27 -4.49
N ALA A 161 -62.37 -47.65 -4.61
CA ALA A 161 -61.37 -47.25 -3.63
C ALA A 161 -61.32 -45.73 -3.50
N GLU A 162 -61.33 -45.02 -4.63
CA GLU A 162 -61.32 -43.57 -4.59
C GLU A 162 -62.54 -43.03 -3.87
N ASP A 163 -63.71 -43.60 -4.15
CA ASP A 163 -64.96 -43.04 -3.63
C ASP A 163 -65.10 -43.28 -2.13
N VAL A 164 -64.67 -44.45 -1.64
CA VAL A 164 -64.89 -44.77 -0.23
C VAL A 164 -63.73 -44.36 0.65
N VAL A 165 -62.50 -44.45 0.15
CA VAL A 165 -61.32 -44.19 0.97
C VAL A 165 -60.86 -42.75 0.86
N THR A 166 -60.68 -42.26 -0.36
CA THR A 166 -60.14 -40.91 -0.55
C THR A 166 -61.22 -39.84 -0.40
N PHE A 167 -62.25 -39.90 -1.24
CA PHE A 167 -63.22 -38.81 -1.28
C PHE A 167 -64.32 -38.98 -0.25
N GLN A 168 -64.63 -40.22 0.14
CA GLN A 168 -65.63 -40.51 1.17
C GLN A 168 -67.00 -39.96 0.78
N THR A 169 -67.40 -40.20 -0.48
CA THR A 169 -68.69 -39.75 -0.95
C THR A 169 -69.79 -40.72 -0.54
N LEU A 170 -69.88 -41.00 0.76
CA LEU A 170 -70.78 -42.02 1.28
C LEU A 170 -71.23 -41.59 2.67
N PRO A 171 -72.31 -42.17 3.17
CA PRO A 171 -72.60 -42.06 4.60
C PRO A 171 -71.54 -42.77 5.42
N PRO A 172 -71.09 -42.18 6.52
CA PRO A 172 -69.98 -42.80 7.29
C PRO A 172 -70.25 -44.22 7.73
N GLN A 173 -71.51 -44.62 7.87
CA GLN A 173 -71.83 -46.00 8.22
C GLN A 173 -71.41 -46.95 7.08
N ARG A 174 -71.98 -46.74 5.89
CA ARG A 174 -71.58 -47.55 4.74
C ARG A 174 -70.11 -47.37 4.41
N ARG A 175 -69.57 -46.18 4.66
CA ARG A 175 -68.15 -45.94 4.39
C ARG A 175 -67.27 -46.81 5.26
N ARG A 176 -67.59 -46.89 6.55
CA ARG A 176 -66.82 -47.73 7.46
C ARG A 176 -67.04 -49.22 7.15
N ASP A 177 -68.27 -49.60 6.80
CA ASP A 177 -68.53 -50.98 6.41
C ASP A 177 -67.65 -51.39 5.23
N ILE A 178 -67.69 -50.59 4.15
CA ILE A 178 -66.98 -50.97 2.93
C ILE A 178 -65.47 -50.90 3.14
N GLN A 179 -65.00 -49.90 3.89
CA GLN A 179 -63.56 -49.81 4.13
C GLN A 179 -63.09 -51.00 4.96
N GLN A 180 -63.86 -51.40 5.96
CA GLN A 180 -63.51 -52.59 6.74
C GLN A 180 -63.46 -53.83 5.84
N THR A 181 -64.48 -54.00 4.99
CA THR A 181 -64.52 -55.18 4.13
C THR A 181 -63.34 -55.20 3.16
N LEU A 182 -62.99 -54.04 2.59
CA LEU A 182 -61.79 -53.94 1.77
C LEU A 182 -60.56 -54.36 2.55
N THR A 183 -60.41 -53.83 3.77
CA THR A 183 -59.27 -54.21 4.60
C THR A 183 -59.25 -55.70 4.87
N GLN A 184 -60.41 -56.34 4.92
CA GLN A 184 -60.46 -57.79 5.15
C GLN A 184 -60.05 -58.57 3.91
N ASN A 185 -60.50 -58.14 2.73
CA ASN A 185 -60.22 -58.85 1.48
C ASN A 185 -59.01 -58.27 0.75
N MET A 186 -58.15 -57.51 1.43
CA MET A 186 -57.04 -56.85 0.77
C MET A 186 -56.02 -57.83 0.19
N GLU A 187 -55.83 -58.98 0.85
CA GLU A 187 -54.91 -59.98 0.31
C GLU A 187 -55.42 -60.54 -1.01
N ARG A 188 -56.71 -60.82 -1.10
CA ARG A 188 -57.27 -61.34 -2.35
C ARG A 188 -57.27 -60.26 -3.43
N ILE A 189 -57.59 -59.02 -3.07
CA ILE A 189 -57.64 -57.94 -4.06
C ILE A 189 -56.25 -57.67 -4.62
N PHE A 190 -55.26 -57.45 -3.74
CA PHE A 190 -53.91 -57.22 -4.19
C PHE A 190 -53.34 -58.45 -4.90
N SER A 191 -53.82 -59.64 -4.55
CA SER A 191 -53.44 -60.82 -5.31
C SER A 191 -53.97 -60.76 -6.74
N PHE A 192 -55.22 -60.34 -6.90
CA PHE A 192 -55.81 -60.20 -8.23
C PHE A 192 -55.06 -59.16 -9.05
N LEU A 193 -54.77 -58.01 -8.44
CA LEU A 193 -54.09 -56.93 -9.16
C LEU A 193 -52.67 -57.33 -9.55
N LEU A 194 -51.93 -57.91 -8.61
CA LEU A 194 -50.54 -58.29 -8.88
C LEU A 194 -50.47 -59.41 -9.90
N ASN A 195 -51.31 -60.44 -9.74
CA ASN A 195 -51.31 -61.54 -10.71
C ASN A 195 -51.72 -61.04 -12.09
N THR A 196 -52.72 -60.16 -12.16
CA THR A 196 -53.14 -59.60 -13.44
C THR A 196 -52.00 -58.83 -14.10
N LEU A 197 -51.32 -57.98 -13.34
CA LEU A 197 -50.20 -57.23 -13.89
C LEU A 197 -49.10 -58.16 -14.38
N GLN A 198 -48.76 -59.18 -13.59
CA GLN A 198 -47.72 -60.13 -13.98
C GLN A 198 -48.08 -60.82 -15.29
N GLU A 199 -49.25 -61.46 -15.34
CA GLU A 199 -49.61 -62.27 -16.50
C GLU A 199 -49.82 -61.41 -17.74
N ASN A 200 -50.40 -60.21 -17.58
CA ASN A 200 -50.63 -59.35 -18.74
C ASN A 200 -49.32 -58.74 -19.25
N VAL A 201 -48.39 -58.41 -18.34
CA VAL A 201 -47.08 -57.96 -18.79
C VAL A 201 -46.34 -59.09 -19.50
N ASN A 202 -46.54 -60.34 -19.06
CA ASN A 202 -45.96 -61.47 -19.79
C ASN A 202 -46.57 -61.60 -21.18
N LYS A 203 -47.90 -61.54 -21.27
CA LYS A 203 -48.55 -61.63 -22.58
C LYS A 203 -48.12 -60.51 -23.50
N TYR A 204 -47.89 -59.31 -22.94
CA TYR A 204 -47.47 -58.19 -23.76
C TYR A 204 -46.02 -58.34 -24.22
N GLN A 205 -45.12 -58.65 -23.29
CA GLN A 205 -43.72 -58.78 -23.65
C GLN A 205 -43.47 -59.94 -24.62
N GLN A 206 -44.24 -61.03 -24.49
CA GLN A 206 -44.12 -62.12 -25.43
C GLN A 206 -44.51 -61.71 -26.84
N VAL A 207 -45.36 -60.68 -26.98
CA VAL A 207 -45.78 -60.17 -28.27
C VAL A 207 -45.41 -58.70 -28.43
N LYS A 208 -44.46 -58.22 -27.61
CA LYS A 208 -44.06 -56.82 -27.67
C LYS A 208 -43.50 -56.44 -29.02
N THR A 209 -42.79 -57.37 -29.67
CA THR A 209 -42.18 -57.14 -30.98
C THR A 209 -42.71 -58.22 -31.92
N ASP A 210 -43.85 -57.94 -32.55
CA ASP A 210 -44.48 -58.90 -33.44
C ASP A 210 -45.46 -58.16 -34.34
N THR A 211 -45.29 -58.32 -35.66
CA THR A 211 -46.16 -57.66 -36.62
C THR A 211 -47.42 -58.46 -36.95
N SER A 212 -47.45 -59.75 -36.63
CA SER A 212 -48.61 -60.57 -36.94
C SER A 212 -49.80 -60.21 -36.04
N GLN A 213 -49.56 -60.00 -34.75
CA GLN A 213 -50.61 -59.73 -33.78
C GLN A 213 -50.19 -58.55 -32.90
N GLU A 214 -50.51 -57.33 -33.35
CA GLU A 214 -50.30 -56.15 -32.52
C GLU A 214 -51.48 -55.87 -31.60
N SER A 215 -52.70 -56.00 -32.12
CA SER A 215 -53.89 -55.74 -31.32
C SER A 215 -53.93 -56.59 -30.06
N LYS A 216 -53.38 -57.80 -30.11
CA LYS A 216 -53.26 -58.60 -28.90
C LYS A 216 -52.38 -57.90 -27.88
N ALA A 217 -51.16 -57.53 -28.28
CA ALA A 217 -50.25 -56.85 -27.38
C ALA A 217 -50.89 -55.59 -26.81
N GLN A 218 -51.32 -54.68 -27.69
CA GLN A 218 -51.99 -53.45 -27.26
C GLN A 218 -53.17 -53.76 -26.34
N ALA A 219 -53.79 -54.92 -26.47
CA ALA A 219 -54.81 -55.32 -25.51
C ALA A 219 -54.16 -55.50 -24.14
N ASN A 220 -53.28 -56.49 -24.02
CA ASN A 220 -52.68 -56.82 -22.73
C ASN A 220 -51.98 -55.60 -22.14
N CYS A 221 -51.19 -54.90 -22.96
CA CYS A 221 -50.53 -53.68 -22.51
C CYS A 221 -51.54 -52.70 -21.91
N ARG A 222 -52.63 -52.44 -22.62
CA ARG A 222 -53.60 -51.47 -22.12
C ARG A 222 -54.23 -51.94 -20.81
N VAL A 223 -54.27 -53.25 -20.57
CA VAL A 223 -54.73 -53.73 -19.28
C VAL A 223 -53.64 -53.55 -18.23
N GLY A 224 -52.39 -53.88 -18.60
CA GLY A 224 -51.29 -53.70 -17.68
C GLY A 224 -51.16 -52.26 -17.20
N VAL A 225 -51.37 -51.31 -18.10
CA VAL A 225 -51.45 -49.91 -17.70
C VAL A 225 -52.58 -49.71 -16.69
N ALA A 226 -53.79 -50.17 -17.06
CA ALA A 226 -54.95 -49.97 -16.21
C ALA A 226 -54.71 -50.48 -14.80
N ALA A 227 -54.25 -51.74 -14.68
CA ALA A 227 -53.90 -52.29 -13.39
C ALA A 227 -53.02 -51.33 -12.59
N LEU A 228 -51.93 -50.86 -13.22
CA LEU A 228 -51.06 -49.89 -12.56
C LEU A 228 -51.85 -48.68 -12.08
N ASN A 229 -52.65 -48.09 -12.97
CA ASN A 229 -53.44 -46.92 -12.60
C ASN A 229 -54.44 -47.23 -11.50
N THR A 230 -54.84 -48.48 -11.36
CA THR A 230 -55.68 -48.86 -10.22
C THR A 230 -54.85 -49.20 -9.00
N LEU A 231 -53.67 -49.78 -9.18
CA LEU A 231 -52.79 -50.02 -8.05
C LEU A 231 -52.43 -48.72 -7.35
N ALA A 232 -52.17 -47.66 -8.12
CA ALA A 232 -51.89 -46.36 -7.54
C ALA A 232 -53.05 -45.83 -6.70
N GLY A 233 -54.26 -46.38 -6.88
CA GLY A 233 -55.38 -45.98 -6.05
C GLY A 233 -55.51 -46.71 -4.74
N TYR A 234 -54.66 -47.71 -4.50
CA TYR A 234 -54.67 -48.49 -3.27
C TYR A 234 -53.39 -48.40 -2.46
N ILE A 235 -52.23 -48.23 -3.11
CA ILE A 235 -50.95 -48.37 -2.44
C ILE A 235 -50.78 -47.35 -1.32
N ASP A 236 -51.33 -46.15 -1.48
CA ASP A 236 -51.09 -45.09 -0.51
C ASP A 236 -51.66 -45.41 0.87
N TRP A 237 -52.76 -46.16 0.93
CA TRP A 237 -53.43 -46.40 2.20
C TRP A 237 -53.50 -47.86 2.62
N VAL A 238 -53.29 -48.81 1.70
CA VAL A 238 -53.32 -50.21 2.06
C VAL A 238 -52.16 -50.54 3.00
N SER A 239 -52.40 -51.45 3.94
CA SER A 239 -51.38 -51.90 4.87
C SER A 239 -50.15 -52.38 4.11
N MET A 240 -48.97 -52.14 4.69
CA MET A 240 -47.71 -52.50 4.04
C MET A 240 -47.57 -54.00 3.85
N SER A 241 -48.38 -54.80 4.56
CA SER A 241 -48.25 -56.25 4.46
C SER A 241 -48.45 -56.74 3.04
N HIS A 242 -49.34 -56.09 2.28
CA HIS A 242 -49.63 -56.51 0.92
C HIS A 242 -48.67 -55.91 -0.11
N ILE A 243 -48.09 -54.75 0.20
CA ILE A 243 -47.11 -54.15 -0.71
C ILE A 243 -45.86 -55.02 -0.80
N THR A 244 -45.47 -55.62 0.32
CA THR A 244 -44.30 -56.49 0.38
C THR A 244 -44.66 -57.96 0.26
N ALA A 245 -45.94 -58.29 0.10
CA ALA A 245 -46.37 -59.68 0.03
C ALA A 245 -45.72 -60.38 -1.16
N GLU A 246 -45.52 -61.70 -1.00
CA GLU A 246 -44.88 -62.53 -2.03
C GLU A 246 -43.47 -62.02 -2.33
N ASN A 247 -42.72 -61.70 -1.28
CA ASN A 247 -41.33 -61.25 -1.38
C ASN A 247 -41.21 -59.97 -2.20
N CYS A 248 -42.08 -59.00 -1.90
CA CYS A 248 -42.07 -57.69 -2.55
C CYS A 248 -42.16 -57.82 -4.08
N LYS A 249 -42.88 -58.85 -4.53
CA LYS A 249 -43.04 -59.08 -5.96
C LYS A 249 -43.61 -57.86 -6.66
N LEU A 250 -44.51 -57.14 -5.98
CA LEU A 250 -45.11 -55.94 -6.56
C LEU A 250 -44.06 -54.85 -6.78
N LEU A 251 -43.17 -54.65 -5.80
CA LEU A 251 -42.15 -53.63 -5.94
C LEU A 251 -41.08 -54.02 -6.95
N GLU A 252 -40.79 -55.32 -7.07
CA GLU A 252 -39.78 -55.75 -8.04
C GLU A 252 -40.32 -55.69 -9.46
N ILE A 253 -41.54 -56.17 -9.70
CA ILE A 253 -42.17 -55.99 -11.00
C ILE A 253 -42.33 -54.50 -11.31
N LEU A 254 -42.67 -53.72 -10.29
CA LEU A 254 -42.82 -52.27 -10.47
C LEU A 254 -41.51 -51.65 -10.93
N CYS A 255 -40.38 -52.12 -10.38
CA CYS A 255 -39.09 -51.58 -10.81
C CYS A 255 -38.71 -52.08 -12.20
N LEU A 256 -39.05 -53.33 -12.52
CA LEU A 256 -38.77 -53.84 -13.85
C LEU A 256 -39.53 -53.06 -14.92
N LEU A 257 -40.77 -52.69 -14.63
CA LEU A 257 -41.58 -51.96 -15.61
C LEU A 257 -41.08 -50.54 -15.85
N LEU A 258 -40.11 -50.05 -15.06
CA LEU A 258 -39.54 -48.74 -15.32
C LEU A 258 -38.80 -48.69 -16.65
N ASN A 259 -38.41 -49.84 -17.19
CA ASN A 259 -37.69 -49.91 -18.46
C ASN A 259 -38.59 -50.23 -19.64
N GLU A 260 -39.91 -50.26 -19.42
CA GLU A 260 -40.89 -50.49 -20.49
C GLU A 260 -41.58 -49.17 -20.79
N GLN A 261 -41.42 -48.69 -22.03
CA GLN A 261 -41.93 -47.36 -22.40
C GLN A 261 -43.41 -47.24 -22.11
N GLU A 262 -44.20 -48.24 -22.51
CA GLU A 262 -45.64 -48.17 -22.35
C GLU A 262 -46.09 -48.29 -20.91
N LEU A 263 -45.25 -48.82 -20.02
CA LEU A 263 -45.61 -49.04 -18.63
C LEU A 263 -44.75 -48.29 -17.63
N GLN A 264 -43.73 -47.55 -18.10
CA GLN A 264 -42.78 -46.94 -17.17
C GLN A 264 -43.43 -45.85 -16.33
N LEU A 265 -44.33 -45.06 -16.93
CA LEU A 265 -44.94 -43.96 -16.19
C LEU A 265 -45.84 -44.45 -15.07
N GLY A 266 -46.65 -45.47 -15.34
CA GLY A 266 -47.52 -46.01 -14.31
C GLY A 266 -46.74 -46.67 -13.19
N ALA A 267 -45.73 -47.47 -13.54
CA ALA A 267 -44.90 -48.12 -12.52
C ALA A 267 -44.15 -47.08 -11.69
N ALA A 268 -43.68 -46.02 -12.33
CA ALA A 268 -43.02 -44.95 -11.59
C ALA A 268 -44.01 -44.23 -10.67
N GLU A 269 -45.26 -44.10 -11.10
CA GLU A 269 -46.27 -43.49 -10.23
C GLU A 269 -46.55 -44.35 -9.02
N CYS A 270 -46.71 -45.66 -9.23
CA CYS A 270 -46.95 -46.56 -8.10
C CYS A 270 -45.75 -46.60 -7.17
N LEU A 271 -44.53 -46.55 -7.73
CA LEU A 271 -43.35 -46.49 -6.89
C LEU A 271 -43.30 -45.19 -6.09
N LEU A 272 -43.73 -44.08 -6.70
CA LEU A 272 -43.73 -42.81 -6.01
C LEU A 272 -44.74 -42.82 -4.85
N ILE A 273 -45.95 -43.32 -5.10
CA ILE A 273 -46.95 -43.34 -4.06
C ILE A 273 -46.59 -44.36 -2.98
N ALA A 274 -45.82 -45.39 -3.34
CA ALA A 274 -45.39 -46.39 -2.37
C ALA A 274 -44.23 -45.90 -1.52
N VAL A 275 -43.38 -45.05 -2.08
CA VAL A 275 -42.20 -44.57 -1.36
C VAL A 275 -42.46 -43.27 -0.63
N SER A 276 -43.64 -42.67 -0.80
CA SER A 276 -44.00 -41.43 -0.14
C SER A 276 -44.96 -41.64 1.04
N ARG A 277 -45.41 -42.88 1.28
CA ARG A 277 -46.33 -43.13 2.37
C ARG A 277 -45.64 -42.91 3.71
N LYS A 278 -46.39 -42.37 4.66
CA LYS A 278 -45.87 -41.97 5.96
C LYS A 278 -46.38 -42.94 7.04
N GLY A 279 -46.08 -42.61 8.30
CA GLY A 279 -46.56 -43.38 9.43
C GLY A 279 -45.41 -43.86 10.30
N LYS A 280 -45.61 -45.04 10.90
CA LYS A 280 -44.61 -45.62 11.78
C LYS A 280 -43.35 -45.97 11.00
N LEU A 281 -42.19 -45.71 11.61
CA LEU A 281 -40.92 -46.02 10.95
C LEU A 281 -40.75 -47.52 10.75
N GLU A 282 -41.25 -48.34 11.69
CA GLU A 282 -41.19 -49.77 11.51
C GLU A 282 -42.04 -50.22 10.33
N ASP A 283 -43.10 -49.48 10.01
CA ASP A 283 -43.91 -49.77 8.84
C ASP A 283 -43.29 -49.28 7.54
N ARG A 284 -42.35 -48.32 7.63
CA ARG A 284 -41.61 -47.88 6.46
C ARG A 284 -40.31 -48.64 6.26
N LYS A 285 -39.89 -49.43 7.25
CA LYS A 285 -38.69 -50.26 7.13
C LYS A 285 -38.68 -51.15 5.90
N PRO A 286 -39.76 -51.87 5.55
CA PRO A 286 -39.69 -52.77 4.38
C PRO A 286 -39.40 -52.05 3.07
N LEU A 287 -39.53 -50.72 3.01
CA LEU A 287 -39.24 -49.99 1.78
C LEU A 287 -37.79 -50.09 1.36
N MET A 288 -36.90 -50.57 2.24
CA MET A 288 -35.50 -50.74 1.89
C MET A 288 -35.27 -51.88 0.91
N VAL A 289 -36.30 -52.65 0.57
CA VAL A 289 -36.16 -53.67 -0.46
C VAL A 289 -35.92 -53.05 -1.82
N LEU A 290 -36.30 -51.78 -2.00
CA LEU A 290 -36.00 -51.07 -3.25
C LEU A 290 -34.51 -50.88 -3.46
N PHE A 291 -33.70 -51.04 -2.42
CA PHE A 291 -32.25 -51.06 -2.53
C PHE A 291 -31.71 -52.44 -2.82
N GLY A 292 -32.58 -53.42 -3.05
CA GLY A 292 -32.14 -54.76 -3.37
C GLY A 292 -31.42 -54.83 -4.72
N ASP A 293 -30.87 -56.01 -4.99
CA ASP A 293 -30.11 -56.21 -6.21
C ASP A 293 -30.96 -55.95 -7.46
N VAL A 294 -32.10 -56.64 -7.55
CA VAL A 294 -32.94 -56.49 -8.74
C VAL A 294 -33.55 -55.10 -8.79
N ALA A 295 -34.02 -54.59 -7.64
CA ALA A 295 -34.68 -53.30 -7.63
C ALA A 295 -33.72 -52.17 -8.01
N MET A 296 -32.55 -52.13 -7.37
CA MET A 296 -31.57 -51.10 -7.72
C MET A 296 -30.99 -51.32 -9.11
N HIS A 297 -30.99 -52.56 -9.59
CA HIS A 297 -30.55 -52.82 -10.96
C HIS A 297 -31.49 -52.14 -11.96
N TYR A 298 -32.80 -52.39 -11.81
CA TYR A 298 -33.76 -51.81 -12.75
C TYR A 298 -33.86 -50.30 -12.57
N ILE A 299 -33.84 -49.82 -11.32
CA ILE A 299 -33.91 -48.39 -11.06
C ILE A 299 -32.70 -47.69 -11.67
N LEU A 300 -31.50 -48.23 -11.44
CA LEU A 300 -30.30 -47.65 -12.03
C LEU A 300 -30.37 -47.67 -13.55
N SER A 301 -30.85 -48.77 -14.13
CA SER A 301 -31.01 -48.84 -15.57
C SER A 301 -31.94 -47.74 -16.08
N ALA A 302 -33.04 -47.50 -15.38
CA ALA A 302 -33.99 -46.48 -15.83
C ALA A 302 -33.42 -45.08 -15.67
N ALA A 303 -32.64 -44.85 -14.59
CA ALA A 303 -32.05 -43.53 -14.38
C ALA A 303 -30.95 -43.25 -15.39
N GLN A 304 -30.18 -44.28 -15.76
CA GLN A 304 -29.09 -44.10 -16.71
C GLN A 304 -29.57 -43.66 -18.09
N THR A 305 -30.87 -43.75 -18.37
CA THR A 305 -31.41 -43.24 -19.62
C THR A 305 -31.65 -41.72 -19.57
N ALA A 306 -31.20 -41.06 -18.50
CA ALA A 306 -31.24 -39.60 -18.44
C ALA A 306 -29.95 -39.01 -19.02
N ASP A 307 -29.74 -39.30 -20.30
CA ASP A 307 -28.54 -38.82 -20.99
C ASP A 307 -28.56 -37.31 -21.18
N GLY A 308 -29.71 -36.67 -21.08
CA GLY A 308 -29.81 -35.24 -21.32
C GLY A 308 -29.74 -34.82 -22.76
N GLY A 309 -29.80 -35.78 -23.69
CA GLY A 309 -29.72 -35.46 -25.10
C GLY A 309 -31.08 -35.33 -25.75
N GLY A 310 -31.50 -34.08 -25.99
CA GLY A 310 -32.80 -33.81 -26.56
C GLY A 310 -33.91 -33.91 -25.55
N LEU A 311 -35.06 -33.34 -25.92
CA LEU A 311 -36.24 -33.31 -25.07
C LEU A 311 -37.38 -34.02 -25.78
N VAL A 312 -37.79 -35.17 -25.25
CA VAL A 312 -38.99 -35.88 -25.68
C VAL A 312 -39.97 -35.82 -24.51
N GLU A 313 -41.17 -35.28 -24.77
CA GLU A 313 -42.10 -34.97 -23.69
C GLU A 313 -42.42 -36.19 -22.84
N LYS A 314 -42.79 -37.31 -23.49
CA LYS A 314 -43.04 -38.56 -22.78
C LYS A 314 -41.86 -38.92 -21.87
N HIS A 315 -40.66 -39.01 -22.46
CA HIS A 315 -39.48 -39.40 -21.70
C HIS A 315 -39.18 -38.43 -20.57
N TYR A 316 -39.41 -37.13 -20.79
CA TYR A 316 -39.08 -36.15 -19.77
C TYR A 316 -40.06 -36.20 -18.60
N VAL A 317 -41.35 -36.32 -18.88
CA VAL A 317 -42.32 -36.47 -17.80
C VAL A 317 -42.00 -37.73 -16.99
N PHE A 318 -41.66 -38.82 -17.69
CA PHE A 318 -41.21 -40.02 -16.97
C PHE A 318 -39.99 -39.72 -16.10
N LEU A 319 -39.04 -38.91 -16.62
CA LEU A 319 -37.84 -38.61 -15.86
C LEU A 319 -38.15 -37.80 -14.61
N LYS A 320 -39.14 -36.89 -14.70
CA LYS A 320 -39.52 -36.13 -13.51
C LYS A 320 -40.16 -37.04 -12.47
N ARG A 321 -41.03 -37.95 -12.92
CA ARG A 321 -41.66 -38.89 -11.99
C ARG A 321 -40.62 -39.75 -11.29
N LEU A 322 -39.73 -40.38 -12.06
CA LEU A 322 -38.68 -41.21 -11.48
C LEU A 322 -37.78 -40.40 -10.57
N CYS A 323 -37.51 -39.14 -10.94
CA CYS A 323 -36.71 -38.27 -10.07
C CYS A 323 -37.38 -38.09 -8.72
N GLN A 324 -38.69 -37.85 -8.72
CA GLN A 324 -39.41 -37.77 -7.45
C GLN A 324 -39.31 -39.07 -6.68
N VAL A 325 -39.34 -40.21 -7.38
CA VAL A 325 -39.22 -41.50 -6.72
C VAL A 325 -37.87 -41.62 -6.01
N LEU A 326 -36.79 -41.26 -6.70
CA LEU A 326 -35.46 -41.36 -6.09
C LEU A 326 -35.31 -40.38 -4.93
N CYS A 327 -35.88 -39.17 -5.07
CA CYS A 327 -35.81 -38.20 -3.98
C CYS A 327 -36.51 -38.73 -2.73
N ALA A 328 -37.77 -39.14 -2.87
CA ALA A 328 -38.51 -39.65 -1.71
C ALA A 328 -37.86 -40.90 -1.13
N LEU A 329 -37.28 -41.75 -1.99
CA LEU A 329 -36.57 -42.92 -1.49
C LEU A 329 -35.37 -42.52 -0.65
N GLY A 330 -34.59 -41.55 -1.12
CA GLY A 330 -33.47 -41.06 -0.32
C GLY A 330 -33.91 -40.48 1.02
N ASN A 331 -35.00 -39.69 0.99
CA ASN A 331 -35.54 -39.19 2.26
C ASN A 331 -35.94 -40.32 3.18
N GLN A 332 -36.49 -41.40 2.62
CA GLN A 332 -36.87 -42.55 3.45
C GLN A 332 -35.64 -43.19 4.08
N LEU A 333 -34.55 -43.35 3.31
CA LEU A 333 -33.35 -43.94 3.88
C LEU A 333 -32.77 -43.05 4.97
N CYS A 334 -32.73 -41.74 4.74
CA CYS A 334 -32.24 -40.82 5.76
C CYS A 334 -33.14 -40.82 6.99
N ALA A 335 -34.42 -41.13 6.83
CA ALA A 335 -35.32 -41.15 7.97
C ALA A 335 -35.17 -42.45 8.77
N LEU A 336 -35.00 -43.58 8.07
CA LEU A 336 -34.91 -44.86 8.76
C LEU A 336 -33.56 -45.05 9.43
N LEU A 337 -32.48 -44.61 8.77
CA LEU A 337 -31.15 -44.82 9.33
C LEU A 337 -30.92 -43.96 10.57
N GLY A 338 -31.57 -42.80 10.67
CA GLY A 338 -31.34 -41.91 11.78
C GLY A 338 -31.95 -42.39 13.09
N ALA A 339 -33.02 -43.18 13.02
CA ALA A 339 -33.66 -43.69 14.22
C ALA A 339 -32.84 -44.75 14.94
N ASP A 340 -31.76 -45.24 14.31
CA ASP A 340 -30.92 -46.32 14.83
C ASP A 340 -31.68 -47.62 15.00
N SER A 341 -32.80 -47.79 14.31
CA SER A 341 -33.48 -49.07 14.24
C SER A 341 -32.60 -50.07 13.50
N ASP A 342 -33.06 -51.32 13.44
CA ASP A 342 -32.24 -52.35 12.80
C ASP A 342 -32.28 -52.18 11.29
N VAL A 343 -31.75 -51.05 10.82
CA VAL A 343 -31.61 -50.75 9.40
C VAL A 343 -30.16 -50.42 9.15
N GLU A 344 -29.60 -50.99 8.09
CA GLU A 344 -28.20 -50.81 7.77
C GLU A 344 -28.04 -50.15 6.41
N THR A 345 -26.88 -49.52 6.21
CA THR A 345 -26.53 -48.93 4.94
C THR A 345 -26.70 -49.95 3.82
N PRO A 346 -27.56 -49.70 2.84
CA PRO A 346 -27.88 -50.73 1.84
C PRO A 346 -26.64 -51.22 1.11
N SER A 347 -26.70 -52.49 0.69
CA SER A 347 -25.57 -53.08 -0.01
C SER A 347 -25.31 -52.41 -1.35
N ASN A 348 -26.36 -51.84 -1.96
CA ASN A 348 -26.25 -51.18 -3.26
C ASN A 348 -26.39 -49.67 -3.13
N PHE A 349 -26.01 -49.12 -1.97
CA PHE A 349 -26.16 -47.68 -1.74
C PHE A 349 -25.38 -46.86 -2.76
N GLY A 350 -24.32 -47.44 -3.33
CA GLY A 350 -23.62 -46.75 -4.41
C GLY A 350 -24.49 -46.56 -5.62
N LYS A 351 -25.14 -47.64 -6.06
CA LYS A 351 -25.96 -47.58 -7.28
C LYS A 351 -26.99 -46.47 -7.20
N TYR A 352 -27.72 -46.39 -6.09
CA TYR A 352 -28.66 -45.29 -5.88
C TYR A 352 -28.00 -43.95 -6.13
N LEU A 353 -26.86 -43.72 -5.49
CA LEU A 353 -26.11 -42.48 -5.72
C LEU A 353 -25.85 -42.29 -7.21
N GLU A 354 -25.32 -43.33 -7.87
CA GLU A 354 -25.05 -43.25 -9.30
C GLU A 354 -26.32 -42.91 -10.07
N SER A 355 -27.47 -43.44 -9.61
CA SER A 355 -28.74 -43.06 -10.22
C SER A 355 -29.09 -41.62 -9.88
N PHE A 356 -28.99 -41.25 -8.60
CA PHE A 356 -29.36 -39.89 -8.19
C PHE A 356 -28.51 -38.85 -8.91
N LEU A 357 -27.20 -39.09 -9.00
CA LEU A 357 -26.31 -38.17 -9.70
C LEU A 357 -26.73 -37.99 -11.16
N ALA A 358 -27.38 -39.00 -11.74
CA ALA A 358 -27.85 -38.87 -13.13
C ALA A 358 -28.81 -37.71 -13.27
N PHE A 359 -29.62 -37.45 -12.24
CA PHE A 359 -30.50 -36.29 -12.27
C PHE A 359 -29.80 -35.02 -11.80
N THR A 360 -28.66 -35.15 -11.13
CA THR A 360 -27.88 -33.98 -10.72
C THR A 360 -27.10 -33.39 -11.89
N THR A 361 -26.67 -34.23 -12.82
CA THR A 361 -25.94 -33.78 -14.00
C THR A 361 -26.85 -33.54 -15.20
N HIS A 362 -28.15 -33.60 -15.01
CA HIS A 362 -29.08 -33.44 -16.11
C HIS A 362 -29.22 -31.96 -16.48
N PRO A 363 -29.45 -31.65 -17.76
CA PRO A 363 -29.61 -30.23 -18.15
C PRO A 363 -30.82 -29.56 -17.50
N SER A 364 -31.87 -30.30 -17.19
CA SER A 364 -33.09 -29.69 -16.65
C SER A 364 -32.80 -29.08 -15.29
N GLN A 365 -33.07 -27.78 -15.15
CA GLN A 365 -32.89 -27.11 -13.87
C GLN A 365 -33.83 -27.67 -12.81
N PHE A 366 -35.05 -28.03 -13.22
CA PHE A 366 -36.05 -28.55 -12.27
C PHE A 366 -35.59 -29.86 -11.64
N LEU A 367 -34.93 -30.71 -12.41
CA LEU A 367 -34.49 -32.00 -11.88
C LEU A 367 -33.40 -31.83 -10.82
N ARG A 368 -32.38 -31.02 -11.13
CA ARG A 368 -31.31 -30.78 -10.17
C ARG A 368 -31.83 -30.07 -8.93
N SER A 369 -32.64 -29.03 -9.13
CA SER A 369 -33.22 -28.30 -8.00
C SER A 369 -34.06 -29.22 -7.13
N SER A 370 -34.77 -30.17 -7.75
CA SER A 370 -35.50 -31.17 -6.98
C SER A 370 -34.55 -32.10 -6.23
N THR A 371 -33.38 -32.38 -6.82
CA THR A 371 -32.39 -33.25 -6.19
C THR A 371 -31.73 -32.61 -4.99
N GLN A 372 -31.71 -31.27 -4.94
CA GLN A 372 -30.93 -30.56 -3.92
C GLN A 372 -31.38 -30.90 -2.51
N MET A 373 -32.68 -31.03 -2.28
CA MET A 373 -33.18 -31.28 -0.93
C MET A 373 -32.67 -32.62 -0.40
N THR A 374 -32.80 -33.68 -1.19
CA THR A 374 -32.31 -34.98 -0.75
C THR A 374 -30.79 -35.01 -0.65
N TRP A 375 -30.09 -34.27 -1.52
CA TRP A 375 -28.64 -34.12 -1.34
C TRP A 375 -28.33 -33.52 0.02
N GLY A 376 -29.05 -32.47 0.41
CA GLY A 376 -28.82 -31.86 1.72
C GLY A 376 -29.11 -32.80 2.87
N ALA A 377 -30.24 -33.52 2.78
CA ALA A 377 -30.54 -34.52 3.80
C ALA A 377 -29.50 -35.63 3.84
N LEU A 378 -28.79 -35.87 2.73
CA LEU A 378 -27.77 -36.91 2.70
C LEU A 378 -26.45 -36.44 3.28
N PHE A 379 -26.07 -35.19 3.02
CA PHE A 379 -24.75 -34.71 3.41
C PHE A 379 -24.65 -34.36 4.90
N ARG A 380 -25.77 -34.32 5.62
CA ARG A 380 -25.74 -34.04 7.05
C ARG A 380 -26.11 -35.27 7.89
N HIS A 381 -26.27 -36.42 7.27
CA HIS A 381 -26.61 -37.63 8.00
C HIS A 381 -25.39 -38.13 8.79
N GLU A 382 -25.64 -38.50 10.05
CA GLU A 382 -24.54 -38.86 10.94
C GLU A 382 -23.90 -40.20 10.58
N ILE A 383 -24.57 -41.03 9.80
CA ILE A 383 -24.04 -42.33 9.40
C ILE A 383 -23.60 -42.31 7.93
N LEU A 384 -24.34 -41.59 7.08
CA LEU A 384 -24.07 -41.62 5.66
C LEU A 384 -22.94 -40.66 5.26
N SER A 385 -22.77 -39.55 5.98
CA SER A 385 -21.68 -38.62 5.66
C SER A 385 -20.32 -39.22 5.94
N ARG A 386 -20.25 -40.28 6.74
CA ARG A 386 -19.00 -40.99 7.01
C ARG A 386 -18.84 -42.22 6.12
N ASP A 387 -19.74 -42.41 5.15
CA ASP A 387 -19.70 -43.58 4.28
C ASP A 387 -18.76 -43.34 3.11
N PRO A 388 -17.87 -44.28 2.80
CA PRO A 388 -16.90 -44.04 1.71
C PRO A 388 -17.56 -43.87 0.34
N LEU A 389 -18.75 -44.42 0.12
CA LEU A 389 -19.40 -44.29 -1.18
C LEU A 389 -19.81 -42.84 -1.45
N LEU A 390 -20.44 -42.19 -0.47
CA LEU A 390 -20.78 -40.78 -0.60
C LEU A 390 -19.51 -39.94 -0.76
N LEU A 391 -18.49 -40.23 0.04
CA LEU A 391 -17.22 -39.51 -0.06
C LEU A 391 -16.51 -39.74 -1.39
N ALA A 392 -16.87 -40.80 -2.11
CA ALA A 392 -16.32 -41.03 -3.43
C ALA A 392 -17.15 -40.40 -4.52
N ILE A 393 -18.47 -40.25 -4.30
CA ILE A 393 -19.33 -39.59 -5.27
C ILE A 393 -19.32 -38.07 -5.11
N ILE A 394 -18.71 -37.54 -4.04
CA ILE A 394 -18.80 -36.12 -3.75
C ILE A 394 -18.03 -35.23 -4.74
N PRO A 395 -16.92 -35.65 -5.35
CA PRO A 395 -16.28 -34.74 -6.32
C PRO A 395 -17.13 -34.51 -7.55
N LYS A 396 -17.74 -35.57 -8.09
CA LYS A 396 -18.61 -35.43 -9.25
C LYS A 396 -19.83 -34.57 -8.91
N TYR A 397 -20.37 -34.73 -7.70
CA TYR A 397 -21.44 -33.83 -7.26
C TYR A 397 -20.97 -32.38 -7.20
N LEU A 398 -19.73 -32.16 -6.76
CA LEU A 398 -19.21 -30.80 -6.72
C LEU A 398 -19.08 -30.22 -8.13
N ARG A 399 -18.63 -31.03 -9.08
CA ARG A 399 -18.56 -30.58 -10.47
C ARG A 399 -19.94 -30.21 -10.99
N ALA A 400 -20.92 -31.10 -10.79
CA ALA A 400 -22.28 -30.81 -11.22
C ALA A 400 -22.81 -29.53 -10.55
N SER A 401 -22.45 -29.32 -9.29
CA SER A 401 -22.88 -28.12 -8.59
C SER A 401 -22.23 -26.87 -9.18
N MET A 402 -20.98 -26.99 -9.63
CA MET A 402 -20.37 -25.89 -10.37
C MET A 402 -21.15 -25.60 -11.64
N THR A 403 -21.57 -26.64 -12.36
CA THR A 403 -22.43 -26.44 -13.52
C THR A 403 -23.81 -25.92 -13.14
N ASN A 404 -24.19 -26.02 -11.86
CA ASN A 404 -25.47 -25.50 -11.39
C ASN A 404 -25.40 -24.04 -10.99
N LEU A 405 -24.24 -23.57 -10.51
CA LEU A 405 -24.14 -22.17 -10.07
C LEU A 405 -24.22 -21.21 -11.25
N VAL A 406 -23.83 -21.65 -12.44
CA VAL A 406 -23.83 -20.78 -13.61
C VAL A 406 -25.26 -20.59 -14.09
N LYS A 407 -25.66 -19.34 -14.29
CA LYS A 407 -27.04 -18.97 -14.61
C LYS A 407 -27.28 -19.20 -16.11
N MET A 408 -27.56 -20.45 -16.44
CA MET A 408 -27.85 -20.85 -17.81
C MET A 408 -29.22 -21.53 -17.88
N GLY A 409 -29.80 -21.51 -19.07
CA GLY A 409 -31.05 -22.19 -19.29
C GLY A 409 -32.26 -21.28 -19.35
N PHE A 410 -32.09 -20.08 -19.88
CA PHE A 410 -33.23 -19.19 -20.05
C PHE A 410 -34.17 -19.74 -21.13
N PRO A 411 -35.49 -19.64 -20.92
CA PRO A 411 -36.42 -20.11 -21.96
C PRO A 411 -36.27 -19.37 -23.28
N SER A 412 -35.82 -18.13 -23.25
CA SER A 412 -35.66 -17.36 -24.49
C SER A 412 -34.35 -17.69 -25.19
N LYS A 413 -33.26 -17.83 -24.43
CA LYS A 413 -31.96 -18.03 -25.04
C LYS A 413 -31.79 -19.47 -25.50
N THR A 414 -30.67 -19.74 -26.16
CA THR A 414 -30.33 -21.08 -26.61
C THR A 414 -28.88 -21.41 -26.28
N ASP A 415 -28.34 -20.83 -25.21
CA ASP A 415 -26.92 -21.01 -24.89
C ASP A 415 -26.62 -22.43 -24.46
N SER A 416 -27.24 -22.89 -23.39
CA SER A 416 -27.01 -24.22 -22.84
C SER A 416 -28.09 -25.18 -23.28
N PRO A 417 -27.83 -26.49 -23.23
CA PRO A 417 -28.88 -27.47 -23.53
C PRO A 417 -30.04 -27.42 -22.54
N SER A 418 -29.88 -26.73 -21.42
CA SER A 418 -30.96 -26.62 -20.45
C SER A 418 -32.13 -25.80 -20.99
N CYS A 419 -31.86 -24.88 -21.91
CA CYS A 419 -32.87 -23.91 -22.33
C CYS A 419 -34.17 -24.58 -22.74
N GLU A 420 -34.09 -25.57 -23.63
CA GLU A 420 -35.29 -26.26 -24.10
C GLU A 420 -36.13 -26.78 -22.93
N TYR A 421 -35.47 -27.42 -21.95
CA TYR A 421 -36.20 -27.94 -20.80
C TYR A 421 -36.89 -26.83 -20.05
N SER A 422 -36.25 -25.66 -19.94
CA SER A 422 -36.90 -24.52 -19.31
C SER A 422 -38.14 -24.11 -20.10
N ARG A 423 -38.06 -24.12 -21.43
CA ARG A 423 -39.23 -23.85 -22.25
C ARG A 423 -40.37 -24.79 -21.96
N PHE A 424 -40.08 -25.98 -21.42
CA PHE A 424 -41.11 -26.94 -21.08
C PHE A 424 -41.59 -26.81 -19.65
N ASP A 425 -40.85 -26.12 -18.78
CA ASP A 425 -41.17 -26.07 -17.37
C ASP A 425 -41.60 -24.70 -16.86
N PHE A 426 -41.36 -23.65 -17.63
CA PHE A 426 -41.65 -22.30 -17.17
C PHE A 426 -42.31 -21.50 -18.29
N ASP A 427 -43.23 -20.62 -17.90
CA ASP A 427 -43.96 -19.81 -18.88
C ASP A 427 -43.04 -18.78 -19.54
N SER A 428 -42.18 -18.14 -18.76
CA SER A 428 -41.37 -17.04 -19.25
C SER A 428 -40.00 -17.09 -18.57
N ASP A 429 -39.12 -16.18 -18.99
CA ASP A 429 -37.81 -16.06 -18.37
C ASP A 429 -37.89 -15.60 -16.92
N GLU A 430 -38.98 -14.91 -16.54
CA GLU A 430 -39.11 -14.40 -15.19
C GLU A 430 -39.35 -15.51 -14.19
N ASP A 431 -40.30 -16.39 -14.47
CA ASP A 431 -40.55 -17.52 -13.58
C ASP A 431 -39.31 -18.39 -13.44
N PHE A 432 -38.60 -18.63 -14.55
CA PHE A 432 -37.33 -19.34 -14.47
C PHE A 432 -36.31 -18.56 -13.64
N ASN A 433 -36.37 -17.23 -13.68
CA ASN A 433 -35.42 -16.43 -12.92
C ASN A 433 -35.65 -16.57 -11.42
N ALA A 434 -36.92 -16.43 -10.99
CA ALA A 434 -37.25 -16.60 -9.57
C ALA A 434 -36.92 -18.02 -9.11
N PHE A 435 -37.32 -19.01 -9.91
CA PHE A 435 -37.00 -20.41 -9.58
C PHE A 435 -35.51 -20.61 -9.43
N PHE A 436 -34.72 -20.00 -10.33
CA PHE A 436 -33.26 -20.16 -10.27
C PHE A 436 -32.68 -19.50 -9.03
N ASN A 437 -33.23 -18.34 -8.64
CA ASN A 437 -32.75 -17.66 -7.44
C ASN A 437 -33.03 -18.49 -6.19
N SER A 438 -34.27 -18.97 -6.04
CA SER A 438 -34.60 -19.80 -4.89
C SER A 438 -33.74 -21.05 -4.84
N SER A 439 -33.62 -21.75 -5.98
CA SER A 439 -32.81 -22.95 -6.04
C SER A 439 -31.33 -22.69 -5.81
N ARG A 440 -30.86 -21.47 -6.09
CA ARG A 440 -29.47 -21.14 -5.80
C ARG A 440 -29.26 -20.91 -4.31
N ALA A 441 -30.15 -20.14 -3.70
CA ALA A 441 -30.09 -19.97 -2.25
C ALA A 441 -30.16 -21.31 -1.54
N GLN A 442 -30.96 -22.25 -2.06
CA GLN A 442 -30.96 -23.61 -1.51
C GLN A 442 -29.64 -24.32 -1.80
N GLN A 443 -29.09 -24.14 -3.00
CA GLN A 443 -27.88 -24.85 -3.39
C GLN A 443 -26.70 -24.47 -2.51
N GLY A 444 -26.66 -23.23 -2.01
CA GLY A 444 -25.54 -22.79 -1.20
C GLY A 444 -25.27 -23.69 -0.01
N GLU A 445 -26.31 -24.08 0.71
CA GLU A 445 -26.12 -24.84 1.95
C GLU A 445 -25.64 -26.26 1.67
N VAL A 446 -26.31 -26.96 0.74
CA VAL A 446 -25.90 -28.32 0.41
C VAL A 446 -24.48 -28.33 -0.16
N MET A 447 -24.19 -27.35 -1.02
CA MET A 447 -22.82 -27.19 -1.51
C MET A 447 -21.84 -27.02 -0.36
N ARG A 448 -22.21 -26.22 0.65
CA ARG A 448 -21.36 -26.05 1.82
C ARG A 448 -21.12 -27.38 2.53
N LEU A 449 -22.17 -28.18 2.68
CA LEU A 449 -22.02 -29.49 3.31
C LEU A 449 -21.04 -30.37 2.52
N ALA A 450 -21.18 -30.37 1.19
CA ALA A 450 -20.22 -31.09 0.36
C ALA A 450 -18.80 -30.59 0.60
N CYS A 451 -18.63 -29.27 0.73
CA CYS A 451 -17.30 -28.74 1.01
C CYS A 451 -16.82 -29.16 2.40
N ARG A 452 -17.74 -29.44 3.33
CA ARG A 452 -17.34 -29.91 4.64
C ARG A 452 -16.87 -31.35 4.59
N LEU A 453 -17.50 -32.18 3.76
CA LEU A 453 -17.13 -33.59 3.69
C LEU A 453 -15.84 -33.84 2.91
N ASP A 454 -15.36 -32.85 2.13
CA ASP A 454 -14.14 -33.02 1.35
C ASP A 454 -13.56 -31.65 0.98
N PRO A 455 -12.78 -31.05 1.87
CA PRO A 455 -12.29 -29.68 1.62
C PRO A 455 -11.16 -29.59 0.61
N LYS A 456 -10.38 -30.66 0.45
CA LYS A 456 -9.18 -30.57 -0.37
C LYS A 456 -9.54 -30.59 -1.86
N THR A 457 -10.26 -31.61 -2.31
CA THR A 457 -10.67 -31.65 -3.71
C THR A 457 -11.59 -30.49 -4.06
N SER A 458 -12.43 -30.07 -3.11
CA SER A 458 -13.24 -28.87 -3.29
C SER A 458 -12.35 -27.64 -3.53
N PHE A 459 -11.28 -27.51 -2.75
CA PHE A 459 -10.35 -26.41 -2.95
C PHE A 459 -9.66 -26.50 -4.30
N GLN A 460 -9.34 -27.71 -4.74
CA GLN A 460 -8.73 -27.89 -6.06
C GLN A 460 -9.68 -27.43 -7.16
N MET A 461 -10.95 -27.81 -7.07
CA MET A 461 -11.90 -27.43 -8.11
C MET A 461 -12.15 -25.92 -8.10
N ALA A 462 -12.32 -25.35 -6.91
CA ALA A 462 -12.53 -23.90 -6.82
C ALA A 462 -11.34 -23.14 -7.39
N GLY A 463 -10.13 -23.51 -6.98
CA GLY A 463 -8.95 -22.82 -7.49
C GLY A 463 -8.76 -22.99 -8.98
N GLU A 464 -8.98 -24.20 -9.49
CA GLU A 464 -8.82 -24.43 -10.92
C GLU A 464 -9.85 -23.65 -11.72
N TRP A 465 -11.09 -23.57 -11.20
CA TRP A 465 -12.09 -22.73 -11.83
C TRP A 465 -11.66 -21.27 -11.81
N LEU A 466 -10.99 -20.84 -10.75
CA LEU A 466 -10.50 -19.47 -10.67
C LEU A 466 -9.43 -19.20 -11.72
N LYS A 467 -8.48 -20.12 -11.87
CA LYS A 467 -7.45 -19.94 -12.89
C LYS A 467 -8.06 -19.92 -14.29
N TYR A 468 -8.96 -20.87 -14.57
CA TYR A 468 -9.63 -20.88 -15.86
C TYR A 468 -10.36 -19.57 -16.12
N GLN A 469 -11.01 -19.02 -15.10
CA GLN A 469 -11.69 -17.74 -15.26
C GLN A 469 -10.69 -16.62 -15.52
N LEU A 470 -9.53 -16.67 -14.87
CA LEU A 470 -8.53 -15.62 -15.07
C LEU A 470 -7.97 -15.65 -16.48
N SER A 471 -7.80 -16.83 -17.06
CA SER A 471 -7.27 -16.96 -18.42
C SER A 471 -8.39 -17.47 -19.34
N THR A 472 -9.22 -16.54 -19.81
CA THR A 472 -10.27 -16.77 -20.79
C THR A 472 -10.90 -15.42 -21.12
N PHE A 473 -11.51 -15.33 -22.30
CA PHE A 473 -12.22 -14.13 -22.74
C PHE A 473 -11.33 -12.89 -22.69
N SER A 491 -21.84 0.06 -25.21
CA SER A 491 -21.60 -0.90 -24.14
C SER A 491 -20.40 -1.78 -24.45
N LEU A 492 -19.20 -1.26 -24.22
CA LEU A 492 -17.99 -2.05 -24.40
C LEU A 492 -17.65 -2.88 -23.17
N CYS A 493 -18.25 -2.56 -22.03
CA CYS A 493 -18.10 -3.35 -20.81
C CYS A 493 -19.04 -4.55 -20.88
N SER A 494 -19.11 -5.31 -19.79
CA SER A 494 -19.90 -6.54 -19.76
C SER A 494 -21.22 -6.30 -19.04
N VAL A 495 -22.29 -6.90 -19.58
CA VAL A 495 -23.61 -6.83 -18.95
C VAL A 495 -24.26 -8.21 -18.97
N PHE A 496 -24.14 -8.95 -17.86
CA PHE A 496 -24.77 -10.26 -17.70
C PHE A 496 -24.54 -11.17 -18.90
N SER A 497 -23.34 -11.08 -19.48
CA SER A 497 -22.92 -11.97 -20.55
C SER A 497 -22.48 -13.31 -19.95
N PRO A 498 -22.19 -14.31 -20.78
CA PRO A 498 -21.58 -15.54 -20.25
C PRO A 498 -20.36 -15.28 -19.36
N SER A 499 -19.57 -14.26 -19.69
CA SER A 499 -18.40 -13.94 -18.87
C SER A 499 -18.81 -13.55 -17.46
N PHE A 500 -19.76 -12.62 -17.34
CA PHE A 500 -20.19 -12.19 -16.01
C PHE A 500 -20.91 -13.31 -15.27
N VAL A 501 -21.66 -14.14 -15.99
CA VAL A 501 -22.41 -15.21 -15.34
C VAL A 501 -21.46 -16.25 -14.77
N GLN A 502 -20.46 -16.67 -15.55
CA GLN A 502 -19.50 -17.63 -15.05
C GLN A 502 -18.55 -17.01 -14.04
N TRP A 503 -18.32 -15.70 -14.12
CA TRP A 503 -17.56 -15.01 -13.08
C TRP A 503 -18.31 -15.02 -11.75
N GLU A 504 -19.62 -14.82 -11.80
CA GLU A 504 -20.42 -14.86 -10.58
C GLU A 504 -20.50 -16.27 -10.01
N ALA A 505 -20.68 -17.27 -10.87
CA ALA A 505 -20.71 -18.65 -10.42
C ALA A 505 -19.38 -19.03 -9.76
N MET A 506 -18.27 -18.75 -10.46
CA MET A 506 -16.95 -19.05 -9.91
C MET A 506 -16.70 -18.29 -8.61
N THR A 507 -17.21 -17.06 -8.52
CA THR A 507 -17.01 -16.27 -7.32
C THR A 507 -17.76 -16.87 -6.13
N LEU A 508 -19.03 -17.23 -6.34
CA LEU A 508 -19.81 -17.88 -5.29
C LEU A 508 -19.14 -19.18 -4.84
N PHE A 509 -18.80 -20.05 -5.80
CA PHE A 509 -18.19 -21.33 -5.48
C PHE A 509 -16.89 -21.14 -4.71
N LEU A 510 -16.01 -20.26 -5.19
CA LEU A 510 -14.74 -20.04 -4.50
C LEU A 510 -14.95 -19.52 -3.09
N GLU A 511 -15.81 -18.50 -2.95
CA GLU A 511 -16.05 -17.90 -1.63
C GLU A 511 -16.55 -18.95 -0.64
N SER A 512 -17.53 -19.75 -1.06
CA SER A 512 -18.07 -20.78 -0.17
C SER A 512 -17.00 -21.82 0.16
N VAL A 513 -16.26 -22.29 -0.86
CA VAL A 513 -15.28 -23.34 -0.66
C VAL A 513 -14.20 -22.89 0.31
N ILE A 514 -13.69 -21.67 0.14
CA ILE A 514 -12.64 -21.17 1.02
C ILE A 514 -13.18 -20.95 2.42
N THR A 515 -14.31 -20.23 2.54
CA THR A 515 -14.87 -19.94 3.86
C THR A 515 -15.15 -21.21 4.64
N GLN A 516 -15.54 -22.29 3.96
CA GLN A 516 -15.80 -23.55 4.64
C GLN A 516 -14.50 -24.30 4.94
N MET A 517 -13.54 -24.24 4.02
CA MET A 517 -12.27 -24.92 4.24
C MET A 517 -11.57 -24.37 5.47
N PHE A 518 -11.55 -23.05 5.62
CA PHE A 518 -10.99 -22.46 6.84
C PHE A 518 -11.85 -22.70 8.07
N ARG A 519 -13.00 -23.36 7.91
CA ARG A 519 -13.83 -23.75 9.05
C ARG A 519 -13.66 -25.21 9.44
N THR A 520 -13.33 -26.09 8.49
CA THR A 520 -13.20 -27.51 8.76
C THR A 520 -11.76 -27.97 8.94
N LEU A 521 -10.84 -27.46 8.13
CA LEU A 521 -9.45 -27.90 8.22
C LEU A 521 -8.72 -27.17 9.35
N ASN A 522 -7.65 -27.81 9.83
CA ASN A 522 -6.82 -27.23 10.86
C ASN A 522 -5.80 -26.27 10.25
N ARG A 523 -5.17 -25.46 11.11
CA ARG A 523 -4.16 -24.54 10.64
C ARG A 523 -2.94 -25.25 10.08
N GLU A 524 -2.77 -26.55 10.39
CA GLU A 524 -1.68 -27.33 9.83
C GLU A 524 -2.04 -28.01 8.52
N GLU A 525 -3.34 -28.18 8.24
CA GLU A 525 -3.80 -28.91 7.07
C GLU A 525 -4.08 -28.02 5.87
N ILE A 526 -4.12 -26.71 6.05
CA ILE A 526 -4.54 -25.81 4.97
C ILE A 526 -3.38 -25.65 3.98
N PRO A 527 -3.60 -25.87 2.69
CA PRO A 527 -2.53 -25.71 1.70
C PRO A 527 -2.22 -24.26 1.40
N VAL A 528 -1.33 -23.67 2.21
CA VAL A 528 -1.09 -22.23 2.16
C VAL A 528 -0.55 -21.82 0.79
N ASN A 529 0.43 -22.56 0.28
CA ASN A 529 1.13 -22.13 -0.94
C ASN A 529 0.17 -21.98 -2.11
N ASP A 530 -0.72 -22.95 -2.32
CA ASP A 530 -1.69 -22.84 -3.40
C ASP A 530 -2.60 -21.63 -3.20
N GLY A 531 -3.04 -21.40 -1.95
CA GLY A 531 -3.93 -20.28 -1.70
C GLY A 531 -3.28 -18.94 -1.98
N ILE A 532 -2.06 -18.73 -1.49
CA ILE A 532 -1.39 -17.46 -1.73
C ILE A 532 -1.03 -17.32 -3.21
N GLU A 533 -0.78 -18.45 -3.89
CA GLU A 533 -0.60 -18.41 -5.34
C GLU A 533 -1.85 -17.85 -6.03
N LEU A 534 -3.01 -18.41 -5.67
CA LEU A 534 -4.27 -17.91 -6.22
C LEU A 534 -4.46 -16.43 -5.92
N LEU A 535 -4.22 -16.02 -4.66
CA LEU A 535 -4.38 -14.63 -4.29
C LEU A 535 -3.49 -13.73 -5.14
N GLN A 536 -2.23 -14.13 -5.34
CA GLN A 536 -1.35 -13.38 -6.24
C GLN A 536 -1.97 -13.28 -7.64
N MET A 537 -2.52 -14.39 -8.14
CA MET A 537 -3.09 -14.39 -9.48
C MET A 537 -4.27 -13.44 -9.59
N VAL A 538 -5.09 -13.34 -8.54
CA VAL A 538 -6.24 -12.44 -8.58
C VAL A 538 -5.78 -11.00 -8.43
N LEU A 539 -4.72 -10.76 -7.65
CA LEU A 539 -4.21 -9.40 -7.50
C LEU A 539 -3.63 -8.88 -8.81
N ASN A 540 -2.82 -9.71 -9.50
CA ASN A 540 -2.24 -9.26 -10.76
C ASN A 540 -3.31 -9.04 -11.83
N PHE A 541 -4.42 -9.77 -11.76
CA PHE A 541 -5.49 -9.61 -12.72
C PHE A 541 -6.14 -8.23 -12.56
N ASP A 542 -6.28 -7.51 -13.67
CA ASP A 542 -6.82 -6.16 -13.66
C ASP A 542 -7.89 -6.02 -14.73
N THR A 543 -8.96 -5.29 -14.40
CA THR A 543 -10.06 -5.06 -15.33
C THR A 543 -10.64 -3.67 -15.09
N LYS A 544 -11.09 -3.04 -16.17
CA LYS A 544 -11.78 -1.75 -16.10
C LYS A 544 -13.29 -1.89 -16.14
N ASP A 545 -13.81 -3.13 -16.14
CA ASP A 545 -15.24 -3.41 -16.13
C ASP A 545 -15.71 -3.52 -14.69
N PRO A 546 -16.72 -2.73 -14.30
CA PRO A 546 -17.19 -2.76 -12.90
C PRO A 546 -17.55 -4.15 -12.39
N LEU A 547 -18.38 -4.90 -13.11
CA LEU A 547 -18.89 -6.17 -12.59
C LEU A 547 -17.76 -7.17 -12.35
N ILE A 548 -16.91 -7.37 -13.36
CA ILE A 548 -15.78 -8.28 -13.22
C ILE A 548 -14.90 -7.87 -12.06
N LEU A 549 -14.69 -6.56 -11.88
CA LEU A 549 -13.89 -6.08 -10.77
C LEU A 549 -14.55 -6.37 -9.43
N SER A 550 -15.89 -6.32 -9.37
CA SER A 550 -16.59 -6.72 -8.16
C SER A 550 -16.35 -8.19 -7.85
N CYS A 551 -16.45 -9.05 -8.87
CA CYS A 551 -16.13 -10.46 -8.67
C CYS A 551 -14.69 -10.63 -8.18
N VAL A 552 -13.76 -9.81 -8.69
CA VAL A 552 -12.36 -9.88 -8.28
C VAL A 552 -12.24 -9.52 -6.80
N LEU A 553 -12.89 -8.43 -6.38
CA LEU A 553 -12.80 -8.00 -4.99
C LEU A 553 -13.42 -9.04 -4.06
N THR A 554 -14.48 -9.70 -4.50
CA THR A 554 -15.02 -10.79 -3.70
C THR A 554 -14.04 -11.97 -3.65
N ASN A 555 -13.29 -12.19 -4.72
CA ASN A 555 -12.34 -13.30 -4.74
C ASN A 555 -11.16 -13.03 -3.80
N VAL A 556 -10.61 -11.82 -3.81
CA VAL A 556 -9.52 -11.51 -2.89
C VAL A 556 -10.04 -11.44 -1.46
N SER A 557 -11.27 -10.95 -1.27
CA SER A 557 -11.86 -10.95 0.06
C SER A 557 -12.05 -12.37 0.58
N ALA A 558 -12.31 -13.32 -0.32
CA ALA A 558 -12.41 -14.71 0.09
C ALA A 558 -11.03 -15.32 0.36
N LEU A 559 -10.04 -14.97 -0.45
CA LEU A 559 -8.69 -15.50 -0.33
C LEU A 559 -7.88 -14.84 0.77
N PHE A 560 -8.42 -13.81 1.42
CA PHE A 560 -7.63 -13.06 2.41
C PHE A 560 -7.13 -13.90 3.58
N PRO A 561 -7.88 -14.90 4.12
CA PRO A 561 -7.34 -15.68 5.24
C PRO A 561 -5.98 -16.32 4.98
N PHE A 562 -5.57 -16.42 3.72
CA PHE A 562 -4.26 -16.96 3.42
C PHE A 562 -3.13 -15.98 3.74
N VAL A 563 -3.41 -14.69 3.78
CA VAL A 563 -2.37 -13.69 4.05
C VAL A 563 -1.87 -13.76 5.48
N THR A 564 -2.58 -14.45 6.38
CA THR A 564 -2.08 -14.69 7.73
C THR A 564 -0.73 -15.36 7.69
N TYR A 565 -0.52 -16.27 6.75
CA TYR A 565 0.74 -16.99 6.64
C TYR A 565 1.81 -16.20 5.88
N ARG A 566 1.40 -15.24 5.06
CA ARG A 566 2.34 -14.42 4.27
C ARG A 566 1.90 -12.97 4.34
N PRO A 567 2.20 -12.28 5.45
CA PRO A 567 1.72 -10.89 5.60
C PRO A 567 2.33 -9.92 4.61
N GLU A 568 3.38 -10.30 3.87
CA GLU A 568 4.03 -9.38 2.94
C GLU A 568 3.10 -8.95 1.81
N PHE A 569 1.99 -9.65 1.60
CA PHE A 569 1.02 -9.26 0.59
C PHE A 569 0.03 -8.22 1.09
N LEU A 570 0.15 -7.80 2.35
CA LEU A 570 -0.73 -6.76 2.90
C LEU A 570 -0.79 -5.49 2.04
N PRO A 571 0.33 -4.90 1.60
CA PRO A 571 0.21 -3.67 0.79
C PRO A 571 -0.55 -3.88 -0.51
N GLN A 572 -0.16 -4.89 -1.30
CA GLN A 572 -0.81 -5.13 -2.57
C GLN A 572 -2.32 -5.28 -2.42
N VAL A 573 -2.75 -6.05 -1.41
CA VAL A 573 -4.18 -6.17 -1.11
C VAL A 573 -4.80 -4.79 -0.96
N PHE A 574 -4.21 -3.95 -0.11
CA PHE A 574 -4.67 -2.58 0.05
C PHE A 574 -4.74 -1.88 -1.30
N SER A 575 -3.68 -2.00 -2.09
CA SER A 575 -3.64 -1.36 -3.40
C SER A 575 -4.79 -1.82 -4.29
N LYS A 576 -5.23 -3.07 -4.12
CA LYS A 576 -6.35 -3.56 -4.92
C LYS A 576 -7.67 -2.97 -4.41
N LEU A 577 -7.78 -2.80 -3.09
CA LEU A 577 -9.04 -2.39 -2.50
C LEU A 577 -9.23 -0.88 -2.58
N PHE A 578 -8.31 -0.13 -1.98
CA PHE A 578 -8.45 1.33 -1.93
C PHE A 578 -8.59 1.94 -3.31
N SER A 579 -7.84 1.42 -4.30
CA SER A 579 -8.00 1.88 -5.67
C SER A 579 -9.45 1.74 -6.12
N SER A 580 -10.02 0.54 -5.93
CA SER A 580 -11.41 0.32 -6.32
C SER A 580 -12.37 1.21 -5.55
N VAL A 581 -11.95 1.75 -4.40
CA VAL A 581 -12.79 2.70 -3.67
C VAL A 581 -13.04 3.94 -4.52
N THR A 582 -12.02 4.41 -5.24
CA THR A 582 -12.14 5.58 -6.10
C THR A 582 -12.20 5.18 -7.58
N PHE A 583 -12.77 4.02 -7.87
CA PHE A 583 -12.84 3.55 -9.24
C PHE A 583 -13.90 4.32 -10.02
N GLU A 584 -13.63 4.57 -11.29
CA GLU A 584 -14.56 5.25 -12.18
C GLU A 584 -14.40 4.69 -13.59
N THR A 585 -15.39 4.97 -14.44
CA THR A 585 -15.31 4.59 -15.83
C THR A 585 -14.28 5.45 -16.56
N VAL A 586 -14.11 5.20 -17.86
CA VAL A 586 -13.20 6.01 -18.67
C VAL A 586 -13.67 7.46 -18.72
N GLU A 587 -14.96 7.70 -18.50
CA GLU A 587 -15.50 9.03 -18.32
C GLU A 587 -15.89 9.22 -16.86
N GLU A 588 -15.54 10.37 -16.29
CA GLU A 588 -15.75 10.61 -14.86
C GLU A 588 -16.83 11.65 -14.61
N SER A 589 -16.69 12.86 -15.16
CA SER A 589 -17.61 13.95 -14.90
C SER A 589 -18.56 14.21 -16.07
N LYS A 590 -18.42 13.49 -17.17
CA LYS A 590 -19.31 13.67 -18.31
C LYS A 590 -20.65 12.97 -18.10
N ALA A 591 -20.60 11.71 -17.65
CA ALA A 591 -21.79 10.90 -17.46
C ALA A 591 -22.10 10.73 -15.98
N PRO A 592 -23.37 10.49 -15.62
CA PRO A 592 -23.70 10.27 -14.22
C PRO A 592 -23.13 8.96 -13.70
N ARG A 593 -22.92 8.90 -12.39
CA ARG A 593 -22.36 7.71 -11.76
C ARG A 593 -23.31 6.53 -11.93
N THR A 594 -22.75 5.36 -12.20
CA THR A 594 -23.54 4.16 -12.48
C THR A 594 -23.66 3.30 -11.23
N ARG A 595 -24.76 2.53 -11.17
CA ARG A 595 -24.94 1.59 -10.07
C ARG A 595 -23.84 0.55 -10.02
N ALA A 596 -23.29 0.17 -11.18
CA ALA A 596 -22.24 -0.83 -11.21
C ALA A 596 -20.97 -0.31 -10.53
N VAL A 597 -20.47 0.84 -10.99
CA VAL A 597 -19.25 1.39 -10.39
C VAL A 597 -19.47 1.75 -8.93
N ARG A 598 -20.68 2.22 -8.59
CA ARG A 598 -21.01 2.47 -7.19
C ARG A 598 -20.94 1.19 -6.38
N ASN A 599 -21.36 0.06 -6.97
CA ASN A 599 -21.25 -1.22 -6.29
C ASN A 599 -19.81 -1.71 -6.22
N VAL A 600 -18.94 -1.26 -7.12
CA VAL A 600 -17.53 -1.62 -7.02
C VAL A 600 -16.87 -0.84 -5.89
N ARG A 601 -17.16 0.45 -5.78
CA ARG A 601 -16.61 1.25 -4.70
C ARG A 601 -17.13 0.78 -3.35
N ARG A 602 -18.45 0.61 -3.25
CA ARG A 602 -19.06 0.10 -2.02
C ARG A 602 -18.54 -1.29 -1.69
N HIS A 603 -18.38 -2.15 -2.70
CA HIS A 603 -17.87 -3.50 -2.45
C HIS A 603 -16.44 -3.46 -1.95
N ALA A 604 -15.64 -2.53 -2.48
CA ALA A 604 -14.26 -2.38 -2.00
C ALA A 604 -14.23 -1.91 -0.56
N CYS A 605 -15.04 -0.90 -0.23
CA CYS A 605 -15.11 -0.43 1.15
C CYS A 605 -15.56 -1.55 2.08
N SER A 606 -16.52 -2.35 1.64
CA SER A 606 -16.98 -3.48 2.45
C SER A 606 -15.88 -4.51 2.65
N SER A 607 -15.08 -4.77 1.60
CA SER A 607 -13.97 -5.70 1.75
C SER A 607 -12.91 -5.15 2.70
N ILE A 608 -12.73 -3.82 2.75
CA ILE A 608 -11.81 -3.24 3.70
C ILE A 608 -12.35 -3.37 5.12
N ILE A 609 -13.66 -3.18 5.30
CA ILE A 609 -14.26 -3.31 6.62
C ILE A 609 -14.14 -4.74 7.12
N LYS A 610 -14.51 -5.71 6.30
CA LYS A 610 -14.36 -7.12 6.67
C LYS A 610 -12.90 -7.44 6.95
N MET A 611 -11.99 -6.93 6.12
CA MET A 611 -10.56 -7.17 6.30
C MET A 611 -10.09 -6.69 7.67
N CYS A 612 -10.37 -5.43 8.01
CA CYS A 612 -9.93 -4.88 9.28
C CYS A 612 -10.67 -5.48 10.47
N ARG A 613 -11.87 -6.02 10.24
CA ARG A 613 -12.66 -6.56 11.34
C ARG A 613 -12.23 -7.98 11.70
N ASP A 614 -11.96 -8.82 10.71
CA ASP A 614 -11.63 -10.21 10.96
C ASP A 614 -10.15 -10.46 11.22
N TYR A 615 -9.27 -9.57 10.75
CA TYR A 615 -7.83 -9.73 10.94
C TYR A 615 -7.22 -8.38 11.32
N PRO A 616 -7.50 -7.90 12.53
CA PRO A 616 -7.01 -6.58 12.92
C PRO A 616 -5.60 -6.62 13.49
N GLN A 617 -5.17 -7.78 13.99
CA GLN A 617 -3.81 -7.92 14.48
C GLN A 617 -2.81 -7.94 13.33
N LEU A 618 -3.24 -8.36 12.15
CA LEU A 618 -2.37 -8.38 10.98
C LEU A 618 -2.29 -7.00 10.31
N VAL A 619 -3.37 -6.21 10.43
CA VAL A 619 -3.38 -4.87 9.85
C VAL A 619 -2.87 -3.81 10.82
N LEU A 620 -2.79 -4.13 12.11
CA LEU A 620 -2.33 -3.15 13.10
C LEU A 620 -0.98 -2.51 12.79
N PRO A 621 0.04 -3.22 12.31
CA PRO A 621 1.29 -2.54 11.95
C PRO A 621 1.12 -1.48 10.87
N ASN A 622 0.19 -1.66 9.94
CA ASN A 622 -0.02 -0.71 8.85
C ASN A 622 -1.01 0.39 9.19
N PHE A 623 -1.31 0.57 10.49
CA PHE A 623 -2.33 1.54 10.89
C PHE A 623 -1.93 2.96 10.56
N ASP A 624 -0.63 3.27 10.58
CA ASP A 624 -0.17 4.61 10.22
C ASP A 624 -0.48 4.90 8.76
N MET A 625 -0.01 4.03 7.85
CA MET A 625 -0.21 4.25 6.43
C MET A 625 -1.69 4.26 6.08
N LEU A 626 -2.48 3.38 6.71
CA LEU A 626 -3.91 3.36 6.44
C LEU A 626 -4.59 4.63 6.92
N TYR A 627 -4.26 5.07 8.13
CA TYR A 627 -4.85 6.30 8.66
C TYR A 627 -4.55 7.49 7.75
N ASN A 628 -3.28 7.64 7.34
CA ASN A 628 -2.93 8.74 6.46
C ASN A 628 -3.59 8.60 5.10
N HIS A 629 -3.76 7.37 4.61
CA HIS A 629 -4.39 7.17 3.31
C HIS A 629 -5.86 7.58 3.34
N VAL A 630 -6.59 7.17 4.39
CA VAL A 630 -7.98 7.60 4.52
C VAL A 630 -8.04 9.10 4.75
N LYS A 631 -7.05 9.66 5.45
CA LYS A 631 -6.99 11.11 5.65
C LYS A 631 -6.92 11.84 4.30
N GLN A 632 -5.97 11.45 3.46
CA GLN A 632 -5.87 12.05 2.13
C GLN A 632 -7.12 11.80 1.32
N LEU A 633 -7.72 10.62 1.46
CA LEU A 633 -8.93 10.30 0.72
C LEU A 633 -10.10 11.20 1.10
N LEU A 634 -10.17 11.60 2.36
CA LEU A 634 -11.22 12.51 2.82
C LEU A 634 -10.80 13.97 2.78
N SER A 635 -9.57 14.26 2.35
CA SER A 635 -9.16 15.66 2.19
C SER A 635 -10.10 16.41 1.26
N ASN A 636 -10.58 15.74 0.21
CA ASN A 636 -11.56 16.31 -0.70
C ASN A 636 -12.94 15.86 -0.25
N GLU A 637 -13.74 16.81 0.23
CA GLU A 637 -15.08 16.49 0.71
C GLU A 637 -15.98 15.96 -0.39
N LEU A 638 -15.61 16.16 -1.65
CA LEU A 638 -16.43 15.77 -2.79
C LEU A 638 -15.94 14.49 -3.46
N LEU A 639 -14.80 13.94 -3.03
CA LEU A 639 -14.22 12.80 -3.72
C LEU A 639 -15.04 11.54 -3.48
N LEU A 640 -15.17 11.13 -2.22
CA LEU A 640 -15.88 9.90 -1.87
C LEU A 640 -17.28 10.22 -1.35
N THR A 641 -18.16 9.22 -1.46
CA THR A 641 -19.49 9.34 -0.89
C THR A 641 -19.43 9.20 0.62
N GLN A 642 -20.55 9.49 1.28
CA GLN A 642 -20.58 9.44 2.73
C GLN A 642 -20.46 8.01 3.24
N MET A 643 -21.15 7.06 2.57
CA MET A 643 -21.04 5.66 2.95
C MET A 643 -19.60 5.17 2.80
N GLU A 644 -18.90 5.66 1.77
CA GLU A 644 -17.51 5.26 1.56
C GLU A 644 -16.59 5.88 2.63
N LYS A 645 -16.71 7.19 2.84
CA LYS A 645 -15.94 7.86 3.88
C LYS A 645 -16.09 7.15 5.21
N CYS A 646 -17.33 7.08 5.70
CA CYS A 646 -17.58 6.53 7.03
C CYS A 646 -17.35 5.03 7.08
N ALA A 647 -17.40 4.33 5.94
CA ALA A 647 -16.98 2.93 5.92
C ALA A 647 -15.48 2.81 6.18
N LEU A 648 -14.68 3.63 5.49
CA LEU A 648 -13.25 3.65 5.74
C LEU A 648 -12.95 4.03 7.19
N MET A 649 -13.72 4.97 7.74
CA MET A 649 -13.55 5.32 9.15
C MET A 649 -13.88 4.13 10.06
N GLU A 650 -14.95 3.40 9.74
CA GLU A 650 -15.26 2.17 10.46
C GLU A 650 -14.08 1.21 10.45
N ALA A 651 -13.44 1.04 9.29
CA ALA A 651 -12.25 0.21 9.23
C ALA A 651 -11.16 0.75 10.14
N LEU A 652 -10.96 2.08 10.15
CA LEU A 652 -9.92 2.68 10.98
C LEU A 652 -10.13 2.37 12.45
N VAL A 653 -11.36 2.57 12.95
CA VAL A 653 -11.59 2.29 14.37
C VAL A 653 -11.53 0.78 14.63
N LEU A 654 -11.90 -0.03 13.65
CA LEU A 654 -11.76 -1.48 13.81
C LEU A 654 -10.30 -1.87 14.00
N ILE A 655 -9.38 -1.16 13.34
CA ILE A 655 -7.97 -1.40 13.61
C ILE A 655 -7.59 -0.84 14.97
N SER A 656 -8.13 0.33 15.33
CA SER A 656 -7.79 0.96 16.60
C SER A 656 -8.20 0.11 17.80
N ASN A 657 -9.18 -0.80 17.62
CA ASN A 657 -9.53 -1.71 18.70
C ASN A 657 -8.38 -2.62 19.12
N GLN A 658 -7.33 -2.73 18.30
CA GLN A 658 -6.20 -3.59 18.62
C GLN A 658 -5.18 -2.93 19.53
N PHE A 659 -5.32 -1.63 19.83
CA PHE A 659 -4.46 -1.01 20.82
C PHE A 659 -4.65 -1.65 22.19
N LYS A 660 -5.87 -2.10 22.49
CA LYS A 660 -6.20 -2.73 23.76
C LYS A 660 -5.80 -1.84 24.94
N ASN A 661 -5.97 -0.53 24.74
CA ASN A 661 -5.67 0.47 25.75
C ASN A 661 -6.78 1.52 25.70
N TYR A 662 -7.49 1.67 26.81
CA TYR A 662 -8.64 2.58 26.85
C TYR A 662 -8.23 4.00 26.48
N GLU A 663 -7.11 4.48 27.02
CA GLU A 663 -6.71 5.86 26.80
C GLU A 663 -6.32 6.11 25.35
N ARG A 664 -5.50 5.23 24.77
CA ARG A 664 -5.04 5.44 23.40
C ARG A 664 -6.19 5.38 22.41
N GLN A 665 -7.05 4.37 22.55
CA GLN A 665 -8.22 4.28 21.69
C GLN A 665 -9.12 5.49 21.86
N LYS A 666 -9.28 5.97 23.10
CA LYS A 666 -10.09 7.15 23.34
C LYS A 666 -9.52 8.38 22.64
N VAL A 667 -8.19 8.55 22.70
CA VAL A 667 -7.57 9.70 22.06
C VAL A 667 -7.71 9.61 20.54
N PHE A 668 -7.49 8.42 19.97
CA PHE A 668 -7.67 8.28 18.52
C PHE A 668 -9.10 8.56 18.11
N LEU A 669 -10.08 8.09 18.90
CA LEU A 669 -11.48 8.31 18.53
C LEU A 669 -11.86 9.77 18.64
N GLU A 670 -11.37 10.46 19.68
CA GLU A 670 -11.68 11.88 19.82
C GLU A 670 -11.02 12.70 18.71
N GLU A 671 -9.78 12.37 18.36
CA GLU A 671 -9.11 13.06 17.26
C GLU A 671 -9.84 12.82 15.94
N LEU A 672 -10.23 11.57 15.69
CA LEU A 672 -10.92 11.24 14.44
C LEU A 672 -12.29 11.90 14.36
N MET A 673 -12.97 12.02 15.49
CA MET A 673 -14.31 12.60 15.52
C MET A 673 -14.30 14.11 15.70
N ALA A 674 -13.13 14.72 15.93
CA ALA A 674 -13.06 16.17 16.10
C ALA A 674 -13.69 16.95 14.95
N PRO A 675 -13.46 16.63 13.67
CA PRO A 675 -14.19 17.35 12.61
C PRO A 675 -15.69 17.10 12.66
N VAL A 676 -16.11 15.85 12.83
CA VAL A 676 -17.53 15.54 12.88
C VAL A 676 -18.18 16.20 14.10
N ALA A 677 -17.47 16.21 15.23
CA ALA A 677 -18.00 16.90 16.40
C ALA A 677 -18.06 18.40 16.18
N SER A 678 -17.13 18.95 15.39
CA SER A 678 -17.16 20.38 15.11
C SER A 678 -18.36 20.76 14.24
N ILE A 679 -18.60 19.98 13.19
CA ILE A 679 -19.74 20.26 12.31
C ILE A 679 -21.05 20.01 13.03
N TRP A 680 -21.10 18.94 13.85
CA TRP A 680 -22.34 18.54 14.49
C TRP A 680 -22.71 19.46 15.65
N LEU A 681 -21.72 19.91 16.42
CA LEU A 681 -21.98 20.73 17.60
C LEU A 681 -21.93 22.23 17.31
N SER A 682 -22.06 22.63 16.05
CA SER A 682 -22.07 24.05 15.72
C SER A 682 -23.46 24.63 15.94
N GLN A 683 -23.51 25.93 16.24
CA GLN A 683 -24.79 26.59 16.49
C GLN A 683 -25.70 26.52 15.27
N ASP A 684 -25.13 26.60 14.07
CA ASP A 684 -25.95 26.53 12.87
C ASP A 684 -26.53 25.13 12.68
N MET A 685 -25.70 24.09 12.87
CA MET A 685 -26.21 22.73 12.78
C MET A 685 -27.24 22.45 13.86
N HIS A 686 -27.05 23.01 15.05
CA HIS A 686 -28.06 22.88 16.10
C HIS A 686 -29.37 23.51 15.69
N ARG A 687 -29.31 24.76 15.21
CA ARG A 687 -30.52 25.46 14.77
C ARG A 687 -31.22 24.70 13.64
N VAL A 688 -30.45 24.03 12.77
CA VAL A 688 -31.06 23.30 11.67
C VAL A 688 -31.64 21.96 12.12
N LEU A 689 -31.02 21.33 13.12
CA LEU A 689 -31.50 20.03 13.60
C LEU A 689 -32.70 20.17 14.53
N SER A 690 -32.79 21.26 15.28
CA SER A 690 -33.86 21.43 16.25
C SER A 690 -35.11 22.05 15.65
N ASP A 691 -34.95 23.03 14.76
CA ASP A 691 -36.08 23.70 14.14
C ASP A 691 -36.55 22.94 12.91
N VAL A 692 -37.85 23.06 12.63
CA VAL A 692 -38.43 22.38 11.47
C VAL A 692 -38.22 23.20 10.21
N ASP A 693 -38.40 24.52 10.30
CA ASP A 693 -38.25 25.36 9.12
C ASP A 693 -36.80 25.41 8.65
N ALA A 694 -35.86 25.54 9.59
CA ALA A 694 -34.45 25.51 9.23
C ALA A 694 -34.07 24.18 8.60
N PHE A 695 -34.65 23.08 9.08
CA PHE A 695 -34.38 21.78 8.50
C PHE A 695 -34.92 21.66 7.08
N ILE A 696 -36.19 22.00 6.88
CA ILE A 696 -36.79 21.84 5.55
C ILE A 696 -36.15 22.80 4.55
N ALA A 697 -35.65 23.95 5.01
CA ALA A 697 -34.96 24.85 4.09
C ALA A 697 -33.55 24.36 3.79
N TYR A 698 -32.86 23.83 4.81
CA TYR A 698 -31.49 23.35 4.65
C TYR A 698 -31.42 22.05 3.87
N VAL A 699 -32.52 21.30 3.80
CA VAL A 699 -32.51 20.00 3.13
C VAL A 699 -32.85 20.11 1.64
N GLY A 700 -33.69 21.06 1.26
CA GLY A 700 -34.01 21.30 -0.14
C GLY A 700 -35.49 21.22 -0.47
N THR A 701 -36.36 20.90 0.48
CA THR A 701 -37.79 20.79 0.21
C THR A 701 -38.48 22.14 0.13
N ASP A 702 -37.75 23.25 0.20
CA ASP A 702 -38.37 24.58 0.25
C ASP A 702 -38.95 24.97 -1.10
N GLN A 703 -38.09 25.08 -2.12
CA GLN A 703 -38.51 25.52 -3.44
C GLN A 703 -38.62 24.33 -4.39
N LYS A 704 -39.24 24.58 -5.54
CA LYS A 704 -39.40 23.55 -6.57
C LYS A 704 -38.04 23.16 -7.14
N ASP A 707 -34.32 26.75 -10.85
CA ASP A 707 -33.91 25.50 -11.48
C ASP A 707 -34.32 24.31 -10.61
N PRO A 708 -35.53 23.80 -10.84
CA PRO A 708 -35.99 22.64 -10.05
C PRO A 708 -35.17 21.38 -10.28
N GLY A 709 -34.49 21.27 -11.43
CA GLY A 709 -33.72 20.07 -11.72
C GLY A 709 -32.42 19.96 -10.96
N LEU A 710 -31.94 21.06 -10.38
CA LEU A 710 -30.68 21.08 -9.64
C LEU A 710 -30.93 20.72 -8.18
N GLU A 711 -30.32 19.62 -7.73
CA GLU A 711 -30.37 19.23 -6.33
C GLU A 711 -29.06 19.56 -5.60
N ASP A 712 -28.15 20.27 -6.27
CA ASP A 712 -26.90 20.74 -5.68
C ASP A 712 -27.09 21.82 -4.60
N PRO A 713 -28.09 22.72 -4.69
CA PRO A 713 -28.21 23.76 -3.65
C PRO A 713 -28.19 23.24 -2.23
N CYS A 714 -28.87 22.12 -1.96
CA CYS A 714 -28.90 21.53 -0.62
C CYS A 714 -28.40 20.10 -0.58
N GLY A 715 -28.05 19.52 -1.73
CA GLY A 715 -27.57 18.14 -1.74
C GLY A 715 -26.27 17.98 -0.99
N LEU A 716 -25.36 18.95 -1.11
CA LEU A 716 -24.14 18.92 -0.32
C LEU A 716 -24.45 19.02 1.17
N ASN A 717 -25.44 19.83 1.53
CA ASN A 717 -25.86 19.92 2.92
C ASN A 717 -26.32 18.55 3.43
N ARG A 718 -27.24 17.92 2.70
CA ARG A 718 -27.70 16.58 3.09
C ARG A 718 -26.53 15.61 3.16
N ALA A 719 -25.54 15.77 2.27
CA ALA A 719 -24.38 14.89 2.30
C ALA A 719 -23.55 15.09 3.56
N ARG A 720 -23.45 16.33 4.04
CA ARG A 720 -22.69 16.59 5.25
C ARG A 720 -23.40 16.05 6.49
N MET A 721 -24.71 16.32 6.59
CA MET A 721 -25.48 15.74 7.70
C MET A 721 -25.37 14.21 7.70
N SER A 722 -25.60 13.60 6.53
CA SER A 722 -25.45 12.15 6.43
C SER A 722 -24.04 11.71 6.79
N PHE A 723 -23.04 12.55 6.52
CA PHE A 723 -21.68 12.22 6.93
C PHE A 723 -21.57 12.14 8.45
N CYS A 724 -22.13 13.14 9.15
CA CYS A 724 -22.11 13.11 10.60
C CYS A 724 -22.82 11.88 11.15
N VAL A 725 -24.05 11.64 10.69
CA VAL A 725 -24.85 10.53 11.21
C VAL A 725 -24.14 9.19 10.94
N TYR A 726 -23.76 8.97 9.68
CA TYR A 726 -23.02 7.76 9.31
C TYR A 726 -21.79 7.57 10.19
N SER A 727 -21.03 8.65 10.41
CA SER A 727 -19.82 8.54 11.23
C SER A 727 -20.14 8.10 12.65
N ILE A 728 -21.08 8.78 13.31
CA ILE A 728 -21.45 8.41 14.67
C ILE A 728 -21.90 6.95 14.72
N LEU A 729 -22.76 6.55 13.78
CA LEU A 729 -23.24 5.17 13.74
C LEU A 729 -22.07 4.19 13.64
N GLY A 730 -21.12 4.47 12.75
CA GLY A 730 -19.98 3.58 12.60
C GLY A 730 -19.13 3.50 13.86
N VAL A 731 -19.01 4.62 14.58
CA VAL A 731 -18.23 4.62 15.81
C VAL A 731 -18.93 3.79 16.88
N VAL A 732 -20.24 4.00 17.07
CA VAL A 732 -20.96 3.22 18.07
C VAL A 732 -20.98 1.74 17.70
N LYS A 733 -20.90 1.44 16.40
CA LYS A 733 -21.05 0.07 15.93
C LYS A 733 -19.74 -0.72 15.97
N ARG A 734 -18.61 -0.08 15.67
CA ARG A 734 -17.36 -0.80 15.50
C ARG A 734 -16.42 -0.72 16.71
N THR A 735 -16.67 0.15 17.67
CA THR A 735 -15.78 0.30 18.81
C THR A 735 -16.09 -0.76 19.86
N CYS A 736 -15.03 -1.33 20.45
CA CYS A 736 -15.21 -2.38 21.43
C CYS A 736 -13.94 -2.55 22.26
N TRP A 737 -14.10 -3.14 23.45
CA TRP A 737 -13.03 -3.52 24.35
C TRP A 737 -12.55 -4.93 24.03
N PRO A 738 -11.36 -5.31 24.52
CA PRO A 738 -10.85 -6.65 24.22
C PRO A 738 -11.77 -7.75 24.73
N THR A 739 -11.75 -8.88 24.04
CA THR A 739 -12.61 -10.00 24.41
C THR A 739 -12.07 -10.75 25.62
N ASP A 740 -10.79 -11.08 25.62
CA ASP A 740 -10.18 -11.75 26.75
C ASP A 740 -10.22 -10.86 27.98
N LEU A 741 -10.55 -11.46 29.14
CA LEU A 741 -10.72 -10.68 30.35
C LEU A 741 -9.40 -10.07 30.82
N GLU A 742 -8.31 -10.85 30.77
CA GLU A 742 -7.02 -10.34 31.19
C GLU A 742 -6.60 -9.15 30.34
N GLU A 743 -6.78 -9.25 29.02
CA GLU A 743 -6.51 -8.12 28.14
C GLU A 743 -7.52 -7.00 28.34
N ALA A 744 -8.71 -7.31 28.84
CA ALA A 744 -9.72 -6.28 29.06
C ALA A 744 -9.34 -5.39 30.24
N LYS A 745 -9.10 -5.99 31.40
CA LYS A 745 -8.70 -5.19 32.56
C LYS A 745 -7.25 -4.73 32.50
N ALA A 746 -6.41 -5.40 31.70
CA ALA A 746 -5.02 -4.98 31.59
C ALA A 746 -4.89 -3.65 30.86
N GLY A 747 -5.84 -3.32 29.98
CA GLY A 747 -5.83 -2.07 29.28
C GLY A 747 -6.62 -0.94 29.93
N GLY A 748 -7.28 -1.21 31.05
CA GLY A 748 -8.04 -0.20 31.74
C GLY A 748 -9.51 -0.12 31.36
N PHE A 749 -10.08 -1.21 30.85
CA PHE A 749 -11.48 -1.22 30.43
C PHE A 749 -12.42 -1.65 31.53
N VAL A 750 -11.98 -2.50 32.46
CA VAL A 750 -12.85 -3.05 33.48
C VAL A 750 -13.05 -2.02 34.58
N VAL A 751 -14.29 -1.57 34.74
CA VAL A 751 -14.63 -0.66 35.83
C VAL A 751 -14.88 -1.44 37.12
N GLY A 752 -15.52 -2.60 37.00
CA GLY A 752 -15.80 -3.42 38.16
C GLY A 752 -16.43 -4.72 37.75
N TYR A 753 -17.05 -5.39 38.72
CA TYR A 753 -17.71 -6.66 38.48
C TYR A 753 -19.10 -6.64 39.09
N THR A 754 -20.05 -7.27 38.41
CA THR A 754 -21.41 -7.36 38.91
C THR A 754 -21.44 -8.26 40.15
N SER A 755 -22.54 -8.14 40.92
CA SER A 755 -22.74 -9.02 42.07
C SER A 755 -22.74 -10.49 41.67
N SER A 756 -22.96 -10.80 40.40
CA SER A 756 -22.89 -12.15 39.87
C SER A 756 -21.50 -12.52 39.38
N GLY A 757 -20.55 -11.59 39.42
CA GLY A 757 -19.20 -11.82 38.94
C GLY A 757 -18.95 -11.39 37.52
N ASN A 758 -19.99 -11.05 36.77
CA ASN A 758 -19.82 -10.65 35.38
C ASN A 758 -19.09 -9.31 35.31
N PRO A 759 -18.10 -9.17 34.44
CA PRO A 759 -17.32 -7.93 34.42
C PRO A 759 -18.12 -6.76 33.86
N ILE A 760 -17.66 -5.56 34.20
CA ILE A 760 -18.23 -4.31 33.70
C ILE A 760 -17.15 -3.58 32.93
N PHE A 761 -17.49 -3.10 31.74
CA PHE A 761 -16.54 -2.42 30.87
C PHE A 761 -17.01 -1.00 30.57
N ARG A 762 -16.06 -0.16 30.18
CA ARG A 762 -16.34 1.19 29.72
C ARG A 762 -15.82 1.34 28.29
N ASN A 763 -16.55 2.12 27.48
CA ASN A 763 -16.14 2.18 26.09
C ASN A 763 -15.37 3.48 25.82
N PRO A 764 -14.29 3.39 25.03
CA PRO A 764 -13.50 4.60 24.75
C PRO A 764 -14.26 5.69 24.02
N CYS A 765 -15.29 5.33 23.26
CA CYS A 765 -16.06 6.29 22.48
C CYS A 765 -17.18 6.94 23.28
N THR A 766 -17.39 6.53 24.53
CA THR A 766 -18.56 6.96 25.29
C THR A 766 -18.58 8.48 25.44
N GLU A 767 -17.51 9.07 25.96
CA GLU A 767 -17.49 10.51 26.20
C GLU A 767 -17.63 11.31 24.92
N GLN A 768 -17.25 10.75 23.77
CA GLN A 768 -17.39 11.49 22.53
C GLN A 768 -18.81 11.40 21.97
N ILE A 769 -19.43 10.23 22.05
CA ILE A 769 -20.78 10.07 21.51
C ILE A 769 -21.80 10.79 22.39
N LEU A 770 -21.58 10.78 23.72
CA LEU A 770 -22.55 11.39 24.62
C LEU A 770 -22.69 12.89 24.38
N LYS A 771 -21.62 13.55 23.96
CA LYS A 771 -21.70 14.99 23.68
C LYS A 771 -22.49 15.28 22.41
N LEU A 772 -22.57 14.33 21.48
CA LEU A 772 -23.39 14.46 20.29
C LEU A 772 -24.80 13.91 20.49
N LEU A 773 -25.03 13.21 21.59
CA LEU A 773 -26.31 12.54 21.80
C LEU A 773 -27.48 13.53 21.78
N ASP A 774 -27.29 14.71 22.40
CA ASP A 774 -28.41 15.65 22.50
C ASP A 774 -28.84 16.16 21.13
N ASN A 775 -27.88 16.57 20.30
CA ASN A 775 -28.23 17.01 18.95
C ASN A 775 -28.79 15.87 18.12
N LEU A 776 -28.29 14.65 18.32
CA LEU A 776 -28.89 13.49 17.65
C LEU A 776 -30.35 13.35 18.02
N LEU A 777 -30.67 13.44 19.32
CA LEU A 777 -32.05 13.33 19.76
C LEU A 777 -32.90 14.46 19.21
N ALA A 778 -32.33 15.68 19.11
CA ALA A 778 -33.06 16.78 18.52
C ALA A 778 -33.39 16.50 17.06
N LEU A 779 -32.45 15.93 16.32
CA LEU A 779 -32.70 15.59 14.92
C LEU A 779 -33.78 14.51 14.81
N ILE A 780 -33.75 13.52 15.69
CA ILE A 780 -34.79 12.49 15.67
C ILE A 780 -36.15 13.11 15.98
N ARG A 781 -36.18 14.04 16.94
CA ARG A 781 -37.42 14.72 17.29
C ARG A 781 -38.00 15.48 16.10
N THR A 782 -37.15 16.27 15.42
CA THR A 782 -37.60 16.99 14.23
C THR A 782 -38.07 16.04 13.15
N HIS A 783 -37.33 14.95 12.94
CA HIS A 783 -37.67 13.98 11.90
C HIS A 783 -39.05 13.36 12.16
N ASN A 784 -39.32 12.98 13.41
CA ASN A 784 -40.64 12.48 13.75
C ASN A 784 -41.71 13.56 13.58
N THR A 785 -41.38 14.80 13.97
CA THR A 785 -42.33 15.90 13.86
C THR A 785 -42.69 16.20 12.40
N LEU A 786 -41.81 15.84 11.46
CA LEU A 786 -42.05 16.18 10.06
C LEU A 786 -43.31 15.51 9.52
N TYR A 787 -43.67 14.33 10.02
CA TYR A 787 -44.79 13.58 9.47
C TYR A 787 -46.15 14.17 9.81
N ALA A 788 -46.21 15.19 10.65
CA ALA A 788 -47.47 15.84 10.95
C ALA A 788 -48.04 16.45 9.67
N PRO A 789 -49.37 16.41 9.47
CA PRO A 789 -49.93 16.90 8.20
C PRO A 789 -49.76 18.39 8.00
N GLU A 790 -49.64 19.18 9.08
CA GLU A 790 -49.36 20.60 8.92
C GLU A 790 -47.88 20.89 8.78
N MET A 791 -47.01 19.97 9.19
CA MET A 791 -45.58 20.08 8.94
C MET A 791 -45.19 19.49 7.59
N LEU A 792 -45.86 18.43 7.16
CA LEU A 792 -45.59 17.84 5.84
C LEU A 792 -46.03 18.75 4.71
N ALA A 793 -46.95 19.68 4.97
CA ALA A 793 -47.45 20.59 3.94
C ALA A 793 -46.43 21.64 3.54
N LYS A 794 -45.31 21.76 4.25
CA LYS A 794 -44.32 22.78 3.91
C LYS A 794 -43.66 22.48 2.56
N MET A 795 -43.33 21.21 2.32
CA MET A 795 -42.52 20.86 1.16
C MET A 795 -43.26 21.19 -0.14
N ALA A 796 -42.48 21.55 -1.16
CA ALA A 796 -43.04 21.80 -2.48
C ALA A 796 -43.66 20.51 -3.04
N GLU A 797 -44.56 20.68 -4.01
CA GLU A 797 -45.26 19.53 -4.57
C GLU A 797 -44.33 18.47 -5.16
N PRO A 798 -43.24 18.80 -5.86
CA PRO A 798 -42.30 17.74 -6.26
C PRO A 798 -41.64 17.05 -5.08
N PHE A 799 -41.63 17.67 -3.90
CA PHE A 799 -41.02 17.10 -2.71
C PHE A 799 -42.03 16.73 -1.64
N THR A 800 -43.33 16.93 -1.88
CA THR A 800 -44.34 16.63 -0.88
C THR A 800 -44.50 15.13 -0.64
N LYS A 801 -43.85 14.28 -1.45
CA LYS A 801 -43.87 12.84 -1.25
C LYS A 801 -42.47 12.31 -0.97
N ALA A 802 -41.60 13.17 -0.42
CA ALA A 802 -40.23 12.75 -0.14
C ALA A 802 -40.16 11.82 1.07
N LEU A 803 -41.07 11.98 2.02
CA LEU A 803 -41.12 11.11 3.19
C LEU A 803 -41.87 9.82 2.92
N ASP A 804 -42.15 9.51 1.66
CA ASP A 804 -42.90 8.31 1.31
C ASP A 804 -41.98 7.09 1.31
N MET A 805 -42.59 5.93 1.08
CA MET A 805 -41.85 4.70 0.91
C MET A 805 -41.38 4.58 -0.54
N LEU A 806 -40.11 4.20 -0.72
CA LEU A 806 -39.56 4.07 -2.05
C LEU A 806 -40.25 2.95 -2.82
N ASP A 807 -40.44 3.17 -4.12
CA ASP A 807 -41.09 2.16 -4.95
C ASP A 807 -40.35 0.83 -4.90
N ALA A 808 -39.02 0.88 -4.80
CA ALA A 808 -38.24 -0.34 -4.66
C ALA A 808 -38.52 -1.02 -3.32
N GLU A 809 -38.71 -0.24 -2.26
CA GLU A 809 -39.09 -0.82 -0.98
C GLU A 809 -40.51 -1.38 -1.03
N LYS A 810 -41.41 -0.67 -1.70
CA LYS A 810 -42.79 -1.14 -1.85
C LYS A 810 -42.82 -2.49 -2.56
N SER A 811 -42.25 -2.56 -3.76
CA SER A 811 -42.21 -3.83 -4.47
C SER A 811 -41.33 -4.86 -3.76
N ALA A 812 -40.44 -4.43 -2.87
CA ALA A 812 -39.64 -5.37 -2.11
C ALA A 812 -40.46 -6.06 -1.03
N ILE A 813 -41.32 -5.31 -0.35
CA ILE A 813 -42.17 -5.92 0.66
C ILE A 813 -43.40 -6.57 0.02
N LEU A 814 -43.92 -5.97 -1.05
CA LEU A 814 -45.10 -6.53 -1.72
C LEU A 814 -44.82 -7.86 -2.41
N GLY A 815 -43.56 -8.33 -2.42
CA GLY A 815 -43.20 -9.60 -3.00
C GLY A 815 -42.94 -9.54 -4.49
N LEU A 816 -43.57 -8.61 -5.21
CA LEU A 816 -43.44 -8.48 -6.65
C LEU A 816 -42.00 -8.14 -7.04
N PRO A 817 -41.29 -9.03 -7.71
CA PRO A 817 -39.93 -8.71 -8.17
C PRO A 817 -39.94 -8.04 -9.54
N GLN A 818 -38.93 -7.22 -9.76
CA GLN A 818 -38.80 -6.56 -11.05
C GLN A 818 -37.54 -7.05 -11.76
N PRO A 819 -37.57 -7.13 -13.09
CA PRO A 819 -36.38 -7.59 -13.82
C PRO A 819 -35.19 -6.67 -13.55
N LEU A 820 -34.01 -7.28 -13.52
CA LEU A 820 -32.80 -6.55 -13.15
C LEU A 820 -32.51 -5.43 -14.14
N LEU A 821 -32.65 -4.18 -13.69
CA LEU A 821 -32.19 -3.05 -14.47
C LEU A 821 -30.68 -3.16 -14.63
N GLU A 822 -30.22 -3.40 -15.85
CA GLU A 822 -28.81 -3.67 -16.11
C GLU A 822 -27.93 -2.57 -15.55
N LEU A 823 -27.10 -2.93 -14.57
CA LEU A 823 -26.42 -1.96 -13.71
C LEU A 823 -25.43 -1.07 -14.45
N ASN A 824 -25.13 -1.36 -15.71
CA ASN A 824 -24.15 -0.57 -16.44
C ASN A 824 -24.76 0.67 -17.09
N ASP A 825 -25.99 0.58 -17.59
CA ASP A 825 -26.64 1.70 -18.24
C ASP A 825 -28.02 1.95 -17.66
N SER A 826 -28.52 3.17 -17.85
CA SER A 826 -29.65 3.74 -17.14
C SER A 826 -29.57 3.45 -15.63
N PRO A 827 -28.39 3.55 -15.01
CA PRO A 827 -28.24 3.06 -13.64
C PRO A 827 -28.64 4.07 -12.56
N VAL A 828 -28.31 5.35 -12.78
CA VAL A 828 -28.45 6.33 -11.71
C VAL A 828 -29.93 6.62 -11.47
N PHE A 829 -30.28 6.84 -10.21
CA PHE A 829 -31.66 7.15 -9.85
C PHE A 829 -31.97 8.54 -10.37
N LYS A 830 -32.62 8.61 -11.53
CA LYS A 830 -32.80 9.89 -12.20
C LYS A 830 -33.85 10.74 -11.49
N THR A 831 -34.77 10.12 -10.77
CA THR A 831 -35.76 10.88 -10.01
C THR A 831 -35.09 11.52 -8.79
N VAL A 832 -35.09 12.85 -8.75
CA VAL A 832 -34.52 13.55 -7.60
C VAL A 832 -35.36 13.28 -6.35
N LEU A 833 -36.68 13.11 -6.52
CA LEU A 833 -37.53 12.71 -5.41
C LEU A 833 -37.06 11.40 -4.80
N GLU A 834 -36.65 10.45 -5.64
CA GLU A 834 -36.12 9.18 -5.14
C GLU A 834 -34.84 9.40 -4.34
N ARG A 835 -33.98 10.31 -4.80
CA ARG A 835 -32.80 10.69 -4.03
C ARG A 835 -33.19 11.19 -2.65
N MET A 836 -34.21 12.06 -2.58
CA MET A 836 -34.66 12.59 -1.30
C MET A 836 -35.21 11.49 -0.40
N GLN A 837 -36.01 10.58 -0.97
CA GLN A 837 -36.59 9.50 -0.18
C GLN A 837 -35.49 8.59 0.38
N ARG A 838 -34.47 8.30 -0.43
CA ARG A 838 -33.33 7.54 0.08
C ARG A 838 -32.65 8.28 1.22
N PHE A 839 -32.51 9.61 1.09
CA PHE A 839 -31.89 10.40 2.15
C PHE A 839 -32.68 10.30 3.45
N PHE A 840 -34.00 10.52 3.39
CA PHE A 840 -34.80 10.53 4.61
C PHE A 840 -34.87 9.14 5.25
N SER A 841 -35.10 8.10 4.43
CA SER A 841 -35.13 6.75 4.97
C SER A 841 -33.80 6.39 5.63
N THR A 842 -32.70 6.66 4.94
CA THR A 842 -31.38 6.35 5.48
C THR A 842 -31.13 7.12 6.78
N LEU A 843 -31.53 8.39 6.83
CA LEU A 843 -31.33 9.19 8.03
C LEU A 843 -32.13 8.61 9.20
N TYR A 844 -33.38 8.23 8.95
CA TYR A 844 -34.22 7.65 10.00
C TYR A 844 -33.60 6.37 10.55
N GLU A 845 -33.41 5.36 9.68
CA GLU A 845 -32.87 4.08 10.12
C GLU A 845 -31.49 4.23 10.74
N ASN A 846 -30.71 5.21 10.28
CA ASN A 846 -29.36 5.37 10.82
C ASN A 846 -29.40 5.98 12.22
N CYS A 847 -30.24 6.99 12.44
CA CYS A 847 -30.36 7.58 13.76
C CYS A 847 -30.86 6.55 14.76
N PHE A 848 -31.95 5.85 14.43
CA PHE A 848 -32.43 4.83 15.34
C PHE A 848 -31.47 3.65 15.45
N HIS A 849 -30.63 3.45 14.43
CA HIS A 849 -29.55 2.47 14.56
C HIS A 849 -28.55 2.90 15.63
N ILE A 850 -28.20 4.19 15.65
CA ILE A 850 -27.31 4.69 16.69
C ILE A 850 -27.93 4.48 18.06
N LEU A 851 -29.22 4.84 18.20
CA LEU A 851 -29.87 4.67 19.49
C LEU A 851 -29.99 3.21 19.88
N GLY A 852 -30.04 2.30 18.91
CA GLY A 852 -30.07 0.89 19.20
C GLY A 852 -28.73 0.32 19.62
N LYS A 853 -27.67 0.75 18.92
CA LYS A 853 -26.32 0.27 19.24
C LYS A 853 -25.76 0.88 20.51
N ALA A 854 -26.29 2.03 20.94
CA ALA A 854 -25.67 2.76 22.04
C ALA A 854 -25.65 1.95 23.33
N GLY A 855 -26.69 1.16 23.58
CA GLY A 855 -26.80 0.38 24.80
C GLY A 855 -25.65 -0.56 25.04
N PRO A 856 -25.51 -1.58 24.19
CA PRO A 856 -24.44 -2.58 24.41
C PRO A 856 -23.04 -2.01 24.30
N SER A 857 -22.86 -0.92 23.53
CA SER A 857 -21.53 -0.31 23.44
C SER A 857 -21.19 0.47 24.70
N MET A 858 -22.09 1.35 25.13
CA MET A 858 -21.92 2.10 26.39
C MET A 858 -23.08 1.74 27.30
N GLN A 859 -22.95 0.59 27.98
CA GLN A 859 -24.01 0.06 28.81
C GLN A 859 -24.34 0.98 29.98
N GLN A 860 -23.40 1.07 30.94
CA GLN A 860 -23.69 1.81 32.16
C GLN A 860 -23.88 3.29 31.87
N ASP A 861 -22.94 3.90 31.15
CA ASP A 861 -23.00 5.33 30.93
C ASP A 861 -24.15 5.72 30.01
N PHE A 862 -24.56 4.83 29.11
CA PHE A 862 -25.71 5.15 28.27
C PHE A 862 -27.03 4.98 29.03
N TYR A 863 -27.09 4.02 29.96
CA TYR A 863 -28.33 3.79 30.69
C TYR A 863 -28.46 4.64 31.95
N THR A 864 -27.43 5.40 32.33
CA THR A 864 -27.48 6.24 33.52
C THR A 864 -27.43 7.73 33.20
N VAL A 865 -27.77 8.11 31.96
CA VAL A 865 -27.86 9.53 31.62
C VAL A 865 -29.05 10.14 32.35
N GLU A 866 -28.86 11.37 32.82
CA GLU A 866 -29.91 12.07 33.56
C GLU A 866 -31.12 12.33 32.65
N ASP A 867 -32.29 11.90 33.12
CA ASP A 867 -33.56 12.12 32.42
C ASP A 867 -33.55 11.57 31.00
N LEU A 868 -32.80 10.48 30.78
CA LEU A 868 -32.69 9.93 29.43
C LEU A 868 -34.01 9.37 28.94
N ALA A 869 -34.83 8.80 29.83
CA ALA A 869 -36.10 8.24 29.40
C ALA A 869 -37.07 9.33 29.01
N THR A 870 -37.13 10.40 29.82
CA THR A 870 -37.93 11.57 29.46
C THR A 870 -37.46 12.16 28.14
N GLN A 871 -36.15 12.16 27.90
CA GLN A 871 -35.63 12.67 26.63
C GLN A 871 -36.04 11.78 25.46
N LEU A 872 -35.99 10.46 25.65
CA LEU A 872 -36.40 9.55 24.58
C LEU A 872 -37.89 9.69 24.27
N LEU A 873 -38.73 9.78 25.31
CA LEU A 873 -40.14 10.06 25.08
C LEU A 873 -40.31 11.42 24.38
N SER A 874 -39.44 12.38 24.69
CA SER A 874 -39.58 13.71 24.10
C SER A 874 -39.16 13.73 22.63
N SER A 875 -38.25 12.85 22.24
CA SER A 875 -37.68 12.84 20.90
C SER A 875 -37.99 11.57 20.12
N ALA A 876 -37.68 10.39 20.68
CA ALA A 876 -37.86 9.15 19.94
C ALA A 876 -39.33 8.85 19.70
N PHE A 877 -40.19 9.15 20.67
CA PHE A 877 -41.63 8.90 20.55
C PHE A 877 -42.37 10.21 20.81
N VAL A 878 -42.44 11.05 19.78
CA VAL A 878 -43.05 12.36 19.96
C VAL A 878 -44.27 12.52 19.05
N ASN A 879 -44.23 11.88 17.89
CA ASN A 879 -45.31 11.99 16.92
C ASN A 879 -45.63 10.63 16.33
N LEU A 880 -45.59 9.59 17.17
CA LEU A 880 -45.88 8.24 16.69
C LEU A 880 -47.24 8.15 16.01
N ASN A 881 -48.18 9.00 16.41
CA ASN A 881 -49.51 8.99 15.82
C ASN A 881 -49.46 9.21 14.32
N ASN A 882 -48.50 9.99 13.84
CA ASN A 882 -48.35 10.30 12.43
C ASN A 882 -47.16 9.59 11.79
N ILE A 883 -46.35 8.88 12.57
CA ILE A 883 -45.25 8.10 11.99
C ILE A 883 -45.83 6.91 11.24
N PRO A 884 -45.44 6.67 10.00
CA PRO A 884 -46.01 5.57 9.23
C PRO A 884 -45.58 4.21 9.78
N ASP A 885 -46.22 3.17 9.23
CA ASP A 885 -45.90 1.81 9.66
C ASP A 885 -44.51 1.40 9.20
N TYR A 886 -44.17 1.67 7.94
CA TYR A 886 -42.87 1.31 7.40
C TYR A 886 -41.73 2.10 8.05
N ARG A 887 -42.04 3.11 8.85
CA ARG A 887 -41.05 3.79 9.67
C ARG A 887 -41.10 3.35 11.13
N LEU A 888 -42.29 2.98 11.63
CA LEU A 888 -42.41 2.53 13.01
C LEU A 888 -41.78 1.15 13.19
N ARG A 889 -41.92 0.27 12.20
CA ARG A 889 -41.37 -1.08 12.33
C ARG A 889 -39.85 -1.10 12.42
N PRO A 890 -39.10 -0.38 11.57
CA PRO A 890 -37.64 -0.34 11.77
C PRO A 890 -37.21 0.37 13.05
N MET A 891 -38.06 1.23 13.61
CA MET A 891 -37.75 1.83 14.90
C MET A 891 -37.82 0.78 16.01
N LEU A 892 -38.82 -0.08 15.97
CA LEU A 892 -38.95 -1.10 17.00
C LEU A 892 -37.91 -2.19 16.83
N ARG A 893 -37.74 -2.69 15.61
CA ARG A 893 -36.74 -3.74 15.38
C ARG A 893 -35.32 -3.22 15.57
N VAL A 894 -35.07 -1.98 15.18
CA VAL A 894 -33.70 -1.46 15.11
C VAL A 894 -33.28 -0.73 16.38
N PHE A 895 -34.21 -0.06 17.06
CA PHE A 895 -33.89 0.72 18.25
C PHE A 895 -34.46 0.12 19.53
N VAL A 896 -35.77 -0.12 19.59
CA VAL A 896 -36.40 -0.49 20.85
C VAL A 896 -35.93 -1.88 21.30
N LYS A 897 -36.00 -2.86 20.39
CA LYS A 897 -35.65 -4.23 20.78
C LYS A 897 -34.23 -4.36 21.30
N PRO A 898 -33.19 -3.83 20.64
CA PRO A 898 -31.85 -3.90 21.25
C PRO A 898 -31.72 -3.04 22.49
N LEU A 899 -32.45 -1.92 22.58
CA LEU A 899 -32.38 -1.09 23.77
C LEU A 899 -32.86 -1.86 25.00
N VAL A 900 -33.96 -2.60 24.89
CA VAL A 900 -34.49 -3.28 26.06
C VAL A 900 -33.81 -4.64 26.26
N LEU A 901 -33.44 -5.33 25.18
CA LEU A 901 -32.85 -6.65 25.30
C LEU A 901 -31.40 -6.63 25.77
N PHE A 902 -30.74 -5.46 25.73
CA PHE A 902 -29.38 -5.34 26.24
C PHE A 902 -29.30 -4.54 27.53
N CYS A 903 -30.38 -3.92 27.96
CA CYS A 903 -30.37 -3.14 29.19
C CYS A 903 -30.29 -4.09 30.39
N PRO A 904 -29.37 -3.87 31.33
CA PRO A 904 -29.31 -4.71 32.53
C PRO A 904 -30.48 -4.41 33.46
N PRO A 905 -30.83 -5.35 34.34
CA PRO A 905 -32.01 -5.13 35.21
C PRO A 905 -31.91 -3.93 36.12
N GLU A 906 -30.70 -3.40 36.35
CA GLU A 906 -30.54 -2.28 37.27
C GLU A 906 -31.23 -1.01 36.80
N HIS A 907 -31.61 -0.93 35.53
CA HIS A 907 -32.25 0.25 34.98
C HIS A 907 -33.64 -0.02 34.45
N TYR A 908 -34.21 -1.19 34.73
CA TYR A 908 -35.57 -1.49 34.25
C TYR A 908 -36.58 -0.51 34.82
N GLU A 909 -36.52 -0.26 36.13
CA GLU A 909 -37.37 0.77 36.72
C GLU A 909 -36.99 2.14 36.22
N ALA A 910 -35.70 2.38 35.95
CA ALA A 910 -35.23 3.70 35.58
C ALA A 910 -35.52 4.02 34.11
N LEU A 911 -35.31 3.06 33.21
CA LEU A 911 -35.42 3.30 31.78
C LEU A 911 -36.54 2.51 31.13
N VAL A 912 -36.57 1.19 31.29
CA VAL A 912 -37.35 0.35 30.40
C VAL A 912 -38.85 0.52 30.65
N SER A 913 -39.25 0.52 31.93
CA SER A 913 -40.67 0.64 32.25
C SER A 913 -41.29 1.95 31.79
N PRO A 914 -40.74 3.13 32.12
CA PRO A 914 -41.40 4.39 31.71
C PRO A 914 -41.53 4.55 30.21
N ILE A 915 -40.61 3.97 29.44
CA ILE A 915 -40.73 4.00 27.99
C ILE A 915 -41.76 2.99 27.52
N LEU A 916 -41.74 1.77 28.07
CA LEU A 916 -42.57 0.70 27.56
C LEU A 916 -44.05 0.91 27.86
N GLY A 917 -44.38 1.65 28.93
CA GLY A 917 -45.77 1.90 29.24
C GLY A 917 -46.54 2.57 28.11
N PRO A 918 -46.22 3.84 27.85
CA PRO A 918 -46.92 4.55 26.76
C PRO A 918 -46.65 3.94 25.40
N LEU A 919 -45.48 3.34 25.19
CA LEU A 919 -45.19 2.69 23.91
C LEU A 919 -46.15 1.53 23.67
N PHE A 920 -46.33 0.66 24.66
CA PHE A 920 -47.23 -0.47 24.49
C PHE A 920 -48.68 -0.02 24.39
N THR A 921 -49.06 1.02 25.15
CA THR A 921 -50.42 1.55 25.02
C THR A 921 -50.67 2.05 23.60
N TYR A 922 -49.78 2.90 23.09
CA TYR A 922 -49.97 3.45 21.74
C TYR A 922 -49.95 2.36 20.69
N LEU A 923 -48.98 1.46 20.76
CA LEU A 923 -48.91 0.36 19.79
C LEU A 923 -50.20 -0.44 19.78
N HIS A 924 -50.68 -0.80 20.97
CA HIS A 924 -51.95 -1.53 21.08
C HIS A 924 -53.08 -0.77 20.38
N MET A 925 -53.28 0.50 20.75
CA MET A 925 -54.38 1.27 20.19
C MET A 925 -54.26 1.37 18.67
N ARG A 926 -53.07 1.70 18.17
CA ARG A 926 -52.87 1.86 16.74
C ARG A 926 -53.17 0.58 15.98
N LEU A 927 -52.64 -0.55 16.45
CA LEU A 927 -52.96 -1.82 15.82
C LEU A 927 -54.46 -2.11 15.88
N SER A 928 -55.13 -1.66 16.94
CA SER A 928 -56.57 -1.86 17.04
C SER A 928 -57.31 -1.11 15.95
N GLN A 929 -57.04 0.19 15.81
CA GLN A 929 -57.74 0.98 14.81
C GLN A 929 -57.41 0.52 13.40
N LYS A 930 -56.14 0.17 13.16
CA LYS A 930 -55.73 -0.25 11.83
C LYS A 930 -56.37 -1.59 11.45
N TRP A 931 -56.41 -2.54 12.38
CA TRP A 931 -57.13 -3.78 12.12
C TRP A 931 -58.62 -3.53 11.97
N GLN A 932 -59.15 -2.50 12.63
CA GLN A 932 -60.53 -2.10 12.37
C GLN A 932 -60.71 -1.68 10.91
N VAL A 933 -59.75 -0.91 10.37
CA VAL A 933 -59.79 -0.58 8.95
C VAL A 933 -59.66 -1.83 8.10
N ILE A 934 -58.94 -2.85 8.60
CA ILE A 934 -58.77 -4.08 7.83
C ILE A 934 -60.08 -4.86 7.75
N ASN A 935 -60.80 -4.96 8.87
CA ASN A 935 -62.00 -5.80 8.92
C ASN A 935 -63.17 -5.23 8.11
N GLN A 936 -63.19 -3.92 7.88
CA GLN A 936 -64.29 -3.33 7.12
C GLN A 936 -64.36 -3.89 5.70
N ARG A 937 -63.23 -4.24 5.12
CA ARG A 937 -63.20 -4.78 3.76
C ARG A 937 -63.68 -6.24 3.74
N GLU A 952 -54.47 0.53 -7.13
CA GLU A 952 -54.94 -0.71 -6.53
C GLU A 952 -53.95 -1.23 -5.48
N SER A 953 -52.68 -1.34 -5.88
CA SER A 953 -51.65 -1.81 -4.97
C SER A 953 -51.29 -0.78 -3.90
N GLN A 954 -51.59 0.50 -4.14
CA GLN A 954 -51.33 1.54 -3.17
C GLN A 954 -52.00 1.27 -1.82
N GLU A 955 -53.09 0.48 -1.82
CA GLU A 955 -53.75 0.07 -0.59
C GLU A 955 -53.49 -1.38 -0.23
N MET A 956 -53.10 -2.21 -1.20
CA MET A 956 -52.75 -3.59 -0.90
C MET A 956 -51.43 -3.68 -0.15
N LEU A 957 -50.52 -2.74 -0.39
CA LEU A 957 -49.24 -2.72 0.32
C LEU A 957 -49.43 -2.44 1.81
N GLU A 958 -50.25 -1.43 2.12
CA GLU A 958 -50.40 -0.99 3.50
C GLU A 958 -50.91 -2.11 4.39
N GLU A 959 -51.80 -2.96 3.87
CA GLU A 959 -52.31 -4.09 4.65
C GLU A 959 -51.17 -5.02 5.05
N GLN A 960 -50.34 -5.40 4.10
CA GLN A 960 -49.16 -6.22 4.42
C GLN A 960 -48.28 -5.54 5.44
N LEU A 961 -48.12 -4.21 5.34
CA LEU A 961 -47.41 -3.47 6.36
C LEU A 961 -48.03 -3.67 7.73
N VAL A 962 -49.37 -3.68 7.80
CA VAL A 962 -50.04 -3.91 9.07
C VAL A 962 -49.73 -5.30 9.60
N ARG A 963 -49.77 -6.31 8.72
CA ARG A 963 -49.49 -7.67 9.15
C ARG A 963 -48.08 -7.79 9.72
N MET A 964 -47.08 -7.37 8.94
CA MET A 964 -45.69 -7.52 9.38
C MET A 964 -45.40 -6.69 10.63
N LEU A 965 -45.92 -5.47 10.68
CA LEU A 965 -45.75 -4.65 11.88
C LEU A 965 -46.36 -5.33 13.10
N THR A 966 -47.52 -5.98 12.91
CA THR A 966 -48.14 -6.73 14.00
C THR A 966 -47.25 -7.87 14.45
N ARG A 967 -46.66 -8.61 13.49
CA ARG A 967 -45.73 -9.68 13.86
C ARG A 967 -44.54 -9.14 14.65
N GLU A 968 -44.01 -7.99 14.23
CA GLU A 968 -42.87 -7.41 14.93
C GLU A 968 -43.24 -6.98 16.34
N VAL A 969 -44.44 -6.42 16.52
CA VAL A 969 -44.85 -5.96 17.84
C VAL A 969 -45.08 -7.15 18.77
N MET A 970 -45.83 -8.15 18.30
CA MET A 970 -46.09 -9.32 19.13
C MET A 970 -44.80 -10.06 19.45
N ASP A 971 -43.87 -10.13 18.51
CA ASP A 971 -42.57 -10.73 18.80
C ASP A 971 -41.79 -9.89 19.79
N LEU A 972 -41.97 -8.56 19.77
CA LEU A 972 -41.28 -7.71 20.74
C LEU A 972 -41.81 -7.94 22.15
N ILE A 973 -43.14 -8.06 22.30
CA ILE A 973 -43.72 -8.32 23.60
C ILE A 973 -43.34 -9.71 24.08
N THR A 974 -43.36 -10.70 23.19
CA THR A 974 -43.05 -12.08 23.57
C THR A 974 -41.59 -12.23 23.98
N VAL A 975 -40.67 -11.73 23.15
CA VAL A 975 -39.26 -11.78 23.50
C VAL A 975 -38.95 -10.89 24.71
N CYS A 976 -39.79 -9.88 24.95
CA CYS A 976 -39.56 -8.94 26.04
C CYS A 976 -40.09 -9.42 27.38
N CYS A 977 -41.07 -10.34 27.39
CA CYS A 977 -41.73 -10.74 28.63
C CYS A 977 -41.48 -12.19 29.00
N VAL A 978 -41.80 -13.14 28.12
CA VAL A 978 -41.82 -14.55 28.47
C VAL A 978 -40.53 -15.22 27.97
N SER A 979 -40.10 -16.24 28.70
CA SER A 979 -38.91 -17.01 28.33
C SER A 979 -39.28 -18.18 27.44
N GLU A 1010 -41.89 -19.20 33.49
CA GLU A 1010 -42.22 -18.73 32.15
C GLU A 1010 -41.81 -17.27 31.96
N LEU A 1011 -42.28 -16.41 32.85
CA LEU A 1011 -41.98 -14.99 32.75
C LEU A 1011 -40.51 -14.72 33.04
N THR A 1012 -40.05 -13.54 32.66
CA THR A 1012 -38.69 -13.09 32.88
C THR A 1012 -38.69 -12.00 33.95
N ASP A 1013 -37.51 -11.77 34.53
CA ASP A 1013 -37.36 -10.69 35.50
C ASP A 1013 -37.80 -9.35 34.91
N LEU A 1014 -37.60 -9.16 33.60
CA LEU A 1014 -38.17 -7.99 32.94
C LEU A 1014 -39.67 -8.13 32.75
N GLY A 1015 -40.13 -9.34 32.44
CA GLY A 1015 -41.57 -9.57 32.33
C GLY A 1015 -42.28 -9.40 33.67
N LYS A 1016 -41.70 -9.95 34.73
CA LYS A 1016 -42.28 -9.77 36.07
C LYS A 1016 -42.19 -8.30 36.49
N CYS A 1017 -41.03 -7.67 36.27
CA CYS A 1017 -40.83 -6.29 36.68
C CYS A 1017 -41.82 -5.36 35.98
N LEU A 1018 -41.96 -5.50 34.66
CA LEU A 1018 -42.98 -4.74 33.95
C LEU A 1018 -44.38 -5.10 34.44
N MET A 1019 -44.59 -6.36 34.81
CA MET A 1019 -45.89 -6.79 35.28
C MET A 1019 -46.21 -6.20 36.65
N LYS A 1020 -45.20 -6.00 37.49
CA LYS A 1020 -45.41 -5.41 38.82
C LYS A 1020 -45.71 -3.92 38.75
N HIS A 1021 -45.70 -3.32 37.56
CA HIS A 1021 -46.09 -1.92 37.38
C HIS A 1021 -47.49 -1.86 36.80
N GLU A 1022 -48.23 -0.80 37.15
CA GLU A 1022 -49.65 -0.76 36.87
C GLU A 1022 -49.93 -0.51 35.38
N ASP A 1023 -49.33 0.53 34.81
CA ASP A 1023 -49.63 0.89 33.42
C ASP A 1023 -49.15 -0.18 32.45
N VAL A 1024 -47.89 -0.60 32.59
CA VAL A 1024 -47.30 -1.55 31.63
C VAL A 1024 -48.05 -2.86 31.68
N CYS A 1025 -48.48 -3.30 32.86
CA CYS A 1025 -49.27 -4.52 32.97
C CYS A 1025 -50.57 -4.40 32.19
N THR A 1026 -51.32 -3.32 32.42
CA THR A 1026 -52.60 -3.13 31.75
C THR A 1026 -52.42 -3.11 30.22
N ALA A 1027 -51.56 -2.21 29.73
CA ALA A 1027 -51.36 -2.11 28.29
C ALA A 1027 -50.90 -3.45 27.70
N LEU A 1028 -50.03 -4.16 28.42
CA LEU A 1028 -49.53 -5.45 27.96
C LEU A 1028 -50.66 -6.45 27.80
N LEU A 1029 -51.48 -6.61 28.85
CA LEU A 1029 -52.55 -7.61 28.82
C LEU A 1029 -53.61 -7.25 27.78
N ILE A 1030 -53.98 -5.96 27.69
CA ILE A 1030 -54.96 -5.54 26.71
C ILE A 1030 -54.46 -5.84 25.30
N THR A 1031 -53.19 -5.52 25.03
CA THR A 1031 -52.60 -5.83 23.72
C THR A 1031 -52.65 -7.32 23.44
N ALA A 1032 -52.20 -8.13 24.40
CA ALA A 1032 -52.14 -9.57 24.20
C ALA A 1032 -53.51 -10.16 23.91
N PHE A 1033 -54.52 -9.77 24.69
CA PHE A 1033 -55.83 -10.41 24.54
C PHE A 1033 -56.61 -9.87 23.35
N ASN A 1034 -56.59 -8.56 23.12
CA ASN A 1034 -57.30 -8.06 21.95
C ASN A 1034 -56.54 -8.35 20.65
N SER A 1035 -55.30 -8.82 20.75
CA SER A 1035 -54.58 -9.26 19.55
C SER A 1035 -55.17 -10.54 18.97
N LEU A 1036 -55.87 -11.33 19.78
CA LEU A 1036 -56.49 -12.55 19.28
C LEU A 1036 -57.57 -12.27 18.25
N ALA A 1037 -58.12 -11.04 18.24
CA ALA A 1037 -59.16 -10.68 17.29
C ALA A 1037 -58.61 -10.28 15.92
N TRP A 1038 -57.30 -10.12 15.77
CA TRP A 1038 -56.75 -9.83 14.46
C TRP A 1038 -56.90 -11.05 13.55
N LYS A 1039 -56.93 -10.79 12.24
CA LYS A 1039 -57.04 -11.85 11.25
C LYS A 1039 -55.66 -12.47 10.97
N ASP A 1040 -55.06 -12.99 12.03
CA ASP A 1040 -53.72 -13.57 11.97
C ASP A 1040 -53.70 -14.81 12.86
N THR A 1041 -53.66 -15.99 12.24
CA THR A 1041 -53.78 -17.24 12.98
C THR A 1041 -52.43 -17.66 13.60
N LEU A 1042 -51.37 -17.62 12.81
CA LEU A 1042 -50.05 -17.98 13.31
C LEU A 1042 -49.69 -17.19 14.56
N SER A 1043 -50.20 -15.96 14.67
CA SER A 1043 -49.94 -15.17 15.87
C SER A 1043 -50.84 -15.56 17.04
N CYS A 1044 -52.11 -15.93 16.78
CA CYS A 1044 -52.96 -16.29 17.91
C CYS A 1044 -52.52 -17.60 18.54
N GLN A 1045 -52.02 -18.54 17.74
CA GLN A 1045 -51.52 -19.80 18.32
C GLN A 1045 -50.38 -19.55 19.31
N ARG A 1046 -49.43 -18.70 18.91
CA ARG A 1046 -48.31 -18.40 19.79
C ARG A 1046 -48.74 -17.51 20.96
N THR A 1047 -49.72 -16.64 20.75
CA THR A 1047 -50.11 -15.67 21.77
C THR A 1047 -50.87 -16.35 22.90
N THR A 1048 -51.83 -17.21 22.57
CA THR A 1048 -52.62 -17.87 23.62
C THR A 1048 -51.74 -18.76 24.49
N SER A 1049 -50.86 -19.54 23.87
CA SER A 1049 -50.10 -20.55 24.59
C SER A 1049 -48.92 -19.96 25.36
N GLN A 1050 -48.28 -18.92 24.83
CA GLN A 1050 -47.03 -18.41 25.40
C GLN A 1050 -47.17 -17.06 26.09
N LEU A 1051 -48.25 -16.31 25.83
CA LEU A 1051 -48.35 -14.94 26.30
C LEU A 1051 -49.47 -14.75 27.32
N CYS A 1052 -50.71 -15.09 26.97
CA CYS A 1052 -51.86 -14.68 27.79
C CYS A 1052 -51.82 -15.30 29.19
N TRP A 1053 -51.70 -16.63 29.25
CA TRP A 1053 -51.85 -17.34 30.52
C TRP A 1053 -50.75 -17.03 31.53
N PRO A 1054 -49.49 -16.83 31.12
CA PRO A 1054 -48.51 -16.31 32.10
C PRO A 1054 -48.88 -14.95 32.65
N LEU A 1055 -49.48 -14.08 31.83
CA LEU A 1055 -49.93 -12.79 32.32
C LEU A 1055 -51.02 -12.96 33.37
N LEU A 1056 -52.12 -13.61 33.00
CA LEU A 1056 -53.24 -13.78 33.93
C LEU A 1056 -52.81 -14.52 35.18
N LYS A 1057 -52.03 -15.60 35.02
CA LYS A 1057 -51.49 -16.32 36.18
C LYS A 1057 -50.64 -15.41 37.05
N GLN A 1058 -49.94 -14.45 36.44
CA GLN A 1058 -49.15 -13.51 37.22
C GLN A 1058 -50.01 -12.45 37.90
N VAL A 1059 -51.25 -12.23 37.44
CA VAL A 1059 -52.12 -11.24 38.07
C VAL A 1059 -53.42 -11.89 38.54
N LEU A 1060 -53.39 -13.18 38.85
CA LEU A 1060 -54.57 -13.85 39.37
C LEU A 1060 -54.80 -13.49 40.84
N SER A 1061 -53.76 -13.57 41.65
CA SER A 1061 -53.87 -13.27 43.08
C SER A 1061 -53.95 -11.77 43.27
N GLY A 1062 -55.13 -11.28 43.65
CA GLY A 1062 -55.33 -9.87 43.91
C GLY A 1062 -56.63 -9.41 43.32
N THR A 1063 -56.76 -8.09 43.19
CA THR A 1063 -57.98 -7.48 42.68
C THR A 1063 -58.05 -7.60 41.16
N LEU A 1064 -59.22 -7.99 40.66
CA LEU A 1064 -59.52 -7.99 39.23
C LEU A 1064 -60.75 -7.13 39.00
N LEU A 1065 -60.74 -6.39 37.89
CA LEU A 1065 -61.81 -5.45 37.60
C LEU A 1065 -63.14 -6.19 37.45
N ALA A 1066 -64.23 -5.50 37.82
CA ALA A 1066 -65.53 -6.15 37.87
C ALA A 1066 -66.06 -6.49 36.48
N ASP A 1067 -65.61 -5.77 35.45
CA ASP A 1067 -66.11 -6.00 34.09
C ASP A 1067 -65.01 -6.14 33.05
N ALA A 1068 -63.77 -5.73 33.33
CA ALA A 1068 -62.68 -6.05 32.42
C ALA A 1068 -62.49 -7.55 32.29
N VAL A 1069 -63.00 -8.33 33.26
CA VAL A 1069 -63.09 -9.78 33.09
C VAL A 1069 -64.07 -10.11 31.96
N THR A 1070 -65.20 -9.41 31.91
CA THR A 1070 -66.15 -9.60 30.82
C THR A 1070 -65.53 -9.21 29.48
N TRP A 1071 -64.80 -8.08 29.45
CA TRP A 1071 -64.11 -7.70 28.23
C TRP A 1071 -63.07 -8.75 27.82
N LEU A 1072 -62.41 -9.36 28.80
CA LEU A 1072 -61.37 -10.33 28.52
C LEU A 1072 -61.95 -11.62 27.94
N PHE A 1073 -62.87 -12.24 28.68
CA PHE A 1073 -63.53 -13.45 28.20
C PHE A 1073 -64.22 -13.20 26.87
N THR A 1074 -64.85 -12.03 26.72
CA THR A 1074 -65.50 -11.71 25.45
C THR A 1074 -64.48 -11.49 24.34
N SER A 1075 -63.26 -11.07 24.69
CA SER A 1075 -62.21 -10.95 23.68
C SER A 1075 -61.74 -12.32 23.21
N VAL A 1076 -61.60 -13.27 24.13
CA VAL A 1076 -61.28 -14.63 23.74
C VAL A 1076 -62.41 -15.22 22.89
N LEU A 1077 -63.65 -14.87 23.22
CA LEU A 1077 -64.78 -15.29 22.39
C LEU A 1077 -64.69 -14.67 21.00
N LYS A 1078 -64.24 -13.42 20.92
CA LYS A 1078 -63.99 -12.82 19.62
C LYS A 1078 -62.92 -13.59 18.86
N GLY A 1079 -61.89 -14.06 19.57
CA GLY A 1079 -60.90 -14.91 18.93
C GLY A 1079 -61.49 -16.20 18.41
N LEU A 1080 -62.45 -16.77 19.14
CA LEU A 1080 -63.13 -17.96 18.65
C LEU A 1080 -64.01 -17.67 17.44
N GLN A 1081 -64.61 -16.47 17.39
CA GLN A 1081 -65.48 -16.13 16.27
C GLN A 1081 -64.67 -15.81 15.01
N MET A 1082 -63.47 -15.24 15.17
CA MET A 1082 -62.69 -14.81 14.02
C MET A 1082 -62.02 -15.99 13.33
N HIS A 1083 -61.27 -16.79 14.09
CA HIS A 1083 -60.56 -17.92 13.48
C HIS A 1083 -61.47 -19.13 13.30
N GLY A 1084 -61.95 -19.68 14.42
CA GLY A 1084 -63.02 -20.66 14.36
C GLY A 1084 -62.62 -22.03 13.84
N GLN A 1085 -62.31 -22.10 12.55
CA GLN A 1085 -62.12 -23.39 11.88
C GLN A 1085 -60.70 -23.91 11.96
N HIS A 1086 -59.70 -23.00 12.03
CA HIS A 1086 -58.32 -23.44 12.15
C HIS A 1086 -58.15 -24.29 13.42
N ASP A 1087 -57.81 -25.56 13.23
CA ASP A 1087 -57.79 -26.51 14.34
C ASP A 1087 -56.91 -26.04 15.49
N GLY A 1088 -55.79 -25.38 15.17
CA GLY A 1088 -54.84 -24.94 16.17
C GLY A 1088 -55.36 -23.85 17.09
N CYS A 1089 -55.69 -22.67 16.54
CA CYS A 1089 -56.23 -21.62 17.39
C CYS A 1089 -57.61 -21.96 17.93
N MET A 1090 -58.35 -22.87 17.28
CA MET A 1090 -59.59 -23.34 17.87
C MET A 1090 -59.32 -24.12 19.15
N ALA A 1091 -58.38 -25.08 19.10
CA ALA A 1091 -58.10 -25.89 20.28
C ALA A 1091 -57.44 -25.04 21.37
N SER A 1092 -56.42 -24.26 21.02
CA SER A 1092 -55.72 -23.48 22.03
C SER A 1092 -56.60 -22.37 22.60
N LEU A 1093 -57.39 -21.72 21.74
CA LEU A 1093 -58.31 -20.69 22.23
C LEU A 1093 -59.39 -21.30 23.13
N VAL A 1094 -59.91 -22.47 22.76
CA VAL A 1094 -60.89 -23.14 23.61
C VAL A 1094 -60.27 -23.49 24.95
N HIS A 1095 -59.01 -23.95 24.96
CA HIS A 1095 -58.34 -24.24 26.22
C HIS A 1095 -58.17 -22.99 27.07
N LEU A 1096 -57.78 -21.89 26.44
CA LEU A 1096 -57.60 -20.64 27.18
C LEU A 1096 -58.91 -20.18 27.81
N ALA A 1097 -59.97 -20.11 27.00
CA ALA A 1097 -61.27 -19.70 27.53
C ALA A 1097 -61.76 -20.65 28.61
N PHE A 1098 -61.44 -21.94 28.49
CA PHE A 1098 -61.82 -22.91 29.51
C PHE A 1098 -61.11 -22.64 30.83
N GLN A 1099 -59.81 -22.34 30.77
CA GLN A 1099 -59.08 -21.96 31.98
C GLN A 1099 -59.65 -20.69 32.58
N ILE A 1100 -59.98 -19.72 31.73
CA ILE A 1100 -60.51 -18.44 32.23
C ILE A 1100 -61.85 -18.65 32.92
N TYR A 1101 -62.72 -19.47 32.34
CA TYR A 1101 -64.04 -19.69 32.93
C TYR A 1101 -63.93 -20.51 34.21
N GLU A 1102 -63.13 -21.57 34.21
CA GLU A 1102 -62.99 -22.37 35.41
C GLU A 1102 -62.23 -21.65 36.52
N ALA A 1103 -61.47 -20.61 36.19
CA ALA A 1103 -60.71 -19.88 37.20
C ALA A 1103 -61.40 -18.60 37.66
N LEU A 1104 -62.35 -18.07 36.90
CA LEU A 1104 -62.94 -16.77 37.19
C LEU A 1104 -64.46 -16.79 37.37
N ARG A 1105 -65.14 -17.90 37.09
CA ARG A 1105 -66.58 -17.93 37.30
C ARG A 1105 -66.95 -18.01 38.77
N PRO A 1106 -66.33 -18.86 39.60
CA PRO A 1106 -66.70 -18.86 41.02
C PRO A 1106 -66.49 -17.53 41.73
N ARG A 1107 -65.63 -16.66 41.21
CA ARG A 1107 -65.38 -15.37 41.83
C ARG A 1107 -66.23 -14.25 41.22
N TYR A 1108 -66.63 -14.38 39.96
CA TYR A 1108 -67.37 -13.33 39.27
C TYR A 1108 -68.52 -13.95 38.51
N LEU A 1109 -69.72 -13.40 38.70
CA LEU A 1109 -70.94 -13.91 38.09
C LEU A 1109 -71.20 -13.31 36.71
N GLU A 1110 -70.50 -12.24 36.34
CA GLU A 1110 -70.80 -11.53 35.11
C GLU A 1110 -70.51 -12.35 33.86
N ILE A 1111 -69.74 -13.43 33.97
CA ILE A 1111 -69.36 -14.19 32.78
C ILE A 1111 -70.50 -15.06 32.29
N ARG A 1112 -71.37 -15.53 33.20
CA ARG A 1112 -72.43 -16.43 32.78
C ARG A 1112 -73.39 -15.78 31.79
N ALA A 1113 -73.60 -14.47 31.90
CA ALA A 1113 -74.41 -13.77 30.91
C ALA A 1113 -73.70 -13.72 29.57
N VAL A 1114 -72.39 -13.49 29.57
CA VAL A 1114 -71.60 -13.55 28.35
C VAL A 1114 -71.71 -14.93 27.71
N MET A 1115 -71.87 -15.97 28.53
CA MET A 1115 -72.14 -17.29 27.97
C MET A 1115 -73.58 -17.39 27.47
N GLU A 1116 -74.50 -16.65 28.09
CA GLU A 1116 -75.90 -16.70 27.67
C GLU A 1116 -76.10 -16.04 26.30
N GLN A 1117 -75.29 -15.03 25.97
CA GLN A 1117 -75.41 -14.39 24.67
C GLN A 1117 -74.84 -15.25 23.53
N ILE A 1118 -74.16 -16.35 23.86
CA ILE A 1118 -73.59 -17.21 22.82
C ILE A 1118 -74.71 -17.84 22.02
N PRO A 1119 -74.61 -17.90 20.68
CA PRO A 1119 -75.71 -18.46 19.88
C PRO A 1119 -75.90 -19.95 20.14
N GLU A 1120 -77.16 -20.34 20.32
CA GLU A 1120 -77.56 -21.74 20.43
C GLU A 1120 -76.85 -22.45 21.58
N ILE A 1121 -76.84 -21.82 22.74
CA ILE A 1121 -76.35 -22.42 23.98
C ILE A 1121 -77.57 -22.76 24.85
N GLN A 1122 -77.48 -23.88 25.56
CA GLN A 1122 -78.58 -24.33 26.41
C GLN A 1122 -78.29 -23.93 27.86
N LYS A 1123 -79.24 -23.22 28.46
CA LYS A 1123 -79.09 -22.80 29.85
C LYS A 1123 -79.16 -23.98 30.80
N ASP A 1124 -79.92 -25.02 30.45
CA ASP A 1124 -80.14 -26.14 31.35
C ASP A 1124 -78.85 -26.93 31.62
N SER A 1125 -77.97 -27.05 30.62
CA SER A 1125 -76.68 -27.68 30.87
C SER A 1125 -75.67 -26.71 31.46
N LEU A 1126 -75.84 -25.41 31.17
CA LEU A 1126 -74.99 -24.39 31.79
C LEU A 1126 -75.15 -24.39 33.30
N ASP A 1127 -76.40 -24.51 33.78
CA ASP A 1127 -76.65 -24.55 35.21
C ASP A 1127 -76.01 -25.79 35.84
N GLN A 1128 -75.99 -26.90 35.12
CA GLN A 1128 -75.31 -28.09 35.62
C GLN A 1128 -73.80 -27.87 35.68
N PHE A 1129 -73.24 -27.22 34.66
CA PHE A 1129 -71.81 -26.95 34.66
C PHE A 1129 -71.42 -26.06 35.83
N ASP A 1130 -72.23 -25.03 36.12
CA ASP A 1130 -71.94 -24.18 37.27
C ASP A 1130 -72.20 -24.90 38.59
N CYS A 1131 -73.18 -25.80 38.62
CA CYS A 1131 -73.45 -26.58 39.83
C CYS A 1131 -72.25 -27.45 40.19
N LYS A 1132 -71.73 -28.20 39.22
CA LYS A 1132 -70.51 -28.97 39.48
C LYS A 1132 -69.33 -28.05 39.73
N LEU A 1133 -69.35 -26.84 39.15
CA LEU A 1133 -68.28 -25.88 39.40
C LEU A 1133 -68.23 -25.47 40.87
N LEU A 1134 -69.39 -25.28 41.50
CA LEU A 1134 -69.41 -24.84 42.88
C LEU A 1134 -69.01 -25.96 43.85
N ASN A 1135 -69.27 -27.21 43.47
CA ASN A 1135 -68.98 -28.33 44.37
C ASN A 1135 -67.47 -28.43 44.61
N PRO A 1136 -67.05 -28.70 45.86
CA PRO A 1136 -65.64 -28.83 46.24
C PRO A 1136 -64.88 -29.84 45.40
N UNK B 1 -61.70 -33.67 33.67
CA UNK B 1 -60.67 -32.80 33.10
C UNK B 1 -60.97 -32.50 31.63
N UNK B 2 -60.64 -33.44 30.76
CA UNK B 2 -60.88 -33.28 29.34
C UNK B 2 -62.38 -33.31 29.04
N UNK B 3 -63.13 -34.07 29.84
CA UNK B 3 -64.57 -34.18 29.67
C UNK B 3 -65.26 -32.85 30.01
N UNK B 4 -64.77 -32.20 31.06
CA UNK B 4 -65.29 -30.90 31.45
C UNK B 4 -65.03 -29.88 30.36
N UNK B 5 -63.83 -29.95 29.77
CA UNK B 5 -63.46 -29.08 28.67
C UNK B 5 -64.30 -29.38 27.44
N UNK B 6 -64.74 -30.63 27.31
CA UNK B 6 -65.59 -31.04 26.21
C UNK B 6 -67.00 -30.47 26.38
N UNK B 7 -67.47 -30.47 27.62
CA UNK B 7 -68.79 -29.90 27.92
C UNK B 7 -68.79 -28.39 27.70
N UNK B 8 -67.72 -27.74 28.18
CA UNK B 8 -67.54 -26.31 28.00
C UNK B 8 -67.46 -25.97 26.51
N UNK B 9 -66.73 -26.80 25.76
CA UNK B 9 -66.59 -26.59 24.32
C UNK B 9 -67.93 -26.79 23.62
N UNK B 10 -68.75 -27.68 24.17
CA UNK B 10 -70.08 -27.93 23.61
C UNK B 10 -71.01 -26.76 23.90
N UNK B 11 -70.75 -26.07 25.01
CA UNK B 11 -71.57 -24.92 25.39
C UNK B 11 -71.14 -23.64 24.69
N UNK B 12 -69.86 -23.56 24.33
CA UNK B 12 -69.30 -22.33 23.78
C UNK B 12 -69.34 -22.26 22.25
N UNK B 13 -69.89 -23.29 21.62
CA UNK B 13 -69.92 -23.37 20.15
C UNK B 13 -70.73 -22.22 19.56
N PRO C 7 -59.64 -18.55 -37.97
CA PRO C 7 -60.08 -19.75 -37.25
C PRO C 7 -59.57 -21.04 -37.89
N GLN C 8 -58.32 -21.41 -37.58
CA GLN C 8 -57.67 -22.56 -38.20
C GLN C 8 -58.05 -23.89 -37.55
N VAL C 9 -58.06 -23.96 -36.22
CA VAL C 9 -58.36 -25.20 -35.52
C VAL C 9 -59.25 -24.90 -34.31
N GLN C 10 -60.10 -25.86 -33.96
CA GLN C 10 -60.93 -25.78 -32.76
C GLN C 10 -60.40 -26.75 -31.71
N PHE C 11 -60.55 -26.36 -30.44
CA PHE C 11 -60.23 -27.22 -29.32
C PHE C 11 -61.40 -27.25 -28.36
N LYS C 12 -61.74 -28.44 -27.88
CA LYS C 12 -62.78 -28.59 -26.87
C LYS C 12 -62.16 -28.40 -25.48
N LEU C 13 -62.65 -27.40 -24.76
CA LEU C 13 -62.18 -27.08 -23.42
C LEU C 13 -63.34 -27.22 -22.46
N VAL C 14 -63.18 -28.03 -21.43
CA VAL C 14 -64.23 -28.24 -20.44
C VAL C 14 -63.89 -27.42 -19.19
N LEU C 15 -64.82 -26.57 -18.76
CA LEU C 15 -64.62 -25.69 -17.62
C LEU C 15 -65.44 -26.21 -16.45
N VAL C 16 -64.76 -26.78 -15.46
CA VAL C 16 -65.42 -27.39 -14.32
C VAL C 16 -64.96 -26.72 -13.03
N GLY C 17 -65.65 -27.07 -11.95
CA GLY C 17 -65.35 -26.54 -10.63
C GLY C 17 -66.57 -26.58 -9.75
N ASP C 18 -66.37 -26.25 -8.47
CA ASP C 18 -67.48 -26.19 -7.54
C ASP C 18 -68.42 -25.05 -7.92
N GLY C 19 -69.62 -25.10 -7.34
CA GLY C 19 -70.60 -24.06 -7.61
C GLY C 19 -70.18 -22.75 -6.96
N GLY C 20 -70.30 -21.67 -7.71
CA GLY C 20 -69.96 -20.35 -7.20
C GLY C 20 -68.49 -19.99 -7.26
N THR C 21 -67.66 -20.79 -7.94
CA THR C 21 -66.24 -20.48 -8.02
C THR C 21 -65.95 -19.33 -8.98
N GLY C 22 -66.91 -18.97 -9.83
CA GLY C 22 -66.76 -17.85 -10.73
C GLY C 22 -66.32 -18.19 -12.14
N LYS C 23 -66.75 -19.32 -12.68
CA LYS C 23 -66.31 -19.72 -14.01
C LYS C 23 -67.19 -19.15 -15.13
N THR C 24 -68.52 -19.10 -14.92
CA THR C 24 -69.39 -18.42 -15.88
C THR C 24 -69.03 -16.94 -15.96
N THR C 25 -68.71 -16.33 -14.83
CA THR C 25 -68.24 -14.95 -14.84
C THR C 25 -66.90 -14.83 -15.56
N PHE C 26 -66.08 -15.88 -15.49
CA PHE C 26 -64.79 -15.86 -16.19
C PHE C 26 -64.98 -15.86 -17.69
N VAL C 27 -65.75 -16.83 -18.21
CA VAL C 27 -65.96 -16.89 -19.65
C VAL C 27 -66.76 -15.68 -20.13
N LYS C 28 -67.75 -15.24 -19.35
CA LYS C 28 -68.51 -14.06 -19.72
C LYS C 28 -67.62 -12.83 -19.80
N ARG C 29 -66.67 -12.72 -18.88
CA ARG C 29 -65.73 -11.59 -18.93
C ARG C 29 -64.80 -11.70 -20.13
N HIS C 30 -64.39 -12.92 -20.50
CA HIS C 30 -63.59 -13.08 -21.70
C HIS C 30 -64.38 -12.69 -22.96
N LEU C 31 -65.64 -13.10 -23.04
CA LEU C 31 -66.42 -12.90 -24.26
C LEU C 31 -66.85 -11.44 -24.41
N THR C 32 -67.46 -10.88 -23.37
CA THR C 32 -68.11 -9.59 -23.46
C THR C 32 -67.41 -8.49 -22.67
N GLY C 33 -66.46 -8.83 -21.82
CA GLY C 33 -65.85 -7.82 -20.97
C GLY C 33 -66.81 -7.23 -19.96
N GLU C 34 -67.79 -8.02 -19.52
CA GLU C 34 -68.79 -7.58 -18.55
C GLU C 34 -68.68 -8.42 -17.29
N PHE C 35 -68.78 -7.77 -16.15
CA PHE C 35 -68.78 -8.43 -14.86
C PHE C 35 -70.20 -8.52 -14.33
N GLU C 36 -70.64 -9.73 -14.02
CA GLU C 36 -71.97 -9.96 -13.46
C GLU C 36 -71.84 -10.14 -11.95
N LYS C 37 -72.27 -9.13 -11.20
CA LYS C 37 -72.20 -9.20 -9.75
C LYS C 37 -73.10 -10.31 -9.20
N LYS C 38 -74.25 -10.53 -9.83
CA LYS C 38 -75.21 -11.51 -9.34
C LYS C 38 -74.80 -12.91 -9.76
N TYR C 39 -75.12 -13.89 -8.91
CA TYR C 39 -74.78 -15.28 -9.13
C TYR C 39 -76.05 -16.04 -9.52
N VAL C 40 -76.10 -16.49 -10.78
CA VAL C 40 -77.18 -17.32 -11.28
C VAL C 40 -76.56 -18.62 -11.77
N ALA C 41 -76.88 -19.72 -11.10
CA ALA C 41 -76.20 -20.98 -11.37
C ALA C 41 -76.51 -21.48 -12.77
N THR C 42 -75.51 -22.14 -13.37
CA THR C 42 -75.68 -22.70 -14.70
C THR C 42 -76.55 -23.94 -14.66
N LEU C 43 -77.43 -24.09 -15.65
CA LEU C 43 -78.26 -25.26 -15.80
C LEU C 43 -77.60 -26.17 -16.84
N GLY C 44 -76.90 -27.19 -16.38
CA GLY C 44 -76.21 -28.10 -17.27
C GLY C 44 -74.88 -27.58 -17.75
N VAL C 45 -74.83 -27.13 -19.00
CA VAL C 45 -73.61 -26.57 -19.58
C VAL C 45 -74.00 -25.44 -20.51
N GLU C 46 -73.09 -24.48 -20.65
CA GLU C 46 -73.26 -23.36 -21.59
C GLU C 46 -71.98 -23.25 -22.40
N VAL C 47 -72.07 -23.55 -23.69
CA VAL C 47 -70.91 -23.56 -24.57
C VAL C 47 -70.74 -22.19 -25.19
N HIS C 48 -69.51 -21.67 -25.16
CA HIS C 48 -69.19 -20.38 -25.73
C HIS C 48 -67.93 -20.47 -26.57
N PRO C 49 -67.85 -19.72 -27.67
CA PRO C 49 -66.63 -19.70 -28.47
C PRO C 49 -65.69 -18.58 -28.06
N LEU C 50 -64.40 -18.92 -28.02
CA LEU C 50 -63.34 -17.98 -27.65
C LEU C 50 -62.23 -18.07 -28.69
N VAL C 51 -62.13 -17.06 -29.55
CA VAL C 51 -61.12 -17.02 -30.61
C VAL C 51 -59.96 -16.17 -30.12
N PHE C 52 -58.75 -16.72 -30.24
CA PHE C 52 -57.52 -16.00 -29.93
C PHE C 52 -56.69 -15.87 -31.19
N HIS C 53 -56.01 -14.73 -31.35
CA HIS C 53 -55.17 -14.47 -32.51
C HIS C 53 -53.72 -14.56 -32.06
N THR C 54 -53.00 -15.56 -32.59
CA THR C 54 -51.63 -15.85 -32.19
C THR C 54 -50.69 -15.64 -33.36
N ASN C 55 -49.39 -15.71 -33.07
CA ASN C 55 -48.37 -15.65 -34.11
C ASN C 55 -48.46 -16.83 -35.06
N ARG C 56 -49.13 -17.92 -34.65
CA ARG C 56 -49.38 -19.06 -35.51
C ARG C 56 -50.76 -19.03 -36.14
N GLY C 57 -51.48 -17.90 -36.02
CA GLY C 57 -52.79 -17.77 -36.59
C GLY C 57 -53.89 -17.79 -35.55
N PRO C 58 -55.15 -17.77 -36.01
CA PRO C 58 -56.27 -17.82 -35.07
C PRO C 58 -56.54 -19.23 -34.58
N ILE C 59 -56.81 -19.35 -33.28
CA ILE C 59 -57.12 -20.60 -32.62
C ILE C 59 -58.47 -20.44 -31.92
N LYS C 60 -59.36 -21.40 -32.09
CA LYS C 60 -60.69 -21.35 -31.50
C LYS C 60 -60.78 -22.32 -30.34
N PHE C 61 -61.43 -21.86 -29.26
CA PHE C 61 -61.70 -22.67 -28.07
C PHE C 61 -63.21 -22.74 -27.88
N ASN C 62 -63.76 -23.93 -28.06
CA ASN C 62 -65.14 -24.20 -27.67
C ASN C 62 -65.14 -24.55 -26.19
N VAL C 63 -65.51 -23.59 -25.34
CA VAL C 63 -65.48 -23.79 -23.91
C VAL C 63 -66.87 -24.23 -23.45
N TRP C 64 -66.93 -25.39 -22.82
CA TRP C 64 -68.16 -25.95 -22.27
C TRP C 64 -68.18 -25.57 -20.80
N ASP C 65 -68.95 -24.53 -20.49
CA ASP C 65 -69.00 -23.95 -19.15
C ASP C 65 -69.95 -24.78 -18.31
N THR C 66 -69.40 -25.58 -17.41
CA THR C 66 -70.13 -26.62 -16.71
C THR C 66 -70.79 -26.08 -15.44
N ALA C 67 -71.97 -26.59 -15.14
CA ALA C 67 -72.62 -26.30 -13.87
C ALA C 67 -71.84 -26.94 -12.72
N GLY C 68 -71.61 -26.18 -11.67
CA GLY C 68 -70.80 -26.66 -10.55
C GLY C 68 -71.59 -27.37 -9.47
N GLN C 69 -72.90 -27.17 -9.43
CA GLN C 69 -73.75 -27.74 -8.41
C GLN C 69 -74.37 -29.05 -8.89
N GLU C 70 -74.53 -30.00 -7.97
CA GLU C 70 -75.00 -31.32 -8.36
C GLU C 70 -76.45 -31.29 -8.83
N LYS C 71 -77.29 -30.48 -8.17
CA LYS C 71 -78.70 -30.42 -8.56
C LYS C 71 -78.87 -29.79 -9.94
N PHE C 72 -77.94 -28.94 -10.36
CA PHE C 72 -78.02 -28.27 -11.66
C PHE C 72 -77.06 -28.85 -12.68
N GLY C 73 -76.28 -29.86 -12.31
CA GLY C 73 -75.48 -30.55 -13.32
C GLY C 73 -76.36 -31.33 -14.27
N GLY C 74 -75.96 -31.37 -15.53
CA GLY C 74 -76.73 -32.07 -16.53
C GLY C 74 -76.21 -33.47 -16.75
N LEU C 75 -75.55 -33.68 -17.89
CA LEU C 75 -74.78 -34.90 -18.13
C LEU C 75 -73.33 -34.57 -17.81
N ARG C 76 -73.03 -34.55 -16.51
CA ARG C 76 -71.79 -33.92 -16.03
C ARG C 76 -70.56 -34.52 -16.69
N ASP C 77 -70.23 -35.78 -16.40
CA ASP C 77 -69.10 -36.40 -17.08
C ASP C 77 -69.38 -36.58 -18.56
N GLY C 78 -70.65 -36.69 -18.95
CA GLY C 78 -71.02 -36.70 -20.35
C GLY C 78 -70.64 -35.43 -21.09
N TYR C 79 -70.45 -34.32 -20.37
CA TYR C 79 -69.97 -33.11 -21.02
C TYR C 79 -68.49 -33.20 -21.35
N TYR C 80 -67.75 -34.09 -20.69
CA TYR C 80 -66.32 -34.19 -20.90
C TYR C 80 -65.96 -35.00 -22.13
N ILE C 81 -66.95 -35.56 -22.84
CA ILE C 81 -66.67 -36.48 -23.92
C ILE C 81 -65.95 -35.75 -25.05
N GLN C 82 -64.85 -36.34 -25.52
CA GLN C 82 -64.03 -35.78 -26.61
C GLN C 82 -63.47 -34.41 -26.26
N ALA C 83 -63.15 -34.19 -24.97
CA ALA C 83 -62.53 -32.94 -24.56
C ALA C 83 -61.02 -32.99 -24.79
N GLN C 84 -60.48 -31.89 -25.31
CA GLN C 84 -59.05 -31.81 -25.59
C GLN C 84 -58.28 -31.02 -24.53
N CYS C 85 -58.97 -30.29 -23.66
CA CYS C 85 -58.30 -29.62 -22.55
C CYS C 85 -59.34 -29.30 -21.48
N ALA C 86 -58.85 -29.10 -20.26
CA ALA C 86 -59.74 -28.87 -19.13
C ALA C 86 -59.21 -27.72 -18.26
N ILE C 87 -60.14 -27.06 -17.59
CA ILE C 87 -59.83 -26.02 -16.60
C ILE C 87 -60.67 -26.32 -15.36
N ILE C 88 -59.99 -26.72 -14.28
CA ILE C 88 -60.63 -26.88 -12.99
C ILE C 88 -60.45 -25.59 -12.21
N MET C 89 -61.56 -24.98 -11.78
CA MET C 89 -61.53 -23.71 -11.09
C MET C 89 -62.03 -23.87 -9.67
N PHE C 90 -61.32 -23.26 -8.72
CA PHE C 90 -61.76 -23.21 -7.33
C PHE C 90 -61.73 -21.77 -6.86
N ASP C 91 -62.25 -21.56 -5.64
CA ASP C 91 -62.34 -20.24 -5.04
C ASP C 91 -61.31 -20.12 -3.93
N VAL C 92 -60.53 -19.03 -3.94
CA VAL C 92 -59.59 -18.77 -2.86
C VAL C 92 -60.28 -18.21 -1.62
N THR C 93 -61.58 -17.92 -1.70
CA THR C 93 -62.35 -17.50 -0.54
C THR C 93 -63.00 -18.67 0.18
N SER C 94 -63.30 -19.75 -0.55
CA SER C 94 -63.91 -20.95 0.03
C SER C 94 -62.91 -22.10 -0.09
N ARG C 95 -62.40 -22.55 1.05
CA ARG C 95 -61.44 -23.65 1.06
C ARG C 95 -62.05 -24.96 0.57
N VAL C 96 -63.37 -25.11 0.69
CA VAL C 96 -64.03 -26.35 0.27
C VAL C 96 -63.89 -26.58 -1.22
N THR C 97 -63.78 -25.51 -2.00
CA THR C 97 -63.57 -25.65 -3.44
C THR C 97 -62.24 -26.34 -3.73
N TYR C 98 -61.16 -25.85 -3.08
CA TYR C 98 -59.88 -26.53 -3.21
C TYR C 98 -59.93 -27.93 -2.62
N LYS C 99 -60.79 -28.15 -1.62
CA LYS C 99 -60.98 -29.51 -1.11
C LYS C 99 -61.55 -30.43 -2.19
N ASN C 100 -62.46 -29.91 -3.01
CA ASN C 100 -63.14 -30.71 -4.02
C ASN C 100 -62.44 -30.73 -5.36
N VAL C 101 -61.35 -29.95 -5.53
CA VAL C 101 -60.58 -30.00 -6.77
C VAL C 101 -60.16 -31.42 -7.15
N PRO C 102 -59.65 -32.25 -6.23
CA PRO C 102 -59.29 -33.63 -6.64
C PRO C 102 -60.46 -34.43 -7.18
N ASN C 103 -61.69 -34.19 -6.70
CA ASN C 103 -62.84 -34.89 -7.26
C ASN C 103 -63.02 -34.56 -8.73
N TRP C 104 -63.12 -33.26 -9.05
CA TRP C 104 -63.25 -32.83 -10.43
C TRP C 104 -62.10 -33.37 -11.27
N HIS C 105 -60.89 -33.39 -10.71
CA HIS C 105 -59.75 -33.91 -11.46
C HIS C 105 -59.92 -35.38 -11.77
N ARG C 106 -60.41 -36.17 -10.80
CA ARG C 106 -60.57 -37.60 -11.03
C ARG C 106 -61.62 -37.86 -12.11
N ASP C 107 -62.77 -37.19 -12.00
CA ASP C 107 -63.80 -37.36 -13.02
C ASP C 107 -63.32 -36.89 -14.39
N LEU C 108 -62.47 -35.87 -14.43
CA LEU C 108 -61.94 -35.39 -15.70
C LEU C 108 -60.98 -36.41 -16.32
N VAL C 109 -60.00 -36.87 -15.54
CA VAL C 109 -58.96 -37.74 -16.07
C VAL C 109 -59.52 -39.11 -16.42
N ARG C 110 -60.55 -39.58 -15.70
CA ARG C 110 -61.09 -40.90 -16.00
C ARG C 110 -61.65 -40.96 -17.41
N VAL C 111 -62.27 -39.87 -17.87
CA VAL C 111 -62.84 -39.81 -19.21
C VAL C 111 -61.83 -39.33 -20.23
N CYS C 112 -61.10 -38.26 -19.91
CA CYS C 112 -60.14 -37.65 -20.82
C CYS C 112 -58.74 -37.91 -20.29
N GLU C 113 -58.14 -39.02 -20.75
CA GLU C 113 -56.80 -39.37 -20.31
C GLU C 113 -55.77 -38.56 -21.09
N ASN C 114 -54.83 -37.96 -20.36
CA ASN C 114 -53.67 -37.27 -20.93
C ASN C 114 -54.11 -36.08 -21.80
N ILE C 115 -54.85 -35.17 -21.18
CA ILE C 115 -55.19 -33.90 -21.82
C ILE C 115 -54.64 -32.78 -20.94
N PRO C 116 -54.26 -31.64 -21.50
CA PRO C 116 -53.77 -30.54 -20.66
C PRO C 116 -54.89 -29.98 -19.79
N ILE C 117 -54.60 -29.85 -18.50
CA ILE C 117 -55.56 -29.34 -17.52
C ILE C 117 -54.89 -28.20 -16.77
N VAL C 118 -55.63 -27.09 -16.58
CA VAL C 118 -55.15 -25.95 -15.82
C VAL C 118 -56.02 -25.79 -14.58
N LEU C 119 -55.38 -25.62 -13.43
CA LEU C 119 -56.05 -25.32 -12.17
C LEU C 119 -55.98 -23.82 -11.93
N CYS C 120 -57.13 -23.22 -11.62
CA CYS C 120 -57.24 -21.78 -11.44
C CYS C 120 -57.82 -21.46 -10.08
N GLY C 121 -57.15 -20.58 -9.35
CA GLY C 121 -57.67 -20.03 -8.11
C GLY C 121 -58.31 -18.68 -8.35
N ASN C 122 -59.63 -18.64 -8.38
CA ASN C 122 -60.34 -17.42 -8.74
C ASN C 122 -60.52 -16.52 -7.52
N LYS C 123 -60.87 -15.25 -7.79
CA LYS C 123 -61.21 -14.27 -6.76
C LYS C 123 -60.01 -13.89 -5.90
N VAL C 124 -58.84 -13.79 -6.53
CA VAL C 124 -57.64 -13.34 -5.81
C VAL C 124 -57.76 -11.88 -5.41
N ASP C 125 -58.66 -11.13 -6.04
CA ASP C 125 -58.82 -9.71 -5.73
C ASP C 125 -59.39 -9.46 -4.35
N ILE C 126 -60.08 -10.44 -3.76
CA ILE C 126 -60.69 -10.24 -2.44
C ILE C 126 -59.61 -10.15 -1.37
N LYS C 127 -59.90 -9.40 -0.31
CA LYS C 127 -58.92 -9.19 0.74
C LYS C 127 -58.67 -10.46 1.55
N ASP C 128 -59.72 -10.99 2.17
CA ASP C 128 -59.60 -12.18 3.01
C ASP C 128 -59.41 -13.40 2.12
N ARG C 129 -58.18 -13.89 2.03
CA ARG C 129 -57.84 -15.04 1.19
C ARG C 129 -57.70 -16.26 2.09
N LYS C 130 -58.72 -17.13 2.06
CA LYS C 130 -58.74 -18.31 2.92
C LYS C 130 -57.80 -19.41 2.46
N VAL C 131 -57.38 -19.40 1.19
CA VAL C 131 -56.49 -20.42 0.65
C VAL C 131 -55.15 -19.75 0.38
N LYS C 132 -54.19 -19.96 1.28
CA LYS C 132 -52.87 -19.39 1.11
C LYS C 132 -52.18 -19.99 -0.10
N ALA C 133 -51.33 -19.19 -0.75
CA ALA C 133 -50.65 -19.65 -1.95
C ALA C 133 -49.76 -20.86 -1.69
N LYS C 134 -49.16 -20.94 -0.51
CA LYS C 134 -48.32 -22.08 -0.16
C LYS C 134 -49.12 -23.34 0.13
N SER C 135 -50.43 -23.22 0.34
CA SER C 135 -51.28 -24.38 0.58
C SER C 135 -51.66 -25.12 -0.71
N ILE C 136 -51.28 -24.59 -1.87
CA ILE C 136 -51.68 -25.15 -3.16
C ILE C 136 -50.54 -26.04 -3.65
N VAL C 137 -50.73 -27.35 -3.53
CA VAL C 137 -49.70 -28.33 -3.88
C VAL C 137 -50.28 -29.35 -4.85
N PHE C 138 -51.60 -29.33 -5.03
CA PHE C 138 -52.26 -30.35 -5.83
C PHE C 138 -51.83 -30.31 -7.29
N HIS C 139 -51.63 -29.10 -7.83
CA HIS C 139 -51.19 -28.98 -9.22
C HIS C 139 -49.83 -29.65 -9.42
N ARG C 140 -48.94 -29.50 -8.45
CA ARG C 140 -47.67 -30.23 -8.49
C ARG C 140 -47.88 -31.72 -8.25
N LYS C 141 -48.89 -32.07 -7.47
CA LYS C 141 -49.16 -33.48 -7.17
C LYS C 141 -49.60 -34.25 -8.41
N LYS C 142 -50.45 -33.64 -9.23
CA LYS C 142 -50.94 -34.27 -10.44
C LYS C 142 -50.28 -33.72 -11.70
N ASN C 143 -49.20 -32.97 -11.55
CA ASN C 143 -48.47 -32.35 -12.67
C ASN C 143 -49.41 -31.52 -13.54
N LEU C 144 -50.09 -30.59 -12.88
CA LEU C 144 -50.93 -29.59 -13.54
C LEU C 144 -50.33 -28.21 -13.35
N GLN C 145 -50.68 -27.30 -14.25
CA GLN C 145 -50.28 -25.91 -14.14
C GLN C 145 -51.32 -25.15 -13.32
N TYR C 146 -50.85 -24.24 -12.47
CA TYR C 146 -51.73 -23.45 -11.62
C TYR C 146 -51.60 -21.97 -11.98
N TYR C 147 -52.72 -21.26 -11.87
CA TYR C 147 -52.74 -19.82 -12.05
C TYR C 147 -53.69 -19.17 -11.05
N ASP C 148 -53.23 -18.08 -10.44
CA ASP C 148 -54.10 -17.22 -9.66
C ASP C 148 -54.81 -16.27 -10.61
N ILE C 149 -56.14 -16.29 -10.59
CA ILE C 149 -56.93 -15.48 -11.51
C ILE C 149 -57.99 -14.71 -10.76
N SER C 150 -58.55 -13.70 -11.42
CA SER C 150 -59.64 -12.91 -10.87
C SER C 150 -60.49 -12.41 -12.03
N ALA C 151 -61.74 -12.85 -12.09
CA ALA C 151 -62.63 -12.42 -13.16
C ALA C 151 -62.89 -10.92 -13.09
N LYS C 152 -62.88 -10.34 -11.89
CA LYS C 152 -63.12 -8.91 -11.74
C LYS C 152 -61.87 -8.10 -12.05
N SER C 153 -60.72 -8.52 -11.54
CA SER C 153 -59.47 -7.80 -11.76
C SER C 153 -58.80 -8.14 -13.07
N ASN C 154 -59.24 -9.18 -13.76
CA ASN C 154 -58.61 -9.68 -14.99
C ASN C 154 -57.16 -10.11 -14.77
N TYR C 155 -56.81 -10.41 -13.51
CA TYR C 155 -55.44 -10.82 -13.20
C TYR C 155 -55.17 -12.19 -13.77
N ASN C 156 -54.05 -12.32 -14.49
CA ASN C 156 -53.70 -13.53 -15.23
C ASN C 156 -54.87 -13.99 -16.09
N PHE C 157 -55.37 -13.07 -16.91
CA PHE C 157 -56.62 -13.29 -17.64
C PHE C 157 -56.48 -14.42 -18.65
N GLU C 158 -55.47 -14.34 -19.51
CA GLU C 158 -55.31 -15.30 -20.61
C GLU C 158 -54.27 -16.37 -20.32
N LYS C 159 -53.66 -16.36 -19.13
CA LYS C 159 -52.61 -17.33 -18.85
C LYS C 159 -53.09 -18.78 -18.91
N PRO C 160 -54.25 -19.17 -18.38
CA PRO C 160 -54.71 -20.56 -18.57
C PRO C 160 -54.95 -20.90 -20.04
N PHE C 161 -55.62 -20.00 -20.77
CA PHE C 161 -55.86 -20.25 -22.19
C PHE C 161 -54.56 -20.29 -22.97
N LEU C 162 -53.60 -19.42 -22.62
CA LEU C 162 -52.32 -19.42 -23.33
C LEU C 162 -51.53 -20.68 -23.05
N TRP C 163 -51.49 -21.12 -21.79
CA TRP C 163 -50.77 -22.34 -21.46
C TRP C 163 -51.41 -23.55 -22.14
N LEU C 164 -52.74 -23.63 -22.10
CA LEU C 164 -53.44 -24.70 -22.80
C LEU C 164 -53.15 -24.69 -24.29
N ALA C 165 -53.15 -23.50 -24.91
CA ALA C 165 -52.89 -23.39 -26.33
C ALA C 165 -51.46 -23.82 -26.67
N ARG C 166 -50.49 -23.42 -25.84
CA ARG C 166 -49.11 -23.83 -26.05
C ARG C 166 -48.97 -25.34 -25.93
N LYS C 167 -49.70 -25.95 -24.99
CA LYS C 167 -49.62 -27.39 -24.81
C LYS C 167 -50.26 -28.14 -25.97
N LEU C 168 -51.43 -27.68 -26.43
CA LEU C 168 -52.12 -28.36 -27.51
C LEU C 168 -51.36 -28.22 -28.83
N ILE C 169 -50.97 -26.99 -29.18
CA ILE C 169 -50.26 -26.76 -30.43
C ILE C 169 -48.85 -27.31 -30.36
N GLY C 170 -48.25 -27.33 -29.17
CA GLY C 170 -46.90 -27.87 -29.02
C GLY C 170 -45.81 -26.86 -29.28
N ASP C 171 -46.08 -25.58 -29.07
CA ASP C 171 -45.11 -24.53 -29.32
C ASP C 171 -44.93 -23.69 -28.06
N PRO C 172 -43.80 -23.80 -27.37
CA PRO C 172 -43.60 -22.98 -26.15
C PRO C 172 -43.58 -21.50 -26.42
N ASN C 173 -43.25 -21.06 -27.63
CA ASN C 173 -43.17 -19.65 -27.95
C ASN C 173 -44.48 -19.06 -28.45
N LEU C 174 -45.57 -19.80 -28.34
CA LEU C 174 -46.87 -19.29 -28.77
C LEU C 174 -47.30 -18.14 -27.87
N GLU C 175 -47.82 -17.08 -28.48
CA GLU C 175 -48.23 -15.90 -27.74
C GLU C 175 -49.46 -15.29 -28.40
N PHE C 176 -50.29 -14.64 -27.58
CA PHE C 176 -51.51 -14.01 -28.07
C PHE C 176 -51.23 -12.61 -28.64
N ALA D 2 96.66 52.58 18.19
CA ALA D 2 95.76 52.95 19.28
C ALA D 2 94.33 52.49 18.98
N MET D 3 94.15 51.17 18.84
CA MET D 3 92.84 50.62 18.49
C MET D 3 92.03 50.22 19.72
N ASP D 4 92.54 49.26 20.50
CA ASP D 4 91.78 48.69 21.60
C ASP D 4 92.72 47.90 22.51
N GLN D 5 92.19 47.53 23.68
CA GLN D 5 92.82 46.58 24.58
C GLN D 5 91.80 45.51 24.94
N VAL D 6 92.26 44.26 25.01
CA VAL D 6 91.35 43.13 25.15
C VAL D 6 90.58 43.21 26.46
N ASN D 7 91.24 43.63 27.53
CA ASN D 7 90.62 43.64 28.85
C ASN D 7 89.40 44.55 28.88
N ALA D 8 89.61 45.84 28.58
CA ALA D 8 88.48 46.78 28.60
C ALA D 8 87.46 46.45 27.52
N LEU D 9 87.90 45.85 26.42
CA LEU D 9 86.96 45.49 25.36
C LEU D 9 85.99 44.41 25.82
N CYS D 10 86.51 43.33 26.40
CA CYS D 10 85.62 42.32 26.97
C CYS D 10 84.81 42.90 28.12
N GLU D 11 85.38 43.83 28.89
CA GLU D 11 84.64 44.51 29.94
C GLU D 11 83.39 45.19 29.39
N GLN D 12 83.55 45.91 28.27
CA GLN D 12 82.39 46.55 27.65
C GLN D 12 81.43 45.53 27.06
N LEU D 13 81.98 44.49 26.42
CA LEU D 13 81.13 43.50 25.75
C LEU D 13 80.23 42.77 26.74
N VAL D 14 80.74 42.48 27.95
CA VAL D 14 79.92 41.82 28.95
C VAL D 14 78.74 42.70 29.35
N LYS D 15 78.99 44.00 29.55
CA LYS D 15 77.92 44.92 29.85
C LYS D 15 76.90 44.98 28.72
N ALA D 16 77.38 45.04 27.47
CA ALA D 16 76.49 45.09 26.31
C ALA D 16 75.60 43.86 26.26
N VAL D 17 76.21 42.67 26.16
CA VAL D 17 75.43 41.43 26.09
C VAL D 17 74.53 41.28 27.30
N THR D 18 74.91 41.85 28.44
CA THR D 18 74.06 41.78 29.62
C THR D 18 72.84 42.68 29.49
N VAL D 19 72.98 43.81 28.79
CA VAL D 19 71.82 44.70 28.61
C VAL D 19 71.00 44.35 27.38
N MET D 20 71.52 43.53 26.45
CA MET D 20 70.69 43.01 25.37
C MET D 20 69.72 41.96 25.89
N MET D 21 70.22 41.04 26.70
CA MET D 21 69.38 40.02 27.32
C MET D 21 68.57 40.55 28.49
N ASP D 22 68.67 41.85 28.78
CA ASP D 22 67.94 42.46 29.89
C ASP D 22 66.51 42.75 29.47
N PRO D 23 65.54 41.95 29.94
CA PRO D 23 64.16 42.15 29.45
C PRO D 23 63.54 43.44 29.95
N ASN D 24 63.74 43.79 31.22
CA ASN D 24 63.20 45.03 31.77
C ASN D 24 64.27 46.13 31.70
N SER D 25 64.51 46.56 30.47
CA SER D 25 65.49 47.61 30.17
C SER D 25 64.86 48.65 29.27
N THR D 26 65.62 49.69 28.95
CA THR D 26 65.18 50.72 28.03
C THR D 26 65.37 50.22 26.60
N GLN D 27 65.25 51.13 25.63
CA GLN D 27 65.53 50.81 24.24
C GLN D 27 66.75 51.52 23.67
N ARG D 28 67.07 52.71 24.19
CA ARG D 28 68.28 53.40 23.74
C ARG D 28 69.53 52.69 24.25
N TYR D 29 69.49 52.17 25.48
CA TYR D 29 70.58 51.35 25.99
C TYR D 29 70.76 50.12 25.11
N ARG D 30 69.66 49.42 24.83
CA ARG D 30 69.72 48.26 23.93
C ARG D 30 70.19 48.65 22.53
N LEU D 31 70.03 49.91 22.14
CA LEU D 31 70.56 50.36 20.86
C LEU D 31 72.06 50.66 20.96
N GLU D 32 72.53 51.07 22.14
CA GLU D 32 73.97 51.17 22.35
C GLU D 32 74.63 49.80 22.32
N ALA D 33 73.96 48.79 22.87
CA ALA D 33 74.52 47.45 22.83
C ALA D 33 74.40 46.83 21.44
N LEU D 34 73.26 47.04 20.77
CA LEU D 34 73.10 46.55 19.40
C LEU D 34 74.13 47.19 18.47
N LYS D 35 74.09 48.52 18.37
CA LYS D 35 75.00 49.24 17.47
C LYS D 35 76.46 49.00 17.84
N PHE D 36 76.77 49.06 19.14
CA PHE D 36 78.14 48.85 19.59
C PHE D 36 78.63 47.44 19.26
N CYS D 37 77.75 46.44 19.45
CA CYS D 37 78.16 45.06 19.19
C CYS D 37 78.29 44.78 17.70
N GLU D 38 77.48 45.43 16.86
CA GLU D 38 77.62 45.24 15.42
C GLU D 38 78.90 45.92 14.91
N GLU D 39 79.07 47.21 15.24
CA GLU D 39 80.29 47.91 14.86
C GLU D 39 81.54 47.21 15.38
N PHE D 40 81.44 46.60 16.56
CA PHE D 40 82.54 45.78 17.05
C PHE D 40 82.72 44.54 16.19
N LYS D 41 81.62 43.85 15.87
CA LYS D 41 81.71 42.56 15.19
C LYS D 41 82.20 42.70 13.75
N GLU D 42 82.06 43.87 13.13
CA GLU D 42 82.58 44.03 11.78
C GLU D 42 83.52 45.24 11.66
N LYS D 43 84.12 45.68 12.76
CA LYS D 43 85.10 46.76 12.69
C LYS D 43 86.35 46.43 13.48
N CYS D 44 86.16 45.72 14.60
CA CYS D 44 87.23 45.51 15.54
C CYS D 44 88.28 44.54 14.97
N PRO D 45 89.56 44.78 15.23
CA PRO D 45 90.60 43.88 14.71
C PRO D 45 90.97 42.71 15.63
N ILE D 46 90.49 42.69 16.86
CA ILE D 46 90.87 41.65 17.81
C ILE D 46 89.64 40.82 18.20
N CYS D 47 88.75 40.62 17.24
CA CYS D 47 87.51 39.88 17.51
C CYS D 47 87.79 38.47 18.02
N VAL D 48 88.81 37.82 17.47
CA VAL D 48 89.08 36.42 17.79
C VAL D 48 89.54 36.26 19.24
N PRO D 49 90.57 36.98 19.71
CA PRO D 49 90.97 36.80 21.12
C PRO D 49 89.89 37.20 22.11
N CYS D 50 89.04 38.17 21.77
CA CYS D 50 87.98 38.59 22.68
C CYS D 50 86.85 37.57 22.70
N GLY D 51 86.48 37.02 21.54
CA GLY D 51 85.51 35.96 21.51
C GLY D 51 85.99 34.72 22.26
N LEU D 52 87.28 34.41 22.14
CA LEU D 52 87.84 33.31 22.92
C LEU D 52 87.86 33.63 24.41
N ARG D 53 88.08 34.89 24.76
CA ARG D 53 88.13 35.26 26.18
C ARG D 53 86.74 35.20 26.81
N LEU D 54 85.71 35.63 26.08
CA LEU D 54 84.35 35.59 26.61
C LEU D 54 83.75 34.19 26.57
N ALA D 55 84.28 33.29 25.75
CA ALA D 55 83.76 31.93 25.64
C ALA D 55 84.23 31.02 26.76
N GLU D 56 85.07 31.51 27.67
CA GLU D 56 85.59 30.68 28.74
C GLU D 56 84.50 30.33 29.75
N LYS D 57 84.61 29.13 30.33
CA LYS D 57 83.61 28.65 31.27
C LYS D 57 83.56 29.45 32.57
N THR D 58 84.52 30.34 32.80
CA THR D 58 84.42 31.24 33.94
C THR D 58 83.31 32.26 33.76
N GLN D 59 82.85 32.47 32.54
CA GLN D 59 81.81 33.45 32.24
C GLN D 59 80.43 32.82 32.32
N VAL D 60 79.42 33.68 32.44
CA VAL D 60 78.04 33.21 32.43
C VAL D 60 77.68 32.70 31.04
N ALA D 61 76.58 31.96 30.96
CA ALA D 61 76.23 31.23 29.75
C ALA D 61 76.04 32.18 28.56
N ILE D 62 75.31 33.28 28.77
CA ILE D 62 75.00 34.16 27.65
C ILE D 62 76.26 34.86 27.13
N VAL D 63 77.23 35.13 28.00
CA VAL D 63 78.46 35.77 27.55
C VAL D 63 79.28 34.79 26.71
N ARG D 64 79.41 33.55 27.17
CA ARG D 64 80.09 32.53 26.37
C ARG D 64 79.41 32.36 25.02
N HIS D 65 78.08 32.29 25.00
CA HIS D 65 77.36 32.19 23.75
C HIS D 65 77.62 33.39 22.86
N PHE D 66 77.78 34.57 23.45
CA PHE D 66 78.10 35.75 22.66
C PHE D 66 79.49 35.65 22.05
N GLY D 67 80.46 35.14 22.82
CA GLY D 67 81.82 35.01 22.29
C GLY D 67 81.89 34.01 21.16
N LEU D 68 81.33 32.82 21.36
CA LEU D 68 81.26 31.84 20.28
C LEU D 68 80.54 32.41 19.07
N GLN D 69 79.40 33.07 19.31
CA GLN D 69 78.68 33.75 18.25
C GLN D 69 79.59 34.68 17.45
N ILE D 70 80.44 35.43 18.16
CA ILE D 70 81.41 36.30 17.49
C ILE D 70 82.37 35.49 16.64
N LEU D 71 82.84 34.35 17.16
CA LEU D 71 83.77 33.53 16.40
C LEU D 71 83.15 33.05 15.09
N GLU D 72 81.92 32.53 15.16
CA GLU D 72 81.25 32.12 13.92
C GLU D 72 81.01 33.31 13.01
N HIS D 73 80.82 34.50 13.58
CA HIS D 73 80.68 35.69 12.75
C HIS D 73 81.97 35.97 12.00
N VAL D 74 83.11 35.80 12.65
CA VAL D 74 84.39 36.04 12.00
C VAL D 74 84.64 35.04 10.89
N VAL D 75 84.40 33.75 11.17
CA VAL D 75 84.55 32.75 10.12
C VAL D 75 83.58 33.01 8.98
N LYS D 76 82.39 33.56 9.29
CA LYS D 76 81.36 33.73 8.28
C LYS D 76 81.63 34.92 7.36
N PHE D 77 82.03 36.06 7.93
CA PHE D 77 82.15 37.30 7.17
C PHE D 77 83.58 37.77 6.94
N ARG D 78 84.50 37.43 7.85
CA ARG D 78 85.86 37.98 7.82
C ARG D 78 86.92 36.97 7.43
N TRP D 79 86.53 35.78 6.94
CA TRP D 79 87.51 34.76 6.62
C TRP D 79 88.42 35.18 5.47
N ASN D 80 87.98 36.10 4.61
CA ASN D 80 88.80 36.51 3.49
C ASN D 80 89.83 37.58 3.89
N GLY D 81 89.46 38.46 4.81
CA GLY D 81 90.37 39.51 5.24
C GLY D 81 91.31 39.08 6.35
N MET D 82 91.61 37.77 6.42
CA MET D 82 92.47 37.21 7.44
C MET D 82 93.65 36.49 6.81
N SER D 83 94.79 36.54 7.49
CA SER D 83 95.97 35.82 7.03
C SER D 83 95.84 34.34 7.41
N ARG D 84 96.75 33.53 6.86
CA ARG D 84 96.71 32.09 7.13
C ARG D 84 96.92 31.78 8.60
N LEU D 85 97.90 32.45 9.23
CA LEU D 85 98.20 32.16 10.64
C LEU D 85 97.01 32.45 11.54
N GLU D 86 96.18 33.42 11.18
CA GLU D 86 94.95 33.65 11.93
C GLU D 86 93.96 32.52 11.69
N LYS D 87 93.88 32.04 10.45
CA LYS D 87 92.98 30.92 10.14
C LYS D 87 93.40 29.65 10.86
N VAL D 88 94.68 29.52 11.20
CA VAL D 88 95.14 28.36 11.94
C VAL D 88 94.98 28.58 13.44
N TYR D 89 95.20 29.82 13.92
CA TYR D 89 95.02 30.12 15.32
C TYR D 89 93.57 29.92 15.75
N LEU D 90 92.63 30.46 14.98
CA LEU D 90 91.22 30.30 15.31
C LEU D 90 90.81 28.83 15.27
N LYS D 91 91.23 28.11 14.23
CA LYS D 91 90.89 26.69 14.11
C LYS D 91 91.40 25.90 15.30
N ASN D 92 92.70 26.01 15.61
CA ASN D 92 93.25 25.28 16.75
C ASN D 92 92.61 25.73 18.05
N SER D 93 92.14 26.97 18.12
CA SER D 93 91.48 27.45 19.33
C SER D 93 90.12 26.80 19.52
N VAL D 94 89.35 26.64 18.43
CA VAL D 94 88.02 26.05 18.58
C VAL D 94 88.11 24.54 18.72
N MET D 95 89.07 23.90 18.03
CA MET D 95 89.32 22.49 18.28
C MET D 95 89.77 22.27 19.73
N GLU D 96 90.57 23.21 20.25
CA GLU D 96 90.95 23.15 21.67
C GLU D 96 89.74 23.32 22.57
N LEU D 97 88.79 24.17 22.18
CA LEU D 97 87.56 24.32 22.95
C LEU D 97 86.76 23.03 22.97
N ILE D 98 86.71 22.32 21.84
CA ILE D 98 86.10 21.01 21.84
C ILE D 98 86.85 20.06 22.77
N ALA D 99 88.19 20.15 22.75
CA ALA D 99 89.01 19.26 23.56
C ALA D 99 88.76 19.44 25.06
N ASN D 100 89.09 20.61 25.60
CA ASN D 100 88.92 20.85 27.03
C ASN D 100 88.45 22.28 27.28
N GLY D 101 87.49 22.76 26.50
CA GLY D 101 87.06 24.14 26.62
C GLY D 101 85.60 24.31 27.01
N THR D 102 84.88 23.22 27.18
CA THR D 102 83.47 23.27 27.55
C THR D 102 83.27 22.54 28.88
N LEU D 103 82.04 22.64 29.39
CA LEU D 103 81.65 21.88 30.57
C LEU D 103 81.33 20.45 30.18
N ASN D 104 81.01 19.63 31.17
CA ASN D 104 80.69 18.24 30.89
C ASN D 104 79.37 18.14 30.11
N ILE D 105 79.08 16.93 29.62
CA ILE D 105 77.92 16.72 28.78
C ILE D 105 76.64 17.01 29.56
N LEU D 106 76.61 16.65 30.84
CA LEU D 106 75.42 16.88 31.67
C LEU D 106 75.38 18.28 32.26
N GLU D 107 76.49 19.00 32.26
CA GLU D 107 76.55 20.35 32.80
C GLU D 107 76.41 21.43 31.75
N GLU D 108 76.81 21.16 30.51
CA GLU D 108 76.80 22.16 29.46
C GLU D 108 75.41 22.28 28.85
N GLU D 109 75.00 23.52 28.56
CA GLU D 109 73.74 23.76 27.90
C GLU D 109 73.86 23.49 26.40
N ASN D 110 72.72 23.30 25.75
CA ASN D 110 72.71 22.95 24.33
C ASN D 110 72.98 24.13 23.41
N HIS D 111 72.76 25.37 23.86
CA HIS D 111 73.04 26.51 23.00
C HIS D 111 74.54 26.75 22.87
N ILE D 112 75.31 26.42 23.91
CA ILE D 112 76.77 26.51 23.81
C ILE D 112 77.29 25.49 22.81
N LYS D 113 76.86 24.23 22.95
CA LYS D 113 77.24 23.21 21.98
C LYS D 113 76.81 23.59 20.58
N ASP D 114 75.65 24.22 20.45
CA ASP D 114 75.17 24.69 19.16
C ASP D 114 76.13 25.72 18.57
N ALA D 115 76.55 26.70 19.39
CA ALA D 115 77.43 27.75 18.89
C ALA D 115 78.79 27.20 18.47
N LEU D 116 79.44 26.44 19.36
CA LEU D 116 80.73 25.83 19.03
C LEU D 116 80.62 24.99 17.76
N SER D 117 79.57 24.17 17.68
CA SER D 117 79.29 23.41 16.47
C SER D 117 79.21 24.33 15.26
N ARG D 118 78.59 25.49 15.42
CA ARG D 118 78.48 26.42 14.30
C ARG D 118 79.85 26.90 13.84
N ILE D 119 80.75 27.22 14.78
CA ILE D 119 82.12 27.58 14.40
C ILE D 119 82.72 26.48 13.54
N VAL D 120 82.73 25.26 14.08
CA VAL D 120 83.39 24.16 13.37
C VAL D 120 82.78 23.98 11.98
N VAL D 121 81.46 23.85 11.91
CA VAL D 121 80.82 23.55 10.62
C VAL D 121 81.03 24.67 9.61
N GLU D 122 81.11 25.93 10.08
CA GLU D 122 81.43 27.02 9.14
C GLU D 122 82.83 26.84 8.56
N MET D 123 83.81 26.53 9.42
CA MET D 123 85.15 26.26 8.91
C MET D 123 85.17 25.07 7.95
N ILE D 124 84.42 24.01 8.29
CA ILE D 124 84.23 22.89 7.37
C ILE D 124 83.78 23.40 6.01
N LYS D 125 82.71 24.18 6.01
CA LYS D 125 82.12 24.64 4.75
C LYS D 125 83.09 25.49 3.96
N ARG D 126 83.99 26.21 4.63
CA ARG D 126 84.91 27.05 3.88
C ARG D 126 86.11 26.28 3.34
N GLU D 127 86.61 25.25 4.06
CA GLU D 127 87.89 24.68 3.64
C GLU D 127 88.01 23.16 3.74
N TRP D 128 86.92 22.42 3.99
CA TRP D 128 87.07 20.98 4.16
C TRP D 128 87.56 20.24 2.92
N PRO D 129 86.95 20.42 1.73
CA PRO D 129 87.27 19.51 0.61
C PRO D 129 88.76 19.36 0.28
N GLN D 130 89.53 20.45 0.23
CA GLN D 130 90.92 20.39 -0.19
C GLN D 130 91.88 21.10 0.76
N HIS D 131 91.40 22.10 1.49
CA HIS D 131 92.24 22.82 2.45
C HIS D 131 92.20 22.23 3.85
N TRP D 132 91.47 21.14 4.05
CA TRP D 132 91.36 20.50 5.36
C TRP D 132 91.21 18.99 5.17
N PRO D 133 92.19 18.32 4.57
CA PRO D 133 92.00 16.89 4.24
C PRO D 133 91.93 15.99 5.46
N ASP D 134 92.50 16.41 6.59
CA ASP D 134 92.54 15.60 7.81
C ASP D 134 91.44 15.97 8.79
N MET D 135 90.31 16.49 8.29
CA MET D 135 89.27 16.98 9.19
C MET D 135 88.59 15.84 9.94
N LEU D 136 88.11 14.83 9.21
CA LEU D 136 87.41 13.72 9.84
C LEU D 136 88.30 12.98 10.83
N ILE D 137 89.60 12.91 10.56
CA ILE D 137 90.53 12.29 11.51
C ILE D 137 90.68 13.15 12.75
N GLU D 138 90.58 14.48 12.60
CA GLU D 138 90.61 15.34 13.78
C GLU D 138 89.35 15.19 14.61
N LEU D 139 88.18 15.14 13.96
CA LEU D 139 86.93 14.91 14.69
C LEU D 139 86.94 13.56 15.39
N ASP D 140 87.53 12.54 14.74
CA ASP D 140 87.64 11.24 15.38
C ASP D 140 88.59 11.30 16.57
N THR D 141 89.71 12.02 16.43
CA THR D 141 90.64 12.17 17.53
C THR D 141 89.98 12.86 18.73
N LEU D 142 89.12 13.86 18.45
CA LEU D 142 88.41 14.53 19.53
C LEU D 142 87.39 13.60 20.17
N SER D 143 86.52 12.99 19.36
CA SER D 143 85.47 12.14 19.91
C SER D 143 86.03 10.93 20.64
N LYS D 144 87.27 10.52 20.33
CA LYS D 144 87.90 9.44 21.08
C LYS D 144 88.27 9.87 22.50
N GLN D 145 88.39 11.17 22.75
CA GLN D 145 88.82 11.65 24.06
C GLN D 145 87.76 11.38 25.12
N GLY D 146 86.57 11.93 24.94
CA GLY D 146 85.50 11.76 25.91
C GLY D 146 84.15 11.83 25.25
N GLU D 147 83.10 11.65 26.07
CA GLU D 147 81.74 11.68 25.56
C GLU D 147 81.30 13.09 25.18
N THR D 148 81.77 14.10 25.91
CA THR D 148 81.47 15.48 25.56
C THR D 148 81.92 15.79 24.13
N GLN D 149 83.16 15.42 23.81
CA GLN D 149 83.66 15.64 22.46
C GLN D 149 82.90 14.81 21.43
N THR D 150 82.43 13.62 21.82
CA THR D 150 81.65 12.80 20.90
C THR D 150 80.34 13.49 20.55
N GLU D 151 79.61 13.96 21.56
CA GLU D 151 78.36 14.69 21.30
C GLU D 151 78.62 15.94 20.49
N LEU D 152 79.71 16.65 20.78
CA LEU D 152 80.07 17.82 19.98
C LEU D 152 80.24 17.44 18.52
N VAL D 153 81.02 16.38 18.25
CA VAL D 153 81.19 15.90 16.88
C VAL D 153 79.85 15.58 16.26
N MET D 154 78.92 15.03 17.05
CA MET D 154 77.57 14.78 16.55
C MET D 154 76.91 16.07 16.09
N PHE D 155 77.00 17.13 16.89
CA PHE D 155 76.48 18.43 16.47
C PHE D 155 77.15 18.89 15.17
N ILE D 156 78.46 18.66 15.05
CA ILE D 156 79.18 19.04 13.83
C ILE D 156 78.56 18.35 12.61
N LEU D 157 78.50 17.02 12.65
CA LEU D 157 78.05 16.26 11.49
C LEU D 157 76.60 16.56 11.17
N LEU D 158 75.76 16.74 12.20
CA LEU D 158 74.35 17.01 11.98
C LEU D 158 74.16 18.37 11.30
N ARG D 159 74.68 19.44 11.91
CA ARG D 159 74.52 20.77 11.32
C ARG D 159 75.19 20.86 9.96
N LEU D 160 76.27 20.11 9.75
CA LEU D 160 76.92 20.09 8.44
C LEU D 160 76.02 19.47 7.39
N ALA D 161 75.46 18.28 7.68
CA ALA D 161 74.57 17.63 6.73
C ALA D 161 73.37 18.51 6.42
N GLU D 162 72.83 19.19 7.44
CA GLU D 162 71.67 20.05 7.21
C GLU D 162 72.03 21.26 6.36
N ASP D 163 73.14 21.92 6.68
CA ASP D 163 73.55 23.11 5.93
C ASP D 163 73.98 22.78 4.51
N VAL D 164 74.40 21.55 4.24
CA VAL D 164 74.87 21.19 2.91
C VAL D 164 73.75 20.63 2.05
N VAL D 165 72.91 19.74 2.61
CA VAL D 165 71.93 19.03 1.81
C VAL D 165 70.56 19.71 1.90
N THR D 166 70.03 19.83 3.12
CA THR D 166 68.66 20.27 3.29
C THR D 166 68.50 21.77 3.06
N PHE D 167 69.28 22.58 3.78
CA PHE D 167 69.10 24.03 3.72
C PHE D 167 69.91 24.68 2.61
N GLN D 168 71.05 24.10 2.24
CA GLN D 168 71.88 24.60 1.14
C GLN D 168 72.26 26.07 1.37
N THR D 169 72.99 26.30 2.46
CA THR D 169 73.45 27.64 2.80
C THR D 169 74.64 28.07 1.95
N LEU D 170 75.47 27.11 1.52
CA LEU D 170 76.72 27.42 0.84
C LEU D 170 76.49 27.98 -0.55
N PRO D 171 77.50 28.60 -1.14
CA PRO D 171 77.48 28.88 -2.58
C PRO D 171 77.38 27.58 -3.36
N PRO D 172 76.67 27.58 -4.48
CA PRO D 172 76.41 26.30 -5.17
C PRO D 172 77.66 25.50 -5.53
N GLN D 173 78.76 26.17 -5.88
CA GLN D 173 79.98 25.46 -6.23
C GLN D 173 80.50 24.65 -5.03
N ARG D 174 80.88 25.33 -3.95
CA ARG D 174 81.40 24.63 -2.79
C ARG D 174 80.35 23.76 -2.12
N ARG D 175 79.06 24.08 -2.32
CA ARG D 175 78.01 23.19 -1.82
C ARG D 175 78.04 21.85 -2.53
N ARG D 176 78.14 21.87 -3.87
CA ARG D 176 78.24 20.63 -4.61
C ARG D 176 79.53 19.90 -4.28
N ASP D 177 80.64 20.65 -4.14
CA ASP D 177 81.91 20.04 -3.75
C ASP D 177 81.78 19.29 -2.43
N ILE D 178 81.19 19.94 -1.43
CA ILE D 178 81.08 19.31 -0.11
C ILE D 178 80.08 18.16 -0.14
N GLN D 179 79.05 18.24 -0.98
CA GLN D 179 78.15 17.10 -1.13
C GLN D 179 78.88 15.90 -1.71
N GLN D 180 79.73 16.12 -2.72
CA GLN D 180 80.43 15.01 -3.34
C GLN D 180 81.49 14.44 -2.40
N THR D 181 82.15 15.29 -1.62
CA THR D 181 83.12 14.78 -0.65
C THR D 181 82.42 14.02 0.47
N LEU D 182 81.30 14.53 0.96
CA LEU D 182 80.47 13.79 1.90
C LEU D 182 80.05 12.44 1.34
N THR D 183 79.80 12.38 0.03
CA THR D 183 79.47 11.09 -0.58
C THR D 183 80.67 10.17 -0.63
N GLN D 184 81.86 10.72 -0.91
CA GLN D 184 83.06 9.90 -0.99
C GLN D 184 83.43 9.33 0.38
N ASN D 185 83.46 10.16 1.41
CA ASN D 185 83.76 9.72 2.76
C ASN D 185 82.55 9.19 3.50
N MET D 186 81.39 9.08 2.84
CA MET D 186 80.14 8.78 3.53
C MET D 186 80.15 7.39 4.15
N GLU D 187 80.79 6.42 3.51
CA GLU D 187 80.85 5.08 4.08
C GLU D 187 81.59 5.09 5.42
N ARG D 188 82.74 5.76 5.47
CA ARG D 188 83.50 5.82 6.71
C ARG D 188 82.80 6.69 7.75
N ILE D 189 82.12 7.76 7.31
CA ILE D 189 81.34 8.57 8.25
C ILE D 189 80.26 7.72 8.92
N PHE D 190 79.48 7.00 8.10
CA PHE D 190 78.42 6.17 8.64
C PHE D 190 78.98 5.07 9.53
N SER D 191 80.14 4.51 9.16
CA SER D 191 80.79 3.53 10.02
C SER D 191 81.14 4.14 11.37
N PHE D 192 81.62 5.39 11.37
CA PHE D 192 81.88 6.09 12.62
C PHE D 192 80.61 6.21 13.45
N LEU D 193 79.53 6.73 12.85
CA LEU D 193 78.29 6.93 13.58
C LEU D 193 77.78 5.63 14.19
N LEU D 194 77.71 4.57 13.38
CA LEU D 194 77.21 3.29 13.87
C LEU D 194 78.10 2.73 14.97
N ASN D 195 79.42 2.82 14.79
CA ASN D 195 80.35 2.23 15.77
C ASN D 195 80.28 2.96 17.10
N THR D 196 80.32 4.29 17.08
CA THR D 196 80.24 5.04 18.33
C THR D 196 78.87 4.89 18.98
N LEU D 197 77.82 4.71 18.18
CA LEU D 197 76.51 4.40 18.75
C LEU D 197 76.55 3.06 19.49
N GLN D 198 77.13 2.04 18.86
CA GLN D 198 77.26 0.74 19.49
C GLN D 198 78.05 0.84 20.79
N GLU D 199 79.19 1.54 20.76
CA GLU D 199 80.01 1.69 21.96
C GLU D 199 79.22 2.37 23.07
N ASN D 200 78.57 3.49 22.77
CA ASN D 200 77.93 4.27 23.81
C ASN D 200 76.68 3.60 24.35
N VAL D 201 75.93 2.87 23.52
CA VAL D 201 74.78 2.16 24.05
C VAL D 201 75.22 0.93 24.84
N ASN D 202 76.36 0.34 24.47
CA ASN D 202 76.88 -0.77 25.26
C ASN D 202 77.33 -0.30 26.63
N LYS D 203 78.11 0.79 26.68
CA LYS D 203 78.51 1.36 27.96
C LYS D 203 77.29 1.79 28.77
N TYR D 204 76.27 2.33 28.10
CA TYR D 204 75.05 2.73 28.80
C TYR D 204 74.34 1.52 29.40
N GLN D 205 74.32 0.40 28.66
CA GLN D 205 73.70 -0.80 29.20
C GLN D 205 74.52 -1.39 30.35
N GLN D 206 75.84 -1.16 30.36
CA GLN D 206 76.66 -1.67 31.45
C GLN D 206 76.31 -1.02 32.78
N VAL D 207 76.11 0.29 32.78
CA VAL D 207 75.83 1.04 34.00
C VAL D 207 74.39 1.57 34.03
N LYS D 208 73.49 0.94 33.26
CA LYS D 208 72.09 1.34 33.30
C LYS D 208 71.47 1.04 34.66
N THR D 209 71.59 -0.20 35.11
CA THR D 209 71.03 -0.59 36.40
C THR D 209 71.90 -0.15 37.57
N ASP D 210 73.17 0.17 37.32
CA ASP D 210 74.08 0.51 38.41
C ASP D 210 73.73 1.87 39.00
N THR D 211 73.67 1.92 40.33
CA THR D 211 73.41 3.16 41.04
C THR D 211 74.68 3.90 41.42
N SER D 212 75.85 3.29 41.23
CA SER D 212 77.11 3.97 41.53
C SER D 212 77.54 4.89 40.40
N GLN D 213 77.58 4.37 39.17
CA GLN D 213 77.97 5.15 38.01
C GLN D 213 76.72 5.65 37.28
N GLU D 214 76.03 6.59 37.95
CA GLU D 214 74.82 7.17 37.35
C GLU D 214 75.18 8.23 36.31
N SER D 215 76.13 9.11 36.65
CA SER D 215 76.55 10.13 35.68
C SER D 215 77.22 9.49 34.47
N LYS D 216 78.07 8.49 34.69
CA LYS D 216 78.69 7.75 33.59
C LYS D 216 77.64 7.14 32.67
N ALA D 217 76.49 6.76 33.22
CA ALA D 217 75.41 6.21 32.40
C ALA D 217 74.68 7.31 31.64
N GLN D 218 74.29 8.38 32.33
CA GLN D 218 73.61 9.49 31.67
C GLN D 218 74.43 10.06 30.51
N ALA D 219 75.76 10.08 30.64
CA ALA D 219 76.60 10.56 29.56
C ALA D 219 76.44 9.68 28.31
N ASN D 220 76.65 8.37 28.46
CA ASN D 220 76.53 7.46 27.33
C ASN D 220 75.13 7.49 26.73
N CYS D 221 74.11 7.68 27.57
CA CYS D 221 72.76 7.80 27.05
C CYS D 221 72.60 9.07 26.21
N ARG D 222 73.15 10.19 26.69
CA ARG D 222 73.02 11.45 25.97
C ARG D 222 73.75 11.39 24.62
N VAL D 223 74.97 10.86 24.60
CA VAL D 223 75.66 10.75 23.32
C VAL D 223 74.96 9.74 22.41
N GLY D 224 74.30 8.73 22.99
CA GLY D 224 73.50 7.83 22.17
C GLY D 224 72.35 8.56 21.50
N VAL D 225 71.65 9.40 22.26
CA VAL D 225 70.51 10.15 21.70
C VAL D 225 71.00 11.10 20.61
N ALA D 226 72.09 11.82 20.87
CA ALA D 226 72.62 12.74 19.86
C ALA D 226 73.06 12.00 18.60
N ALA D 227 73.73 10.87 18.78
CA ALA D 227 74.13 10.05 17.64
C ALA D 227 72.92 9.61 16.82
N LEU D 228 71.82 9.24 17.50
CA LEU D 228 70.60 8.89 16.77
C LEU D 228 70.01 10.11 16.08
N ASN D 229 70.18 11.30 16.64
CA ASN D 229 69.71 12.51 15.98
C ASN D 229 70.45 12.76 14.67
N THR D 230 71.79 12.65 14.71
CA THR D 230 72.57 12.83 13.49
C THR D 230 72.24 11.73 12.47
N LEU D 231 72.13 10.49 12.93
CA LEU D 231 71.74 9.40 12.03
C LEU D 231 70.41 9.73 11.35
N ALA D 232 69.44 10.21 12.13
CA ALA D 232 68.17 10.65 11.55
C ALA D 232 68.39 11.78 10.55
N GLY D 233 69.44 12.58 10.75
CA GLY D 233 69.77 13.62 9.79
C GLY D 233 70.51 13.15 8.55
N TYR D 234 71.01 11.90 8.55
CA TYR D 234 71.77 11.38 7.42
C TYR D 234 71.06 10.27 6.65
N ILE D 235 70.25 9.44 7.33
CA ILE D 235 69.67 8.26 6.72
C ILE D 235 68.78 8.60 5.52
N ASP D 236 68.26 9.82 5.45
CA ASP D 236 67.29 10.15 4.42
C ASP D 236 67.90 10.20 3.03
N TRP D 237 69.07 10.84 2.89
CA TRP D 237 69.61 11.14 1.57
C TRP D 237 70.81 10.30 1.15
N VAL D 238 71.51 9.66 2.08
CA VAL D 238 72.66 8.84 1.68
C VAL D 238 72.18 7.61 0.91
N SER D 239 73.11 7.02 0.18
CA SER D 239 72.78 5.84 -0.61
C SER D 239 72.36 4.68 0.30
N MET D 240 71.47 3.84 -0.22
CA MET D 240 70.98 2.71 0.54
C MET D 240 72.08 1.71 0.88
N SER D 241 73.21 1.77 0.18
CA SER D 241 74.29 0.83 0.43
C SER D 241 74.77 0.91 1.89
N HIS D 242 74.88 2.12 2.43
CA HIS D 242 75.33 2.28 3.80
C HIS D 242 74.26 1.87 4.81
N ILE D 243 72.99 2.11 4.49
CA ILE D 243 71.91 1.74 5.39
C ILE D 243 71.80 0.21 5.49
N THR D 244 72.03 -0.48 4.38
CA THR D 244 71.99 -1.94 4.35
C THR D 244 73.35 -2.57 4.56
N ALA D 245 74.34 -1.80 5.01
CA ALA D 245 75.69 -2.31 5.18
C ALA D 245 75.79 -3.20 6.43
N GLU D 246 76.82 -4.04 6.45
CA GLU D 246 77.08 -4.96 7.55
C GLU D 246 75.86 -5.83 7.82
N ASN D 247 75.24 -6.33 6.75
CA ASN D 247 74.00 -7.09 6.81
C ASN D 247 72.91 -6.29 7.51
N CYS D 248 72.79 -5.01 7.14
CA CYS D 248 71.83 -4.08 7.73
C CYS D 248 72.02 -3.98 9.25
N LYS D 249 73.27 -3.80 9.66
CA LYS D 249 73.54 -3.68 11.08
C LYS D 249 72.88 -2.44 11.68
N LEU D 250 72.75 -1.39 10.88
CA LEU D 250 71.99 -0.21 11.31
C LEU D 250 70.56 -0.59 11.70
N LEU D 251 69.86 -1.28 10.81
CA LEU D 251 68.50 -1.72 11.11
C LEU D 251 68.49 -2.66 12.32
N GLU D 252 69.49 -3.53 12.41
CA GLU D 252 69.56 -4.47 13.53
C GLU D 252 69.61 -3.72 14.87
N ILE D 253 70.57 -2.82 15.03
CA ILE D 253 70.71 -2.11 16.29
C ILE D 253 69.60 -1.09 16.50
N LEU D 254 68.94 -0.65 15.43
CA LEU D 254 67.78 0.22 15.58
C LEU D 254 66.62 -0.55 16.21
N CYS D 255 66.29 -1.71 15.64
CA CYS D 255 65.26 -2.55 16.24
C CYS D 255 65.65 -2.97 17.66
N LEU D 256 66.94 -3.26 17.87
CA LEU D 256 67.40 -3.63 19.21
C LEU D 256 67.26 -2.47 20.19
N LEU D 257 67.38 -1.23 19.70
CA LEU D 257 67.18 -0.05 20.52
C LEU D 257 65.73 0.38 20.63
N LEU D 258 64.82 -0.25 19.88
CA LEU D 258 63.40 0.06 20.03
C LEU D 258 62.86 -0.29 21.40
N ASN D 259 63.59 -1.08 22.19
CA ASN D 259 63.17 -1.46 23.53
C ASN D 259 64.07 -0.86 24.61
N GLU D 260 64.45 0.40 24.42
CA GLU D 260 65.22 1.16 25.41
C GLU D 260 64.50 2.49 25.62
N GLN D 261 63.98 2.70 26.83
CA GLN D 261 63.04 3.79 27.07
C GLN D 261 63.60 5.14 26.63
N GLU D 262 64.89 5.36 26.84
CA GLU D 262 65.49 6.64 26.51
C GLU D 262 66.02 6.73 25.09
N LEU D 263 66.13 5.60 24.39
CA LEU D 263 66.68 5.56 23.04
C LEU D 263 65.68 5.06 22.01
N GLN D 264 64.45 4.72 22.41
CA GLN D 264 63.53 4.07 21.49
C GLN D 264 62.86 5.05 20.53
N LEU D 265 62.62 6.29 20.95
CA LEU D 265 61.96 7.25 20.06
C LEU D 265 62.87 7.61 18.90
N GLY D 266 64.13 7.93 19.18
CA GLY D 266 65.06 8.25 18.11
C GLY D 266 65.31 7.08 17.19
N ALA D 267 65.40 5.87 17.75
CA ALA D 267 65.57 4.68 16.91
C ALA D 267 64.35 4.45 16.03
N ALA D 268 63.16 4.72 16.56
CA ALA D 268 61.94 4.57 15.77
C ALA D 268 61.87 5.61 14.66
N GLU D 269 62.30 6.85 14.94
CA GLU D 269 62.36 7.87 13.90
C GLU D 269 63.36 7.48 12.82
N CYS D 270 64.52 6.95 13.22
CA CYS D 270 65.52 6.54 12.24
C CYS D 270 65.01 5.39 11.39
N LEU D 271 64.36 4.41 12.02
CA LEU D 271 63.78 3.30 11.27
C LEU D 271 62.72 3.82 10.30
N LEU D 272 61.92 4.79 10.73
CA LEU D 272 60.89 5.34 9.87
C LEU D 272 61.51 6.03 8.66
N ILE D 273 62.57 6.82 8.87
CA ILE D 273 63.26 7.44 7.75
C ILE D 273 63.90 6.37 6.87
N ALA D 274 64.25 5.23 7.44
CA ALA D 274 64.90 4.17 6.67
C ALA D 274 63.92 3.39 5.81
N VAL D 275 62.69 3.21 6.28
CA VAL D 275 61.71 2.45 5.51
C VAL D 275 60.85 3.32 4.60
N SER D 276 60.82 4.63 4.82
CA SER D 276 60.01 5.54 4.02
C SER D 276 60.73 6.05 2.78
N ARG D 277 62.00 5.67 2.58
CA ARG D 277 62.73 6.14 1.42
C ARG D 277 62.37 5.30 0.20
N LYS D 278 62.07 5.97 -0.90
CA LYS D 278 61.72 5.33 -2.16
C LYS D 278 62.84 5.53 -3.17
N GLY D 279 62.75 4.79 -4.26
CA GLY D 279 63.74 4.84 -5.32
C GLY D 279 63.84 3.49 -6.01
N LYS D 280 65.05 3.15 -6.44
CA LYS D 280 65.29 1.89 -7.11
C LYS D 280 65.04 0.72 -6.16
N LEU D 281 64.19 -0.22 -6.60
CA LEU D 281 63.75 -1.30 -5.73
C LEU D 281 64.88 -2.27 -5.40
N GLU D 282 65.87 -2.41 -6.30
CA GLU D 282 66.89 -3.43 -6.11
C GLU D 282 67.69 -3.21 -4.84
N ASP D 283 67.93 -1.96 -4.45
CA ASP D 283 68.54 -1.68 -3.17
C ASP D 283 67.51 -1.53 -2.05
N ARG D 284 66.22 -1.47 -2.38
CA ARG D 284 65.18 -1.50 -1.36
C ARG D 284 64.86 -2.92 -0.88
N LYS D 285 65.31 -3.94 -1.61
CA LYS D 285 65.10 -5.33 -1.17
C LYS D 285 65.60 -5.61 0.23
N PRO D 286 66.80 -5.20 0.65
CA PRO D 286 67.26 -5.54 2.01
C PRO D 286 66.44 -4.90 3.13
N LEU D 287 65.42 -4.08 2.83
CA LEU D 287 64.52 -3.62 3.87
C LEU D 287 63.59 -4.71 4.38
N MET D 288 63.62 -5.88 3.75
CA MET D 288 62.78 -7.01 4.16
C MET D 288 63.40 -7.82 5.29
N VAL D 289 64.61 -7.47 5.74
CA VAL D 289 65.18 -8.12 6.91
C VAL D 289 64.35 -7.79 8.15
N LEU D 290 63.58 -6.71 8.11
CA LEU D 290 62.74 -6.33 9.25
C LEU D 290 61.64 -7.35 9.53
N PHE D 291 61.44 -8.34 8.66
CA PHE D 291 60.50 -9.41 8.90
C PHE D 291 61.13 -10.63 9.58
N GLY D 292 62.44 -10.61 9.80
CA GLY D 292 63.08 -11.71 10.48
C GLY D 292 62.65 -11.82 11.93
N ASP D 293 62.92 -12.99 12.52
CA ASP D 293 62.52 -13.25 13.90
C ASP D 293 63.16 -12.27 14.87
N VAL D 294 64.38 -11.80 14.58
CA VAL D 294 65.02 -10.82 15.43
C VAL D 294 64.29 -9.49 15.35
N ALA D 295 64.25 -8.91 14.15
CA ALA D 295 63.64 -7.59 13.98
C ALA D 295 62.17 -7.60 14.38
N MET D 296 61.40 -8.58 13.89
CA MET D 296 60.00 -8.69 14.30
C MET D 296 59.88 -8.88 15.80
N HIS D 297 60.78 -9.67 16.40
CA HIS D 297 60.72 -9.89 17.83
C HIS D 297 60.85 -8.57 18.60
N TYR D 298 61.87 -7.77 18.26
CA TYR D 298 62.07 -6.52 18.97
C TYR D 298 60.97 -5.51 18.66
N ILE D 299 60.46 -5.51 17.43
CA ILE D 299 59.43 -4.54 17.05
C ILE D 299 58.13 -4.84 17.77
N LEU D 300 57.64 -6.08 17.68
CA LEU D 300 56.39 -6.43 18.34
C LEU D 300 56.51 -6.36 19.85
N SER D 301 57.62 -6.89 20.40
CA SER D 301 57.83 -6.81 21.84
C SER D 301 57.91 -5.37 22.32
N ALA D 302 58.38 -4.46 21.46
CA ALA D 302 58.34 -3.04 21.81
C ALA D 302 56.93 -2.48 21.71
N ALA D 303 56.13 -3.00 20.76
CA ALA D 303 54.76 -2.52 20.60
C ALA D 303 53.88 -2.94 21.77
N GLN D 304 54.16 -4.09 22.38
CA GLN D 304 53.35 -4.54 23.51
C GLN D 304 53.61 -3.67 24.74
N THR D 305 54.88 -3.37 25.03
CA THR D 305 55.20 -2.61 26.23
C THR D 305 54.69 -1.18 26.15
N ALA D 306 54.65 -0.60 24.94
CA ALA D 306 54.07 0.73 24.80
C ALA D 306 52.56 0.71 25.03
N ASP D 307 51.92 -0.43 24.81
CA ASP D 307 50.49 -0.58 25.09
C ASP D 307 50.22 -0.79 26.58
N GLY D 308 51.25 -1.11 27.37
CA GLY D 308 51.06 -1.40 28.78
C GLY D 308 50.48 -0.25 29.58
N GLY D 309 50.59 0.97 29.08
CA GLY D 309 50.03 2.12 29.77
C GLY D 309 48.91 2.79 29.00
N GLY D 310 48.08 3.56 29.71
CA GLY D 310 47.03 4.33 29.08
C GLY D 310 47.59 5.52 28.33
N LEU D 311 46.83 6.62 28.23
CA LEU D 311 47.41 7.79 27.58
C LEU D 311 48.58 8.32 28.41
N VAL D 312 49.78 8.10 27.90
CA VAL D 312 51.00 8.68 28.44
C VAL D 312 51.79 9.21 27.27
N GLU D 313 52.29 10.45 27.39
CA GLU D 313 52.88 11.14 26.24
C GLU D 313 53.95 10.29 25.57
N LYS D 314 54.88 9.76 26.37
CA LYS D 314 56.02 9.02 25.81
C LYS D 314 55.57 7.76 25.07
N HIS D 315 54.81 6.90 25.75
CA HIS D 315 54.40 5.65 25.12
C HIS D 315 53.48 5.89 23.94
N TYR D 316 52.64 6.92 24.00
CA TYR D 316 51.72 7.17 22.89
C TYR D 316 52.46 7.71 21.67
N VAL D 317 53.41 8.62 21.86
CA VAL D 317 54.15 9.13 20.70
C VAL D 317 55.06 8.06 20.12
N PHE D 318 55.67 7.25 20.99
CA PHE D 318 56.49 6.15 20.48
C PHE D 318 55.64 5.12 19.74
N LEU D 319 54.42 4.91 20.22
CA LEU D 319 53.52 3.96 19.55
C LEU D 319 53.01 4.53 18.22
N LYS D 320 52.87 5.85 18.13
CA LYS D 320 52.49 6.47 16.87
C LYS D 320 53.59 6.33 15.83
N ARG D 321 54.82 6.73 16.19
CA ARG D 321 55.92 6.63 15.23
C ARG D 321 56.20 5.17 14.87
N LEU D 322 56.10 4.27 15.85
CA LEU D 322 56.25 2.84 15.56
C LEU D 322 55.17 2.36 14.61
N CYS D 323 53.92 2.81 14.83
CA CYS D 323 52.85 2.48 13.89
C CYS D 323 53.17 2.94 12.48
N GLN D 324 53.74 4.14 12.36
CA GLN D 324 54.13 4.62 11.03
C GLN D 324 55.27 3.78 10.46
N VAL D 325 56.14 3.26 11.32
CA VAL D 325 57.19 2.35 10.85
C VAL D 325 56.56 1.09 10.25
N LEU D 326 55.55 0.53 10.94
CA LEU D 326 54.89 -0.65 10.40
C LEU D 326 54.11 -0.32 9.13
N CYS D 327 53.57 0.89 9.02
CA CYS D 327 52.86 1.29 7.81
C CYS D 327 53.80 1.34 6.62
N ALA D 328 54.87 2.14 6.73
CA ALA D 328 55.83 2.22 5.63
C ALA D 328 56.46 0.88 5.32
N LEU D 329 56.65 0.04 6.35
CA LEU D 329 57.11 -1.32 6.12
C LEU D 329 56.12 -2.11 5.27
N GLY D 330 54.82 -1.94 5.53
CA GLY D 330 53.82 -2.60 4.70
C GLY D 330 53.84 -2.12 3.27
N ASN D 331 53.91 -0.80 3.08
CA ASN D 331 54.01 -0.25 1.72
C ASN D 331 55.24 -0.78 1.00
N GLN D 332 56.35 -0.95 1.72
CA GLN D 332 57.54 -1.49 1.10
C GLN D 332 57.36 -2.96 0.73
N LEU D 333 56.68 -3.73 1.58
CA LEU D 333 56.42 -5.13 1.24
C LEU D 333 55.54 -5.23 0.00
N CYS D 334 54.56 -4.34 -0.13
CA CYS D 334 53.69 -4.37 -1.31
C CYS D 334 54.46 -3.97 -2.57
N ALA D 335 55.10 -2.80 -2.54
CA ALA D 335 55.82 -2.32 -3.71
C ALA D 335 56.99 -3.23 -4.08
N LEU D 336 57.48 -4.02 -3.13
CA LEU D 336 58.59 -4.93 -3.39
C LEU D 336 58.12 -6.28 -3.93
N LEU D 337 57.10 -6.88 -3.31
CA LEU D 337 56.55 -8.12 -3.83
C LEU D 337 55.80 -7.93 -5.14
N GLY D 338 55.44 -6.69 -5.48
CA GLY D 338 54.82 -6.44 -6.77
C GLY D 338 55.75 -6.75 -7.93
N ALA D 339 56.96 -6.19 -7.90
CA ALA D 339 57.96 -6.49 -8.91
C ALA D 339 58.58 -7.87 -8.75
N ASP D 340 58.35 -8.53 -7.61
CA ASP D 340 58.87 -9.86 -7.29
C ASP D 340 60.30 -10.06 -7.77
N SER D 341 61.15 -9.07 -7.47
CA SER D 341 62.57 -9.15 -7.80
C SER D 341 63.28 -9.98 -6.74
N ASP D 342 63.07 -11.29 -6.81
CA ASP D 342 63.60 -12.30 -5.90
C ASP D 342 62.99 -12.20 -4.50
N VAL D 343 62.15 -11.22 -4.24
CA VAL D 343 61.53 -11.07 -2.93
C VAL D 343 60.45 -12.13 -2.75
N GLU D 344 60.46 -12.79 -1.60
CA GLU D 344 59.49 -13.82 -1.28
C GLU D 344 58.63 -13.36 -0.11
N THR D 345 57.46 -13.98 0.02
CA THR D 345 56.57 -13.64 1.12
C THR D 345 57.23 -13.97 2.45
N PRO D 346 57.25 -13.04 3.40
CA PRO D 346 57.93 -13.30 4.68
C PRO D 346 57.25 -14.42 5.46
N SER D 347 58.07 -15.25 6.09
CA SER D 347 57.56 -16.32 6.94
C SER D 347 56.90 -15.78 8.21
N ASN D 348 57.16 -14.53 8.56
CA ASN D 348 56.55 -13.89 9.73
C ASN D 348 55.39 -12.97 9.34
N PHE D 349 55.00 -12.99 8.06
CA PHE D 349 53.92 -12.12 7.59
C PHE D 349 52.64 -12.29 8.40
N GLY D 350 52.46 -13.45 9.02
CA GLY D 350 51.35 -13.65 9.93
C GLY D 350 51.45 -12.74 11.14
N LYS D 351 52.54 -12.88 11.89
CA LYS D 351 52.73 -12.09 13.12
C LYS D 351 52.52 -10.60 12.84
N TYR D 352 53.20 -10.08 11.82
CA TYR D 352 53.03 -8.71 11.38
C TYR D 352 51.56 -8.32 11.35
N LEU D 353 50.76 -9.08 10.60
CA LEU D 353 49.32 -8.82 10.50
C LEU D 353 48.71 -8.62 11.87
N GLU D 354 48.91 -9.59 12.77
CA GLU D 354 48.40 -9.48 14.13
C GLU D 354 48.72 -8.12 14.72
N SER D 355 50.01 -7.76 14.74
CA SER D 355 50.41 -6.50 15.35
C SER D 355 49.77 -5.33 14.62
N PHE D 356 49.74 -5.38 13.28
CA PHE D 356 49.06 -4.32 12.54
C PHE D 356 47.59 -4.28 12.90
N LEU D 357 46.97 -5.46 13.05
CA LEU D 357 45.59 -5.52 13.51
C LEU D 357 45.45 -4.83 14.87
N ALA D 358 46.46 -4.96 15.72
CA ALA D 358 46.41 -4.32 17.03
C ALA D 358 46.29 -2.81 16.91
N PHE D 359 46.84 -2.22 15.84
CA PHE D 359 46.71 -0.77 15.66
C PHE D 359 45.36 -0.37 15.12
N THR D 360 44.62 -1.30 14.50
CA THR D 360 43.27 -1.00 14.07
C THR D 360 42.25 -1.13 15.21
N THR D 361 42.64 -1.76 16.31
CA THR D 361 41.79 -1.90 17.48
C THR D 361 42.14 -0.90 18.57
N HIS D 362 43.25 -0.19 18.45
CA HIS D 362 43.64 0.79 19.45
C HIS D 362 42.64 1.93 19.49
N PRO D 363 42.28 2.43 20.68
CA PRO D 363 41.23 3.46 20.78
C PRO D 363 41.53 4.73 19.98
N SER D 364 42.79 5.11 19.83
CA SER D 364 43.12 6.36 19.15
C SER D 364 42.71 6.29 17.69
N GLN D 365 41.97 7.29 17.23
CA GLN D 365 41.59 7.36 15.82
C GLN D 365 42.80 7.54 14.92
N PHE D 366 43.86 8.15 15.46
CA PHE D 366 45.04 8.43 14.64
C PHE D 366 45.71 7.16 14.15
N LEU D 367 45.83 6.15 15.02
CA LEU D 367 46.49 4.91 14.61
C LEU D 367 45.62 4.12 13.63
N ARG D 368 44.34 3.93 13.98
CA ARG D 368 43.43 3.20 13.11
C ARG D 368 43.37 3.83 11.72
N SER D 369 43.19 5.15 11.66
CA SER D 369 43.22 5.84 10.38
C SER D 369 44.59 5.75 9.72
N SER D 370 45.66 5.70 10.51
CA SER D 370 47.00 5.65 9.93
C SER D 370 47.29 4.31 9.27
N THR D 371 46.62 3.25 9.70
CA THR D 371 46.87 1.92 9.13
C THR D 371 46.08 1.67 7.85
N GLN D 372 45.05 2.48 7.57
CA GLN D 372 44.12 2.15 6.50
C GLN D 372 44.75 2.27 5.11
N MET D 373 45.73 3.15 4.94
CA MET D 373 46.41 3.24 3.65
C MET D 373 47.22 1.97 3.37
N THR D 374 47.93 1.47 4.39
CA THR D 374 48.66 0.22 4.24
C THR D 374 47.69 -0.95 4.05
N TRP D 375 46.52 -0.91 4.69
CA TRP D 375 45.52 -1.94 4.43
C TRP D 375 45.05 -1.89 2.97
N GLY D 376 44.81 -0.68 2.46
CA GLY D 376 44.39 -0.56 1.07
C GLY D 376 45.44 -1.05 0.10
N ALA D 377 46.70 -0.70 0.32
CA ALA D 377 47.79 -1.24 -0.49
C ALA D 377 47.95 -2.74 -0.32
N LEU D 378 47.52 -3.28 0.82
CA LEU D 378 47.67 -4.71 1.08
C LEU D 378 46.59 -5.52 0.40
N PHE D 379 45.36 -5.00 0.35
CA PHE D 379 44.27 -5.73 -0.28
C PHE D 379 44.40 -5.74 -1.81
N ARG D 380 44.82 -4.61 -2.39
CA ARG D 380 44.97 -4.52 -3.83
C ARG D 380 46.14 -5.32 -4.38
N HIS D 381 47.00 -5.84 -3.51
CA HIS D 381 48.16 -6.59 -3.98
C HIS D 381 47.73 -7.92 -4.57
N GLU D 382 48.36 -8.31 -5.69
CA GLU D 382 47.93 -9.50 -6.40
C GLU D 382 48.35 -10.77 -5.65
N ILE D 383 49.56 -10.80 -5.10
CA ILE D 383 50.07 -11.99 -4.45
C ILE D 383 49.48 -12.12 -3.04
N LEU D 384 49.53 -11.05 -2.25
CA LEU D 384 49.15 -11.13 -0.85
C LEU D 384 47.64 -11.32 -0.66
N SER D 385 46.82 -10.94 -1.64
CA SER D 385 45.38 -11.16 -1.52
C SER D 385 45.03 -12.64 -1.64
N ARG D 386 45.86 -13.42 -2.34
CA ARG D 386 45.68 -14.86 -2.43
C ARG D 386 46.32 -15.61 -1.27
N ASP D 387 47.10 -14.92 -0.43
CA ASP D 387 47.77 -15.58 0.67
C ASP D 387 46.76 -15.97 1.75
N PRO D 388 46.87 -17.18 2.30
CA PRO D 388 45.87 -17.62 3.30
C PRO D 388 45.87 -16.81 4.58
N LEU D 389 47.02 -16.26 4.98
CA LEU D 389 47.10 -15.53 6.26
C LEU D 389 46.23 -14.29 6.23
N LEU D 390 46.34 -13.49 5.18
CA LEU D 390 45.49 -12.30 5.05
C LEU D 390 44.02 -12.68 5.01
N LEU D 391 43.68 -13.69 4.20
CA LEU D 391 42.29 -14.15 4.12
C LEU D 391 41.76 -14.60 5.47
N ALA D 392 42.64 -15.14 6.33
CA ALA D 392 42.22 -15.51 7.67
C ALA D 392 42.05 -14.29 8.57
N ILE D 393 42.90 -13.27 8.38
CA ILE D 393 42.82 -12.08 9.22
C ILE D 393 41.73 -11.10 8.79
N ILE D 394 41.09 -11.34 7.63
CA ILE D 394 40.11 -10.39 7.11
C ILE D 394 38.92 -10.19 8.06
N PRO D 395 38.26 -11.25 8.57
CA PRO D 395 37.07 -11.00 9.41
C PRO D 395 37.33 -10.11 10.61
N LYS D 396 38.43 -10.34 11.32
CA LYS D 396 38.78 -9.47 12.44
C LYS D 396 39.00 -8.03 12.00
N TYR D 397 39.56 -7.84 10.80
CA TYR D 397 39.69 -6.50 10.25
C TYR D 397 38.33 -5.88 9.98
N LEU D 398 37.36 -6.70 9.56
CA LEU D 398 36.01 -6.17 9.30
C LEU D 398 35.31 -5.80 10.60
N ARG D 399 35.54 -6.57 11.66
CA ARG D 399 35.01 -6.20 12.97
C ARG D 399 35.62 -4.90 13.47
N ALA D 400 36.96 -4.80 13.38
CA ALA D 400 37.63 -3.56 13.76
C ALA D 400 37.11 -2.38 12.97
N SER D 401 36.88 -2.56 11.67
CA SER D 401 36.35 -1.48 10.84
C SER D 401 34.93 -1.12 11.26
N MET D 402 34.13 -2.13 11.62
CA MET D 402 32.81 -1.85 12.18
C MET D 402 32.91 -0.98 13.43
N THR D 403 33.93 -1.22 14.26
CA THR D 403 34.13 -0.35 15.41
C THR D 403 34.63 1.02 14.99
N ASN D 404 35.35 1.12 13.87
CA ASN D 404 35.94 2.37 13.43
C ASN D 404 35.00 3.24 12.62
N LEU D 405 33.85 2.73 12.20
CA LEU D 405 32.91 3.54 11.44
C LEU D 405 32.08 4.45 12.34
N VAL D 406 31.85 4.04 13.59
CA VAL D 406 31.04 4.84 14.50
C VAL D 406 31.77 6.13 14.85
N LYS D 407 31.01 7.21 15.02
CA LYS D 407 31.57 8.55 15.26
C LYS D 407 31.61 8.80 16.76
N MET D 408 32.59 8.18 17.42
CA MET D 408 32.84 8.35 18.83
C MET D 408 34.25 8.88 19.03
N GLY D 409 34.52 9.35 20.24
CA GLY D 409 35.82 9.88 20.58
C GLY D 409 35.97 11.38 20.48
N PHE D 410 34.90 12.13 20.72
CA PHE D 410 34.99 13.59 20.68
C PHE D 410 35.90 14.09 21.81
N PRO D 411 36.85 14.97 21.52
CA PRO D 411 37.73 15.47 22.60
C PRO D 411 36.99 16.21 23.70
N SER D 412 35.82 16.78 23.40
CA SER D 412 35.08 17.53 24.41
C SER D 412 34.27 16.63 25.33
N LYS D 413 33.92 15.42 24.88
CA LYS D 413 33.15 14.49 25.69
C LYS D 413 34.05 13.36 26.18
N THR D 414 33.49 12.55 27.08
CA THR D 414 34.21 11.42 27.67
C THR D 414 33.42 10.13 27.51
N ASP D 415 32.86 9.93 26.31
CA ASP D 415 32.03 8.75 26.06
C ASP D 415 32.88 7.48 25.95
N SER D 416 33.78 7.45 24.96
CA SER D 416 34.59 6.29 24.67
C SER D 416 36.04 6.52 25.10
N PRO D 417 36.82 5.45 25.26
CA PRO D 417 38.25 5.63 25.56
C PRO D 417 39.03 6.35 24.47
N SER D 418 38.46 6.52 23.28
CA SER D 418 39.14 7.26 22.23
C SER D 418 39.27 8.73 22.57
N CYS D 419 38.28 9.29 23.25
CA CYS D 419 38.21 10.74 23.51
C CYS D 419 39.54 11.29 24.00
N GLU D 420 40.09 10.67 25.05
CA GLU D 420 41.34 11.16 25.64
C GLU D 420 42.44 11.22 24.59
N TYR D 421 42.60 10.15 23.81
CA TYR D 421 43.61 10.17 22.74
C TYR D 421 43.33 11.29 21.75
N SER D 422 42.06 11.50 21.41
CA SER D 422 41.71 12.62 20.54
C SER D 422 42.13 13.95 21.15
N ARG D 423 41.99 14.08 22.48
CA ARG D 423 42.40 15.31 23.14
C ARG D 423 43.89 15.57 22.93
N PHE D 424 44.68 14.52 22.76
CA PHE D 424 46.10 14.70 22.50
C PHE D 424 46.41 14.98 21.04
N ASP D 425 45.54 14.55 20.13
CA ASP D 425 45.83 14.66 18.71
C ASP D 425 45.14 15.83 18.03
N PHE D 426 44.15 16.44 18.66
CA PHE D 426 43.41 17.53 18.05
C PHE D 426 43.15 18.62 19.09
N ASP D 427 43.00 19.85 18.61
CA ASP D 427 42.83 20.99 19.51
C ASP D 427 41.37 21.38 19.72
N SER D 428 40.44 20.81 18.95
CA SER D 428 39.03 21.11 19.11
C SER D 428 38.21 19.98 18.50
N ASP D 429 36.88 20.07 18.63
CA ASP D 429 36.01 19.06 18.06
C ASP D 429 35.96 19.14 16.54
N GLU D 430 36.08 20.35 15.98
CA GLU D 430 35.93 20.51 14.54
C GLU D 430 37.06 19.81 13.78
N ASP D 431 38.28 19.89 14.29
CA ASP D 431 39.40 19.25 13.61
C ASP D 431 39.31 17.73 13.70
N PHE D 432 38.91 17.21 14.87
CA PHE D 432 38.69 15.77 14.99
C PHE D 432 37.56 15.31 14.08
N ASN D 433 36.54 16.13 13.91
CA ASN D 433 35.43 15.78 13.03
C ASN D 433 35.87 15.74 11.57
N ALA D 434 36.63 16.75 11.13
CA ALA D 434 37.15 16.74 9.77
C ALA D 434 38.05 15.54 9.54
N PHE D 435 38.93 15.24 10.49
CA PHE D 435 39.81 14.08 10.36
C PHE D 435 39.01 12.79 10.29
N PHE D 436 37.98 12.66 11.13
CA PHE D 436 37.19 11.44 11.15
C PHE D 436 36.40 11.27 9.85
N ASN D 437 35.90 12.37 9.28
CA ASN D 437 35.17 12.28 8.03
C ASN D 437 36.10 11.93 6.87
N SER D 438 37.27 12.55 6.81
CA SER D 438 38.24 12.23 5.76
C SER D 438 38.68 10.77 5.84
N SER D 439 39.12 10.34 7.02
CA SER D 439 39.50 8.94 7.21
C SER D 439 38.32 8.00 7.00
N ARG D 440 37.10 8.49 7.15
CA ARG D 440 35.92 7.68 6.87
C ARG D 440 35.78 7.45 5.37
N ALA D 441 35.86 8.53 4.58
CA ALA D 441 35.80 8.41 3.13
C ALA D 441 36.92 7.52 2.60
N GLN D 442 38.15 7.74 3.07
CA GLN D 442 39.25 6.88 2.64
C GLN D 442 39.11 5.45 3.17
N GLN D 443 38.39 5.28 4.29
CA GLN D 443 38.20 3.95 4.84
C GLN D 443 37.23 3.13 4.00
N GLY D 444 36.20 3.78 3.47
CA GLY D 444 35.18 3.05 2.72
C GLY D 444 35.75 2.22 1.59
N GLU D 445 36.63 2.81 0.78
CA GLU D 445 37.22 2.11 -0.35
C GLU D 445 37.98 0.86 0.10
N VAL D 446 38.87 1.03 1.08
CA VAL D 446 39.64 -0.11 1.60
C VAL D 446 38.72 -1.20 2.11
N MET D 447 37.63 -0.81 2.79
CA MET D 447 36.69 -1.81 3.28
C MET D 447 35.98 -2.51 2.13
N ARG D 448 35.72 -1.82 1.03
CA ARG D 448 35.15 -2.48 -0.14
C ARG D 448 36.13 -3.51 -0.70
N LEU D 449 37.42 -3.20 -0.69
CA LEU D 449 38.41 -4.21 -1.06
C LEU D 449 38.34 -5.41 -0.12
N ALA D 450 38.25 -5.15 1.19
CA ALA D 450 38.18 -6.23 2.17
C ALA D 450 36.97 -7.13 1.92
N CYS D 451 35.81 -6.52 1.63
CA CYS D 451 34.63 -7.31 1.31
C CYS D 451 34.79 -8.06 0.00
N ARG D 452 35.49 -7.47 -0.96
CA ARG D 452 35.77 -8.18 -2.21
C ARG D 452 36.56 -9.45 -1.95
N LEU D 453 37.49 -9.40 -0.99
CA LEU D 453 38.27 -10.60 -0.69
C LEU D 453 37.51 -11.62 0.15
N ASP D 454 36.37 -11.25 0.73
CA ASP D 454 35.58 -12.16 1.56
C ASP D 454 34.16 -11.64 1.64
N PRO D 455 33.32 -11.97 0.65
CA PRO D 455 31.95 -11.44 0.64
C PRO D 455 31.04 -12.08 1.67
N LYS D 456 31.16 -13.40 1.87
CA LYS D 456 30.24 -14.11 2.76
C LYS D 456 30.29 -13.55 4.17
N THR D 457 31.47 -13.62 4.81
CA THR D 457 31.61 -13.19 6.20
C THR D 457 31.18 -11.74 6.38
N SER D 458 31.54 -10.88 5.42
CA SER D 458 31.11 -9.49 5.48
C SER D 458 29.59 -9.38 5.45
N PHE D 459 28.94 -10.18 4.62
CA PHE D 459 27.48 -10.19 4.57
C PHE D 459 26.90 -10.62 5.91
N GLN D 460 27.45 -11.69 6.50
CA GLN D 460 26.94 -12.18 7.77
C GLN D 460 27.08 -11.12 8.87
N MET D 461 28.22 -10.44 8.90
CA MET D 461 28.45 -9.42 9.93
C MET D 461 27.53 -8.22 9.73
N ALA D 462 27.39 -7.76 8.48
CA ALA D 462 26.50 -6.64 8.21
C ALA D 462 25.07 -6.95 8.60
N GLY D 463 24.59 -8.15 8.22
CA GLY D 463 23.24 -8.54 8.60
C GLY D 463 23.06 -8.67 10.11
N GLU D 464 24.05 -9.27 10.79
CA GLU D 464 23.99 -9.38 12.24
C GLU D 464 23.89 -8.01 12.89
N TRP D 465 24.72 -7.06 12.44
CA TRP D 465 24.66 -5.72 13.00
C TRP D 465 23.32 -5.05 12.71
N LEU D 466 22.77 -5.28 11.51
CA LEU D 466 21.44 -4.77 11.19
C LEU D 466 20.41 -5.29 12.20
N LYS D 467 20.37 -6.61 12.41
CA LYS D 467 19.46 -7.18 13.39
C LYS D 467 19.66 -6.55 14.76
N TYR D 468 20.92 -6.35 15.17
CA TYR D 468 21.20 -5.79 16.47
C TYR D 468 20.62 -4.38 16.60
N GLN D 469 20.86 -3.52 15.60
CA GLN D 469 20.33 -2.17 15.67
C GLN D 469 18.79 -2.17 15.63
N LEU D 470 18.20 -3.13 14.92
CA LEU D 470 16.75 -3.24 14.92
C LEU D 470 16.21 -3.66 16.28
N SER D 471 16.98 -4.44 17.03
CA SER D 471 16.49 -5.10 18.24
C SER D 471 16.71 -4.30 19.52
N THR D 472 17.38 -3.16 19.47
CA THR D 472 17.74 -2.42 20.67
C THR D 472 17.23 -0.98 20.60
N PHE D 473 16.91 -0.44 21.78
CA PHE D 473 16.50 0.96 21.94
C PHE D 473 15.41 1.38 20.96
N SER D 491 11.39 18.38 21.16
CA SER D 491 12.77 17.96 20.93
C SER D 491 13.12 16.76 21.81
N LEU D 492 12.42 15.65 21.59
CA LEU D 492 12.66 14.41 22.34
C LEU D 492 13.03 13.26 21.41
N CYS D 493 13.76 13.56 20.34
CA CYS D 493 14.13 12.57 19.34
C CYS D 493 15.65 12.49 19.22
N SER D 494 16.10 11.44 18.53
CA SER D 494 17.54 11.18 18.39
C SER D 494 18.17 12.25 17.52
N VAL D 495 19.09 13.02 18.09
CA VAL D 495 19.85 14.04 17.38
C VAL D 495 21.32 13.73 17.57
N PHE D 496 21.89 12.95 16.65
CA PHE D 496 23.29 12.54 16.71
C PHE D 496 23.63 11.89 18.05
N SER D 497 22.64 11.24 18.65
CA SER D 497 22.82 10.50 19.89
C SER D 497 23.63 9.24 19.60
N PRO D 498 24.04 8.50 20.64
CA PRO D 498 24.69 7.20 20.39
C PRO D 498 23.87 6.28 19.50
N SER D 499 22.55 6.27 19.66
CA SER D 499 21.69 5.46 18.80
C SER D 499 21.88 5.85 17.33
N PHE D 500 21.91 7.15 17.03
CA PHE D 500 22.00 7.57 15.64
C PHE D 500 23.37 7.29 15.05
N VAL D 501 24.44 7.44 15.84
CA VAL D 501 25.76 7.16 15.28
C VAL D 501 25.94 5.66 15.06
N GLN D 502 25.35 4.83 15.94
CA GLN D 502 25.32 3.39 15.69
C GLN D 502 24.56 3.09 14.40
N TRP D 503 23.38 3.69 14.24
CA TRP D 503 22.56 3.45 13.06
C TRP D 503 23.27 3.89 11.78
N GLU D 504 24.01 5.00 11.84
CA GLU D 504 24.68 5.51 10.65
C GLU D 504 25.89 4.65 10.30
N ALA D 505 26.69 4.28 11.30
CA ALA D 505 27.83 3.39 11.05
C ALA D 505 27.35 2.07 10.45
N MET D 506 26.31 1.48 11.06
CA MET D 506 25.77 0.23 10.53
C MET D 506 25.18 0.43 9.14
N THR D 507 24.61 1.60 8.86
CA THR D 507 24.03 1.86 7.56
C THR D 507 25.11 1.90 6.47
N LEU D 508 26.17 2.67 6.72
CA LEU D 508 27.27 2.73 5.76
C LEU D 508 27.91 1.35 5.57
N PHE D 509 28.14 0.64 6.68
CA PHE D 509 28.76 -0.69 6.57
C PHE D 509 27.89 -1.62 5.74
N LEU D 510 26.59 -1.68 6.05
CA LEU D 510 25.70 -2.57 5.32
C LEU D 510 25.62 -2.19 3.85
N GLU D 511 25.49 -0.90 3.54
CA GLU D 511 25.40 -0.49 2.15
C GLU D 511 26.66 -0.86 1.38
N SER D 512 27.82 -0.66 1.98
CA SER D 512 29.07 -1.04 1.32
C SER D 512 29.13 -2.55 1.09
N VAL D 513 28.87 -3.33 2.14
CA VAL D 513 28.98 -4.79 2.06
C VAL D 513 28.03 -5.34 1.02
N ILE D 514 26.77 -4.89 1.03
CA ILE D 514 25.77 -5.43 0.11
C ILE D 514 26.07 -4.99 -1.32
N THR D 515 26.40 -3.71 -1.51
CA THR D 515 26.67 -3.21 -2.86
C THR D 515 27.87 -3.91 -3.49
N GLN D 516 29.02 -3.84 -2.82
CA GLN D 516 30.23 -4.48 -3.35
C GLN D 516 30.04 -5.99 -3.43
N MET D 517 29.24 -6.57 -2.53
CA MET D 517 28.93 -8.00 -2.61
C MET D 517 28.19 -8.33 -3.90
N PHE D 518 27.21 -7.50 -4.26
CA PHE D 518 26.56 -7.66 -5.56
C PHE D 518 27.49 -7.37 -6.72
N ARG D 519 28.58 -6.63 -6.46
CA ARG D 519 29.58 -6.43 -7.51
C ARG D 519 30.54 -7.60 -7.64
N THR D 520 30.65 -8.44 -6.61
CA THR D 520 31.63 -9.53 -6.60
C THR D 520 31.00 -10.90 -6.88
N LEU D 521 30.00 -11.29 -6.09
CA LEU D 521 29.45 -12.62 -6.19
C LEU D 521 28.62 -12.80 -7.46
N ASN D 522 28.59 -14.04 -7.96
CA ASN D 522 27.72 -14.40 -9.07
C ASN D 522 26.26 -14.42 -8.62
N ARG D 523 25.37 -14.63 -9.58
CA ARG D 523 23.96 -14.76 -9.26
C ARG D 523 23.71 -15.98 -8.38
N GLU D 524 24.44 -17.07 -8.63
CA GLU D 524 24.25 -18.29 -7.84
C GLU D 524 24.83 -18.15 -6.44
N GLU D 525 25.83 -17.30 -6.25
CA GLU D 525 26.53 -17.20 -4.98
C GLU D 525 25.80 -16.32 -3.97
N ILE D 526 24.95 -15.40 -4.43
CA ILE D 526 24.24 -14.49 -3.54
C ILE D 526 23.21 -15.27 -2.73
N PRO D 527 23.32 -15.29 -1.39
CA PRO D 527 22.29 -15.97 -0.58
C PRO D 527 21.00 -15.18 -0.58
N VAL D 528 20.00 -15.67 -1.32
CA VAL D 528 18.79 -14.89 -1.53
C VAL D 528 17.91 -14.91 -0.27
N ASN D 529 17.83 -16.05 0.40
CA ASN D 529 16.89 -16.18 1.51
C ASN D 529 17.28 -15.29 2.69
N ASP D 530 18.56 -15.24 3.04
CA ASP D 530 18.98 -14.42 4.17
C ASP D 530 18.83 -12.94 3.86
N GLY D 531 19.20 -12.51 2.65
CA GLY D 531 19.01 -11.12 2.28
C GLY D 531 17.55 -10.71 2.24
N ILE D 532 16.69 -11.63 1.79
CA ILE D 532 15.26 -11.34 1.79
C ILE D 532 14.74 -11.24 3.21
N GLU D 533 15.20 -12.12 4.11
CA GLU D 533 14.82 -11.99 5.52
C GLU D 533 15.25 -10.64 6.09
N LEU D 534 16.47 -10.21 5.78
CA LEU D 534 16.96 -8.92 6.28
C LEU D 534 16.11 -7.77 5.75
N LEU D 535 15.88 -7.74 4.42
CA LEU D 535 15.05 -6.70 3.83
C LEU D 535 13.66 -6.68 4.47
N GLN D 536 13.07 -7.85 4.70
CA GLN D 536 11.78 -7.91 5.36
C GLN D 536 11.85 -7.33 6.76
N MET D 537 12.93 -7.61 7.49
CA MET D 537 13.10 -7.06 8.82
C MET D 537 13.19 -5.54 8.80
N VAL D 538 13.85 -4.98 7.78
CA VAL D 538 13.95 -3.53 7.69
C VAL D 538 12.60 -2.92 7.31
N LEU D 539 11.83 -3.61 6.46
CA LEU D 539 10.53 -3.10 6.06
C LEU D 539 9.55 -3.12 7.23
N ASN D 540 9.61 -4.15 8.07
CA ASN D 540 8.66 -4.26 9.17
C ASN D 540 8.97 -3.25 10.28
N PHE D 541 10.25 -2.95 10.50
CA PHE D 541 10.63 -2.01 11.54
C PHE D 541 10.14 -0.62 11.18
N ASP D 542 9.35 -0.02 12.07
CA ASP D 542 8.82 1.32 11.86
C ASP D 542 9.33 2.24 12.97
N THR D 543 9.44 3.53 12.64
CA THR D 543 9.88 4.54 13.59
C THR D 543 9.43 5.90 13.09
N LYS D 544 9.07 6.77 14.04
CA LYS D 544 8.69 8.14 13.73
C LYS D 544 9.80 9.14 14.00
N ASP D 545 11.02 8.65 14.25
CA ASP D 545 12.18 9.52 14.32
C ASP D 545 12.76 9.69 12.93
N PRO D 546 12.91 10.92 12.42
CA PRO D 546 13.37 11.10 11.03
C PRO D 546 14.75 10.53 10.75
N LEU D 547 15.67 10.57 11.72
CA LEU D 547 17.03 10.10 11.44
C LEU D 547 17.06 8.59 11.23
N ILE D 548 16.54 7.82 12.18
CA ILE D 548 16.48 6.37 12.03
C ILE D 548 15.67 6.01 10.79
N LEU D 549 14.66 6.82 10.46
CA LEU D 549 13.86 6.54 9.26
C LEU D 549 14.70 6.73 8.00
N SER D 550 15.53 7.76 7.96
CA SER D 550 16.44 7.94 6.82
C SER D 550 17.43 6.80 6.75
N CYS D 551 17.89 6.31 7.90
CA CYS D 551 18.82 5.18 7.91
C CYS D 551 18.16 3.93 7.35
N VAL D 552 16.92 3.64 7.76
CA VAL D 552 16.26 2.43 7.28
C VAL D 552 15.87 2.59 5.81
N LEU D 553 15.63 3.82 5.35
CA LEU D 553 15.41 4.01 3.92
C LEU D 553 16.69 3.74 3.14
N THR D 554 17.84 4.17 3.67
CA THR D 554 19.11 3.79 3.06
C THR D 554 19.32 2.28 3.12
N ASN D 555 18.76 1.63 4.13
CA ASN D 555 18.91 0.18 4.24
C ASN D 555 18.06 -0.56 3.20
N VAL D 556 16.84 -0.10 2.96
CA VAL D 556 16.02 -0.73 1.92
C VAL D 556 16.56 -0.38 0.54
N SER D 557 17.22 0.77 0.41
CA SER D 557 17.89 1.09 -0.85
C SER D 557 19.10 0.20 -1.07
N ALA D 558 19.81 -0.16 0.02
CA ALA D 558 20.95 -1.05 -0.11
C ALA D 558 20.50 -2.49 -0.38
N LEU D 559 19.38 -2.90 0.20
CA LEU D 559 18.88 -4.26 0.06
C LEU D 559 17.89 -4.43 -1.08
N PHE D 560 17.61 -3.37 -1.84
CA PHE D 560 16.62 -3.47 -2.92
C PHE D 560 16.98 -4.47 -4.01
N PRO D 561 18.23 -4.61 -4.46
CA PRO D 561 18.51 -5.59 -5.52
C PRO D 561 18.13 -7.02 -5.15
N PHE D 562 17.89 -7.32 -3.87
CA PHE D 562 17.39 -8.64 -3.51
C PHE D 562 15.97 -8.88 -3.98
N VAL D 563 15.18 -7.81 -4.20
CA VAL D 563 13.81 -7.98 -4.66
C VAL D 563 13.72 -8.49 -6.09
N THR D 564 14.86 -8.55 -6.80
CA THR D 564 14.85 -9.15 -8.14
C THR D 564 14.57 -10.65 -8.07
N TYR D 565 15.02 -11.32 -7.03
CA TYR D 565 14.81 -12.75 -6.88
C TYR D 565 13.47 -13.09 -6.25
N ARG D 566 12.80 -12.11 -5.64
CA ARG D 566 11.43 -12.29 -5.15
C ARG D 566 10.67 -11.00 -5.40
N PRO D 567 10.17 -10.80 -6.63
CA PRO D 567 9.50 -9.54 -6.97
C PRO D 567 8.22 -9.27 -6.18
N GLU D 568 7.66 -10.27 -5.49
CA GLU D 568 6.44 -10.04 -4.73
C GLU D 568 6.64 -9.06 -3.58
N PHE D 569 7.88 -8.78 -3.19
CA PHE D 569 8.18 -7.78 -2.18
C PHE D 569 8.23 -6.37 -2.74
N LEU D 570 8.03 -6.19 -4.04
CA LEU D 570 8.12 -4.87 -4.66
C LEU D 570 7.00 -3.93 -4.19
N PRO D 571 5.77 -4.40 -3.98
CA PRO D 571 4.78 -3.49 -3.37
C PRO D 571 5.22 -2.98 -2.00
N GLN D 572 5.57 -3.90 -1.09
CA GLN D 572 5.86 -3.52 0.29
C GLN D 572 6.92 -2.44 0.38
N VAL D 573 8.04 -2.62 -0.33
CA VAL D 573 9.10 -1.61 -0.28
C VAL D 573 8.57 -0.26 -0.71
N PHE D 574 7.77 -0.21 -1.78
CA PHE D 574 7.18 1.06 -2.19
C PHE D 574 6.17 1.53 -1.16
N SER D 575 5.41 0.60 -0.58
CA SER D 575 4.55 0.93 0.55
C SER D 575 5.36 1.56 1.68
N LYS D 576 6.61 1.13 1.85
CA LYS D 576 7.46 1.74 2.86
C LYS D 576 7.94 3.12 2.44
N LEU D 577 8.16 3.33 1.14
CA LEU D 577 8.74 4.58 0.67
C LEU D 577 7.69 5.66 0.47
N PHE D 578 6.57 5.33 -0.18
CA PHE D 578 5.52 6.32 -0.41
C PHE D 578 5.02 6.91 0.90
N SER D 579 4.86 6.07 1.92
CA SER D 579 4.49 6.58 3.25
C SER D 579 5.52 7.60 3.72
N SER D 580 6.82 7.28 3.58
CA SER D 580 7.85 8.22 3.97
C SER D 580 7.79 9.50 3.14
N VAL D 581 7.22 9.43 1.93
CA VAL D 581 7.06 10.64 1.13
C VAL D 581 6.07 11.59 1.79
N THR D 582 5.05 11.05 2.47
CA THR D 582 4.08 11.86 3.18
C THR D 582 4.37 11.93 4.67
N PHE D 583 5.53 11.43 5.10
CA PHE D 583 5.90 11.44 6.51
C PHE D 583 6.07 12.87 7.01
N GLU D 584 5.75 13.07 8.29
CA GLU D 584 5.94 14.35 8.95
C GLU D 584 5.74 14.14 10.44
N THR D 585 6.22 15.11 11.22
CA THR D 585 5.95 15.09 12.65
C THR D 585 4.44 15.14 12.89
N VAL D 586 4.02 14.64 14.06
CA VAL D 586 2.59 14.60 14.39
C VAL D 586 1.98 16.00 14.29
N GLU D 587 2.80 17.03 14.46
CA GLU D 587 2.38 18.42 14.26
C GLU D 587 2.66 18.80 12.80
N GLU D 588 1.60 18.95 12.01
CA GLU D 588 1.74 19.32 10.61
C GLU D 588 1.71 20.83 10.41
N SER D 589 0.70 21.51 10.98
CA SER D 589 0.59 22.95 10.91
C SER D 589 0.87 23.63 12.24
N LYS D 590 0.91 22.88 13.34
CA LYS D 590 1.20 23.47 14.64
C LYS D 590 2.66 23.92 14.73
N ALA D 591 3.58 23.11 14.22
CA ALA D 591 5.00 23.39 14.22
C ALA D 591 5.54 23.30 12.81
N PRO D 592 6.57 24.11 12.47
CA PRO D 592 7.13 24.05 11.13
C PRO D 592 7.84 22.74 10.86
N ARG D 593 7.96 22.42 9.58
CA ARG D 593 8.63 21.18 9.18
C ARG D 593 10.14 21.33 9.33
N THR D 594 10.73 20.46 10.15
CA THR D 594 12.16 20.51 10.40
C THR D 594 12.94 20.10 9.14
N ARG D 595 14.25 20.32 9.17
CA ARG D 595 15.08 19.90 8.05
C ARG D 595 15.19 18.39 7.98
N ALA D 596 15.14 17.70 9.13
CA ALA D 596 15.20 16.25 9.12
C ALA D 596 14.01 15.65 8.39
N VAL D 597 12.81 16.16 8.65
CA VAL D 597 11.61 15.66 7.98
C VAL D 597 11.72 15.85 6.48
N ARG D 598 11.97 17.10 6.05
CA ARG D 598 12.06 17.39 4.62
C ARG D 598 13.14 16.57 3.94
N ASN D 599 14.26 16.36 4.63
CA ASN D 599 15.33 15.53 4.06
C ASN D 599 14.91 14.07 3.98
N VAL D 600 14.04 13.62 4.88
CA VAL D 600 13.52 12.25 4.78
C VAL D 600 12.56 12.13 3.61
N ARG D 601 11.75 13.17 3.38
CA ARG D 601 10.84 13.16 2.23
C ARG D 601 11.61 13.15 0.92
N ARG D 602 12.58 14.06 0.77
CA ARG D 602 13.39 14.07 -0.44
C ARG D 602 14.22 12.79 -0.57
N HIS D 603 14.60 12.20 0.56
CA HIS D 603 15.33 10.93 0.51
C HIS D 603 14.43 9.81 -0.01
N ALA D 604 13.17 9.79 0.41
CA ALA D 604 12.24 8.77 -0.07
C ALA D 604 11.94 8.96 -1.55
N CYS D 605 11.68 10.20 -1.97
CA CYS D 605 11.48 10.46 -3.39
C CYS D 605 12.71 10.08 -4.21
N SER D 606 13.90 10.35 -3.67
CA SER D 606 15.13 9.94 -4.34
C SER D 606 15.21 8.43 -4.46
N SER D 607 14.76 7.70 -3.43
CA SER D 607 14.72 6.25 -3.52
C SER D 607 13.75 5.79 -4.61
N ILE D 608 12.61 6.48 -4.73
CA ILE D 608 11.65 6.14 -5.78
C ILE D 608 12.27 6.33 -7.15
N ILE D 609 12.93 7.49 -7.37
CA ILE D 609 13.55 7.75 -8.66
C ILE D 609 14.65 6.74 -8.93
N LYS D 610 15.40 6.36 -7.91
CA LYS D 610 16.49 5.40 -8.09
C LYS D 610 15.96 4.02 -8.45
N MET D 611 14.88 3.59 -7.82
CA MET D 611 14.35 2.26 -8.09
C MET D 611 13.65 2.20 -9.44
N CYS D 612 12.93 3.27 -9.80
CA CYS D 612 12.29 3.31 -11.12
C CYS D 612 13.32 3.45 -12.23
N ARG D 613 14.46 4.10 -11.95
CA ARG D 613 15.46 4.35 -12.97
C ARG D 613 16.39 3.16 -13.17
N ASP D 614 16.81 2.52 -12.07
CA ASP D 614 17.76 1.42 -12.14
C ASP D 614 17.11 0.05 -12.26
N TYR D 615 15.88 -0.10 -11.79
CA TYR D 615 15.15 -1.37 -11.87
C TYR D 615 13.78 -1.17 -12.52
N PRO D 616 13.75 -0.71 -13.78
CA PRO D 616 12.45 -0.42 -14.41
C PRO D 616 11.72 -1.68 -14.84
N GLN D 617 12.48 -2.74 -15.15
CA GLN D 617 11.85 -4.00 -15.57
C GLN D 617 11.10 -4.66 -14.43
N LEU D 618 11.53 -4.44 -13.18
CA LEU D 618 10.80 -4.96 -12.03
C LEU D 618 9.60 -4.09 -11.69
N VAL D 619 9.75 -2.77 -11.85
CA VAL D 619 8.70 -1.84 -11.47
C VAL D 619 7.56 -1.83 -12.49
N LEU D 620 7.86 -2.14 -13.75
CA LEU D 620 6.86 -2.05 -14.82
C LEU D 620 5.56 -2.79 -14.54
N PRO D 621 5.55 -4.02 -13.98
CA PRO D 621 4.26 -4.66 -13.68
C PRO D 621 3.39 -3.90 -12.70
N ASN D 622 3.99 -3.22 -11.71
CA ASN D 622 3.25 -2.48 -10.71
C ASN D 622 2.96 -1.04 -11.12
N PHE D 623 3.00 -0.76 -12.43
CA PHE D 623 2.82 0.60 -12.91
C PHE D 623 1.42 1.13 -12.61
N ASP D 624 0.42 0.25 -12.57
CA ASP D 624 -0.93 0.70 -12.22
C ASP D 624 -1.00 1.14 -10.76
N MET D 625 -0.44 0.33 -9.86
CA MET D 625 -0.40 0.70 -8.45
C MET D 625 0.34 2.01 -8.24
N LEU D 626 1.55 2.11 -8.79
CA LEU D 626 2.35 3.30 -8.57
C LEU D 626 1.71 4.53 -9.19
N TYR D 627 1.11 4.38 -10.37
CA TYR D 627 0.47 5.53 -11.01
C TYR D 627 -0.74 6.00 -10.23
N ASN D 628 -1.61 5.07 -9.83
CA ASN D 628 -2.79 5.45 -9.06
C ASN D 628 -2.41 6.07 -7.73
N HIS D 629 -1.36 5.54 -7.08
CA HIS D 629 -0.91 6.10 -5.81
C HIS D 629 -0.38 7.51 -5.99
N VAL D 630 0.51 7.71 -6.97
CA VAL D 630 1.08 9.03 -7.19
C VAL D 630 0.01 10.04 -7.58
N LYS D 631 -0.93 9.65 -8.44
CA LYS D 631 -2.00 10.56 -8.82
C LYS D 631 -2.89 10.88 -7.64
N GLN D 632 -3.11 9.91 -6.76
CA GLN D 632 -3.85 10.19 -5.53
C GLN D 632 -3.10 11.21 -4.67
N LEU D 633 -1.78 11.09 -4.58
CA LEU D 633 -0.99 12.06 -3.81
C LEU D 633 -1.07 13.45 -4.43
N LEU D 634 -1.07 13.53 -5.76
CA LEU D 634 -1.15 14.82 -6.44
C LEU D 634 -2.58 15.34 -6.52
N SER D 635 -3.57 14.57 -6.07
CA SER D 635 -4.94 15.06 -6.04
C SER D 635 -5.07 16.26 -5.10
N ASN D 636 -4.38 16.23 -3.98
CA ASN D 636 -4.37 17.33 -3.04
C ASN D 636 -3.13 18.18 -3.33
N GLU D 637 -3.35 19.39 -3.84
CA GLU D 637 -2.24 20.27 -4.20
C GLU D 637 -1.45 20.74 -2.99
N LEU D 638 -2.06 20.74 -1.80
CA LEU D 638 -1.39 21.20 -0.59
C LEU D 638 -0.66 20.08 0.15
N LEU D 639 -0.73 18.84 -0.34
CA LEU D 639 -0.12 17.72 0.36
C LEU D 639 1.40 17.76 0.21
N LEU D 640 1.90 17.71 -1.02
CA LEU D 640 3.33 17.63 -1.30
C LEU D 640 3.82 18.94 -1.90
N THR D 641 5.11 19.20 -1.73
CA THR D 641 5.74 20.31 -2.43
C THR D 641 6.17 19.87 -3.82
N GLN D 642 6.53 20.84 -4.65
CA GLN D 642 6.73 20.58 -6.07
C GLN D 642 7.93 19.68 -6.33
N MET D 643 8.95 19.72 -5.46
CA MET D 643 10.07 18.81 -5.60
C MET D 643 9.62 17.37 -5.45
N GLU D 644 8.76 17.10 -4.46
CA GLU D 644 8.25 15.75 -4.26
C GLU D 644 7.28 15.36 -5.38
N LYS D 645 6.36 16.25 -5.72
CA LYS D 645 5.38 15.97 -6.76
C LYS D 645 6.06 15.62 -8.08
N CYS D 646 6.92 16.53 -8.56
CA CYS D 646 7.56 16.32 -9.84
C CYS D 646 8.66 15.26 -9.77
N ALA D 647 9.20 14.99 -8.59
CA ALA D 647 10.04 13.81 -8.44
C ALA D 647 9.24 12.55 -8.70
N LEU D 648 8.03 12.48 -8.14
CA LEU D 648 7.16 11.32 -8.39
C LEU D 648 6.77 11.23 -9.85
N MET D 649 6.50 12.37 -10.50
CA MET D 649 6.16 12.33 -11.93
C MET D 649 7.34 11.86 -12.76
N GLU D 650 8.55 12.33 -12.43
CA GLU D 650 9.75 11.82 -13.08
C GLU D 650 9.87 10.31 -12.90
N ALA D 651 9.55 9.81 -11.71
CA ALA D 651 9.52 8.37 -11.51
C ALA D 651 8.51 7.71 -12.44
N LEU D 652 7.33 8.32 -12.60
CA LEU D 652 6.30 7.74 -13.44
C LEU D 652 6.76 7.62 -14.88
N VAL D 653 7.32 8.69 -15.45
CA VAL D 653 7.79 8.60 -16.83
C VAL D 653 8.97 7.64 -16.94
N LEU D 654 9.81 7.57 -15.89
CA LEU D 654 10.89 6.59 -15.88
C LEU D 654 10.34 5.17 -15.99
N ILE D 655 9.23 4.88 -15.31
CA ILE D 655 8.60 3.57 -15.47
C ILE D 655 8.04 3.44 -16.88
N SER D 656 7.46 4.51 -17.42
CA SER D 656 6.88 4.46 -18.76
C SER D 656 7.93 4.19 -19.83
N ASN D 657 9.20 4.49 -19.56
CA ASN D 657 10.25 4.16 -20.51
C ASN D 657 10.36 2.65 -20.76
N GLN D 658 9.84 1.82 -19.85
CA GLN D 658 9.91 0.38 -20.04
C GLN D 658 8.95 -0.12 -21.10
N PHE D 659 7.96 0.69 -21.49
CA PHE D 659 7.08 0.30 -22.58
C PHE D 659 7.87 0.03 -23.85
N LYS D 660 8.88 0.87 -24.13
CA LYS D 660 9.69 0.78 -25.34
C LYS D 660 8.82 0.79 -26.59
N ASN D 661 7.68 1.47 -26.52
CA ASN D 661 6.76 1.67 -27.64
C ASN D 661 6.50 3.16 -27.74
N TYR D 662 6.89 3.76 -28.86
CA TYR D 662 6.75 5.21 -29.03
C TYR D 662 5.31 5.66 -28.84
N GLU D 663 4.36 4.91 -29.42
CA GLU D 663 2.97 5.35 -29.40
C GLU D 663 2.38 5.29 -28.00
N ARG D 664 2.65 4.20 -27.27
CA ARG D 664 2.08 4.06 -25.93
C ARG D 664 2.71 5.05 -24.96
N GLN D 665 4.03 5.26 -25.05
CA GLN D 665 4.65 6.30 -24.24
C GLN D 665 4.13 7.68 -24.60
N LYS D 666 3.79 7.89 -25.87
CA LYS D 666 3.16 9.15 -26.26
C LYS D 666 1.79 9.31 -25.59
N VAL D 667 1.00 8.23 -25.58
CA VAL D 667 -0.32 8.28 -24.96
C VAL D 667 -0.21 8.58 -23.47
N PHE D 668 0.66 7.84 -22.77
CA PHE D 668 0.81 8.08 -21.33
C PHE D 668 1.35 9.48 -21.05
N LEU D 669 2.25 9.97 -21.91
CA LEU D 669 2.84 11.28 -21.68
C LEU D 669 1.81 12.39 -21.87
N GLU D 670 1.01 12.30 -22.94
CA GLU D 670 -0.03 13.31 -23.15
C GLU D 670 -1.11 13.23 -22.07
N GLU D 671 -1.48 12.02 -21.67
CA GLU D 671 -2.50 11.86 -20.63
C GLU D 671 -1.99 12.32 -19.27
N LEU D 672 -0.67 12.25 -19.05
CA LEU D 672 -0.09 12.70 -17.80
C LEU D 672 0.08 14.23 -17.78
N MET D 673 0.43 14.80 -18.93
CA MET D 673 0.61 16.24 -19.03
C MET D 673 -0.67 16.98 -19.37
N ALA D 674 -1.80 16.28 -19.51
CA ALA D 674 -3.06 16.94 -19.84
C ALA D 674 -3.45 18.04 -18.86
N PRO D 675 -3.39 17.84 -17.53
CA PRO D 675 -3.73 18.95 -16.63
C PRO D 675 -2.78 20.14 -16.77
N VAL D 676 -1.47 19.90 -16.76
CA VAL D 676 -0.52 21.00 -16.84
C VAL D 676 -0.54 21.65 -18.22
N ALA D 677 -0.99 20.93 -19.25
CA ALA D 677 -1.14 21.56 -20.57
C ALA D 677 -2.41 22.38 -20.65
N SER D 678 -3.48 21.94 -20.00
CA SER D 678 -4.71 22.74 -19.96
C SER D 678 -4.49 24.03 -19.16
N ILE D 679 -3.90 23.91 -17.97
CA ILE D 679 -3.62 25.09 -17.16
C ILE D 679 -2.54 25.95 -17.80
N TRP D 680 -1.57 25.33 -18.46
CA TRP D 680 -0.46 26.08 -19.05
C TRP D 680 -0.91 26.85 -20.29
N LEU D 681 -1.58 26.16 -21.21
CA LEU D 681 -2.05 26.79 -22.45
C LEU D 681 -3.38 27.51 -22.27
N SER D 682 -3.82 27.73 -21.04
CA SER D 682 -5.04 28.50 -20.80
C SER D 682 -4.85 29.94 -21.24
N GLN D 683 -5.92 30.53 -21.79
CA GLN D 683 -5.81 31.88 -22.33
C GLN D 683 -5.48 32.89 -21.23
N ASP D 684 -6.05 32.72 -20.05
CA ASP D 684 -5.72 33.60 -18.93
C ASP D 684 -4.25 33.47 -18.56
N MET D 685 -3.79 32.24 -18.31
CA MET D 685 -2.37 32.02 -18.06
C MET D 685 -1.52 32.46 -19.26
N HIS D 686 -2.07 32.36 -20.47
CA HIS D 686 -1.34 32.83 -21.64
C HIS D 686 -1.06 34.32 -21.56
N ARG D 687 -2.10 35.14 -21.36
CA ARG D 687 -1.90 36.58 -21.25
C ARG D 687 -1.07 36.93 -20.03
N VAL D 688 -1.16 36.14 -18.96
CA VAL D 688 -0.31 36.37 -17.79
C VAL D 688 1.14 36.14 -18.15
N LEU D 689 1.43 35.12 -18.94
CA LEU D 689 2.78 34.83 -19.41
C LEU D 689 3.20 35.70 -20.58
N SER D 690 2.32 36.55 -21.09
CA SER D 690 2.62 37.41 -22.22
C SER D 690 3.08 38.81 -21.82
N ASP D 691 2.41 39.44 -20.85
CA ASP D 691 2.71 40.79 -20.43
C ASP D 691 3.32 40.80 -19.03
N VAL D 692 4.08 41.85 -18.74
CA VAL D 692 4.76 41.96 -17.46
C VAL D 692 3.80 42.38 -16.35
N ASP D 693 2.83 43.23 -16.68
CA ASP D 693 1.91 43.74 -15.65
C ASP D 693 1.00 42.62 -15.13
N ALA D 694 0.39 41.86 -16.03
CA ALA D 694 -0.48 40.77 -15.60
C ALA D 694 0.29 39.71 -14.82
N PHE D 695 1.55 39.48 -15.17
CA PHE D 695 2.37 38.54 -14.42
C PHE D 695 2.74 39.09 -13.05
N ILE D 696 2.98 40.40 -12.96
CA ILE D 696 3.27 41.02 -11.68
C ILE D 696 2.06 40.93 -10.76
N ALA D 697 0.87 41.21 -11.29
CA ALA D 697 -0.35 41.02 -10.52
C ALA D 697 -0.62 39.55 -10.21
N TYR D 698 -0.09 38.64 -11.03
CA TYR D 698 -0.26 37.21 -10.78
C TYR D 698 0.54 36.78 -9.57
N VAL D 699 1.82 37.18 -9.51
CA VAL D 699 2.64 36.90 -8.33
C VAL D 699 2.43 37.90 -7.21
N GLY D 700 1.64 38.94 -7.46
CA GLY D 700 1.25 39.89 -6.42
C GLY D 700 2.41 40.61 -5.76
N THR D 701 3.09 41.48 -6.50
CA THR D 701 4.19 42.28 -5.98
C THR D 701 3.86 43.77 -5.99
N ASP D 702 2.57 44.12 -5.87
CA ASP D 702 2.11 45.49 -5.93
C ASP D 702 1.37 45.93 -4.67
N GLN D 703 1.64 45.28 -3.54
CA GLN D 703 0.96 45.63 -2.30
C GLN D 703 1.92 45.37 -1.13
N LYS D 704 1.39 45.42 0.08
CA LYS D 704 2.19 45.21 1.28
C LYS D 704 1.70 43.99 2.05
N GLY D 709 0.00 40.16 7.25
CA GLY D 709 0.91 39.09 6.88
C GLY D 709 0.25 38.01 6.03
N LEU D 710 -1.07 38.08 5.92
CA LEU D 710 -1.82 37.10 5.14
C LEU D 710 -1.68 37.39 3.66
N GLU D 711 -1.08 36.45 2.91
CA GLU D 711 -0.93 36.55 1.47
C GLU D 711 -1.43 35.23 0.87
N ASP D 712 -2.73 35.16 0.63
CA ASP D 712 -3.38 33.97 0.08
C ASP D 712 -3.28 33.86 -1.45
N PRO D 713 -3.64 34.89 -2.22
CA PRO D 713 -3.91 34.65 -3.65
C PRO D 713 -2.68 34.38 -4.49
N CYS D 714 -1.54 34.97 -4.16
CA CYS D 714 -0.41 35.00 -5.09
C CYS D 714 0.57 33.86 -4.90
N GLY D 715 0.82 33.45 -3.65
CA GLY D 715 1.70 32.32 -3.43
C GLY D 715 1.20 31.04 -4.06
N LEU D 716 -0.12 30.82 -4.01
CA LEU D 716 -0.71 29.67 -4.68
C LEU D 716 -0.46 29.74 -6.19
N ASN D 717 -0.60 30.93 -6.77
CA ASN D 717 -0.30 31.12 -8.19
C ASN D 717 1.15 30.76 -8.50
N ARG D 718 2.08 31.23 -7.66
CA ARG D 718 3.47 30.80 -7.77
C ARG D 718 3.57 29.28 -7.77
N ALA D 719 2.78 28.62 -6.91
CA ALA D 719 2.81 27.16 -6.85
C ALA D 719 2.29 26.53 -8.13
N ARG D 720 1.30 27.15 -8.79
CA ARG D 720 0.74 26.55 -9.99
C ARG D 720 1.69 26.72 -11.18
N MET D 721 2.08 27.96 -11.47
CA MET D 721 3.02 28.20 -12.55
C MET D 721 4.32 27.40 -12.34
N SER D 722 4.86 27.46 -11.12
CA SER D 722 6.04 26.68 -10.80
C SER D 722 5.81 25.20 -11.07
N PHE D 723 4.68 24.67 -10.61
CA PHE D 723 4.40 23.25 -10.83
C PHE D 723 4.40 22.91 -12.32
N CYS D 724 3.84 23.79 -13.15
CA CYS D 724 3.87 23.56 -14.60
C CYS D 724 5.30 23.50 -15.11
N VAL D 725 6.12 24.48 -14.74
CA VAL D 725 7.51 24.52 -15.22
C VAL D 725 8.26 23.28 -14.77
N TYR D 726 8.15 22.93 -13.49
CA TYR D 726 8.82 21.75 -12.96
C TYR D 726 8.39 20.49 -13.70
N SER D 727 7.09 20.34 -13.94
CA SER D 727 6.61 19.13 -14.63
C SER D 727 7.13 19.05 -16.05
N ILE D 728 7.14 20.17 -16.77
CA ILE D 728 7.70 20.19 -18.12
C ILE D 728 9.17 19.79 -18.07
N LEU D 729 9.92 20.34 -17.12
CA LEU D 729 11.34 20.03 -17.00
C LEU D 729 11.55 18.55 -16.72
N GLY D 730 10.74 17.97 -15.83
CA GLY D 730 10.90 16.56 -15.51
C GLY D 730 10.58 15.66 -16.69
N VAL D 731 9.51 15.96 -17.42
CA VAL D 731 9.16 15.16 -18.60
C VAL D 731 10.26 15.25 -19.64
N VAL D 732 10.70 16.47 -19.97
CA VAL D 732 11.76 16.65 -20.94
C VAL D 732 13.04 15.94 -20.49
N LYS D 733 13.26 15.87 -19.18
CA LYS D 733 14.53 15.36 -18.66
C LYS D 733 14.54 13.84 -18.59
N ARG D 734 13.40 13.19 -18.33
CA ARG D 734 13.40 11.77 -18.02
C ARG D 734 12.96 10.87 -19.16
N THR D 735 12.07 11.31 -20.04
CA THR D 735 11.62 10.46 -21.12
C THR D 735 12.75 10.21 -22.13
N CYS D 736 12.73 9.04 -22.75
CA CYS D 736 13.81 8.64 -23.64
C CYS D 736 13.35 7.45 -24.48
N TRP D 737 14.16 7.13 -25.49
CA TRP D 737 14.04 5.95 -26.32
C TRP D 737 14.96 4.85 -25.82
N PRO D 738 14.74 3.60 -26.23
CA PRO D 738 15.57 2.50 -25.71
C PRO D 738 17.04 2.67 -26.06
N THR D 739 17.89 2.17 -25.16
CA THR D 739 19.33 2.22 -25.40
C THR D 739 19.73 1.28 -26.52
N ASP D 740 19.30 0.03 -26.46
CA ASP D 740 19.56 -0.92 -27.53
C ASP D 740 18.87 -0.48 -28.81
N LEU D 741 19.65 -0.32 -29.88
CA LEU D 741 19.11 0.23 -31.12
C LEU D 741 18.02 -0.68 -31.70
N GLU D 742 18.17 -1.99 -31.54
CA GLU D 742 17.17 -2.91 -32.08
C GLU D 742 15.83 -2.75 -31.37
N GLU D 743 15.85 -2.67 -30.03
CA GLU D 743 14.62 -2.46 -29.28
C GLU D 743 14.00 -1.11 -29.61
N ALA D 744 14.82 -0.09 -29.90
CA ALA D 744 14.30 1.20 -30.31
C ALA D 744 13.64 1.11 -31.69
N LYS D 745 14.23 0.33 -32.60
CA LYS D 745 13.61 0.12 -33.90
C LYS D 745 12.28 -0.61 -33.77
N ALA D 746 12.21 -1.56 -32.84
CA ALA D 746 10.96 -2.29 -32.62
C ALA D 746 9.84 -1.34 -32.20
N GLY D 747 10.14 -0.40 -31.30
CA GLY D 747 9.18 0.57 -30.86
C GLY D 747 8.92 1.71 -31.81
N GLY D 748 9.44 1.62 -33.04
CA GLY D 748 9.25 2.69 -34.01
C GLY D 748 9.91 3.99 -33.65
N PHE D 749 11.03 3.94 -32.93
CA PHE D 749 11.72 5.15 -32.51
C PHE D 749 12.71 5.67 -33.57
N VAL D 750 12.98 4.89 -34.60
CA VAL D 750 13.94 5.29 -35.63
C VAL D 750 13.18 5.97 -36.76
N VAL D 751 13.48 7.24 -37.00
CA VAL D 751 12.87 7.96 -38.12
C VAL D 751 13.79 7.97 -39.34
N GLY D 752 15.09 7.81 -39.15
CA GLY D 752 16.02 7.78 -40.26
C GLY D 752 17.42 7.59 -39.75
N TYR D 753 18.36 7.62 -40.70
CA TYR D 753 19.78 7.50 -40.41
C TYR D 753 20.50 8.67 -41.06
N THR D 754 21.46 9.25 -40.33
CA THR D 754 22.23 10.35 -40.89
C THR D 754 23.21 9.84 -41.95
N SER D 755 23.84 10.79 -42.65
CA SER D 755 24.80 10.42 -43.68
C SER D 755 25.96 9.62 -43.09
N SER D 756 26.28 9.84 -41.82
CA SER D 756 27.31 9.06 -41.13
C SER D 756 26.83 7.67 -40.73
N GLY D 757 25.55 7.35 -40.94
CA GLY D 757 25.00 6.08 -40.56
C GLY D 757 24.43 6.01 -39.16
N ASN D 758 24.62 7.05 -38.35
CA ASN D 758 24.09 7.04 -37.00
C ASN D 758 22.57 7.18 -37.03
N PRO D 759 21.86 6.54 -36.11
CA PRO D 759 20.40 6.58 -36.14
C PRO D 759 19.88 7.96 -35.75
N ILE D 760 18.62 8.20 -36.12
CA ILE D 760 17.90 9.42 -35.76
C ILE D 760 16.63 9.00 -35.03
N PHE D 761 16.45 9.49 -33.81
CA PHE D 761 15.35 9.10 -32.95
C PHE D 761 14.30 10.20 -32.87
N ARG D 762 13.08 9.79 -32.53
CA ARG D 762 11.99 10.71 -32.27
C ARG D 762 11.55 10.58 -30.81
N ASN D 763 11.30 11.71 -30.17
CA ASN D 763 10.97 11.64 -28.75
C ASN D 763 9.45 11.68 -28.55
N PRO D 764 8.92 10.84 -27.65
CA PRO D 764 7.47 10.83 -27.44
C PRO D 764 6.89 12.16 -26.98
N CYS D 765 7.59 12.87 -26.11
CA CYS D 765 7.07 14.13 -25.58
C CYS D 765 7.18 15.29 -26.55
N THR D 766 7.68 15.06 -27.77
CA THR D 766 7.97 16.15 -28.68
C THR D 766 6.72 16.98 -29.00
N GLU D 767 5.59 16.31 -29.24
CA GLU D 767 4.38 17.05 -29.59
C GLU D 767 3.91 17.93 -28.44
N GLN D 768 3.79 17.35 -27.24
CA GLN D 768 3.30 18.12 -26.09
C GLN D 768 4.26 19.28 -25.77
N ILE D 769 5.55 18.96 -25.58
CA ILE D 769 6.51 19.98 -25.20
C ILE D 769 6.60 21.06 -26.27
N LEU D 770 6.49 20.67 -27.54
CA LEU D 770 6.52 21.67 -28.61
C LEU D 770 5.27 22.55 -28.60
N LYS D 771 4.12 21.98 -28.24
CA LYS D 771 2.91 22.80 -28.14
C LYS D 771 2.92 23.67 -26.89
N LEU D 772 3.79 23.38 -25.91
CA LEU D 772 3.99 24.26 -24.78
C LEU D 772 5.15 25.23 -24.98
N LEU D 773 5.94 25.03 -26.03
CA LEU D 773 7.17 25.82 -26.21
C LEU D 773 6.87 27.29 -26.46
N ASP D 774 5.77 27.60 -27.15
CA ASP D 774 5.44 28.99 -27.44
C ASP D 774 5.19 29.77 -26.15
N ASN D 775 4.28 29.26 -25.32
CA ASN D 775 4.03 29.88 -24.02
C ASN D 775 5.30 29.92 -23.17
N LEU D 776 6.11 28.87 -23.22
CA LEU D 776 7.34 28.84 -22.45
C LEU D 776 8.27 29.98 -22.86
N LEU D 777 8.49 30.15 -24.17
CA LEU D 777 9.34 31.23 -24.65
C LEU D 777 8.77 32.60 -24.29
N ALA D 778 7.44 32.73 -24.32
CA ALA D 778 6.83 33.97 -23.84
C ALA D 778 7.20 34.22 -22.38
N LEU D 779 7.11 33.18 -21.55
CA LEU D 779 7.46 33.32 -20.13
C LEU D 779 8.91 33.72 -19.95
N ILE D 780 9.82 33.14 -20.74
CA ILE D 780 11.23 33.48 -20.61
C ILE D 780 11.46 34.92 -21.05
N ARG D 781 10.76 35.36 -22.10
CA ARG D 781 10.88 36.76 -22.53
C ARG D 781 10.45 37.70 -21.42
N THR D 782 9.26 37.49 -20.87
CA THR D 782 8.80 38.34 -19.77
C THR D 782 9.79 38.32 -18.61
N HIS D 783 10.20 37.13 -18.20
CA HIS D 783 11.11 36.99 -17.06
C HIS D 783 12.41 37.75 -17.27
N ASN D 784 12.93 37.74 -18.51
CA ASN D 784 14.15 38.49 -18.79
C ASN D 784 13.88 39.99 -18.80
N THR D 785 12.72 40.40 -19.34
CA THR D 785 12.39 41.82 -19.37
C THR D 785 12.13 42.40 -17.99
N LEU D 786 11.87 41.55 -16.99
CA LEU D 786 11.63 42.04 -15.63
C LEU D 786 12.78 42.92 -15.14
N TYR D 787 14.01 42.55 -15.45
CA TYR D 787 15.19 43.20 -14.88
C TYR D 787 15.44 44.60 -15.42
N ALA D 788 14.61 45.11 -16.31
CA ALA D 788 14.74 46.50 -16.74
C ALA D 788 14.41 47.43 -15.57
N PRO D 789 15.23 48.45 -15.30
CA PRO D 789 14.98 49.29 -14.12
C PRO D 789 13.67 50.06 -14.19
N GLU D 790 13.24 50.45 -15.39
CA GLU D 790 11.91 51.06 -15.53
C GLU D 790 10.83 50.03 -15.26
N MET D 791 11.00 48.80 -15.76
CA MET D 791 10.07 47.72 -15.45
C MET D 791 10.24 47.22 -14.02
N LEU D 792 11.40 47.46 -13.40
CA LEU D 792 11.65 46.97 -12.06
C LEU D 792 10.84 47.74 -11.02
N ALA D 793 10.71 49.05 -11.21
CA ALA D 793 10.11 49.91 -10.19
C ALA D 793 8.62 49.68 -9.98
N LYS D 794 7.96 48.92 -10.87
CA LYS D 794 6.53 48.69 -10.71
C LYS D 794 6.23 47.87 -9.46
N MET D 795 7.18 47.09 -8.97
CA MET D 795 6.98 46.30 -7.77
C MET D 795 7.11 47.17 -6.53
N ALA D 796 6.35 46.82 -5.49
CA ALA D 796 6.36 47.60 -4.26
C ALA D 796 7.73 47.52 -3.58
N GLU D 797 7.96 48.46 -2.67
CA GLU D 797 9.28 48.56 -2.06
C GLU D 797 9.69 47.35 -1.22
N PRO D 798 8.80 46.60 -0.55
CA PRO D 798 9.26 45.38 0.13
C PRO D 798 9.58 44.25 -0.83
N PHE D 799 9.18 44.35 -2.10
CA PHE D 799 9.37 43.29 -3.07
C PHE D 799 10.35 43.65 -4.19
N THR D 800 10.89 44.87 -4.19
CA THR D 800 11.87 45.24 -5.20
C THR D 800 13.13 44.41 -5.12
N LYS D 801 13.40 43.77 -3.99
CA LYS D 801 14.54 42.89 -3.82
C LYS D 801 14.25 41.45 -4.20
N ALA D 802 13.13 41.19 -4.89
CA ALA D 802 12.82 39.83 -5.31
C ALA D 802 13.83 39.31 -6.33
N LEU D 803 14.45 40.21 -7.10
CA LEU D 803 15.44 39.82 -8.08
C LEU D 803 16.81 39.57 -7.46
N ASP D 804 17.03 40.00 -6.22
CA ASP D 804 18.33 39.85 -5.58
C ASP D 804 18.67 38.38 -5.37
N MET D 805 19.96 38.08 -5.47
CA MET D 805 20.44 36.72 -5.21
C MET D 805 20.15 36.33 -3.77
N LEU D 806 19.88 35.04 -3.57
CA LEU D 806 19.60 34.54 -2.24
C LEU D 806 20.77 34.80 -1.31
N ASP D 807 20.48 35.32 -0.12
CA ASP D 807 21.54 35.63 0.85
C ASP D 807 22.31 34.38 1.25
N ALA D 808 21.66 33.22 1.27
CA ALA D 808 22.36 31.97 1.55
C ALA D 808 23.31 31.62 0.41
N GLU D 809 22.85 31.77 -0.83
CA GLU D 809 23.72 31.53 -1.98
C GLU D 809 24.74 32.65 -2.13
N LYS D 810 24.34 33.89 -1.82
CA LYS D 810 25.28 35.01 -1.83
C LYS D 810 26.42 34.77 -0.85
N SER D 811 26.12 34.20 0.32
CA SER D 811 27.16 33.86 1.27
C SER D 811 27.91 32.59 0.86
N ALA D 812 27.25 31.71 0.11
CA ALA D 812 27.88 30.46 -0.29
C ALA D 812 28.89 30.63 -1.41
N ILE D 813 28.69 31.62 -2.29
CA ILE D 813 29.59 31.78 -3.42
C ILE D 813 30.93 32.38 -2.98
N LEU D 814 30.93 33.21 -1.94
CA LEU D 814 32.18 33.81 -1.47
C LEU D 814 32.91 32.85 -0.51
N GLY D 815 32.28 32.55 0.61
CA GLY D 815 32.82 31.59 1.56
C GLY D 815 31.72 31.10 2.48
N LEU D 816 31.58 29.78 2.62
CA LEU D 816 30.39 29.18 3.21
C LEU D 816 30.71 28.45 4.51
N PRO D 817 30.54 29.10 5.67
CA PRO D 817 30.50 28.35 6.93
C PRO D 817 29.08 27.91 7.26
N GLN D 818 28.85 26.62 7.43
CA GLN D 818 27.50 26.08 7.67
C GLN D 818 27.54 25.03 8.77
N PRO D 819 27.71 25.45 10.02
CA PRO D 819 27.56 24.50 11.14
C PRO D 819 26.18 24.55 11.77
N LEU D 820 25.37 25.52 11.37
CA LEU D 820 24.11 25.83 12.06
C LEU D 820 22.97 24.86 11.73
N LEU D 821 23.22 23.83 10.93
CA LEU D 821 22.17 22.88 10.57
C LEU D 821 21.94 21.94 11.76
N GLU D 822 21.03 22.35 12.65
CA GLU D 822 20.60 21.51 13.76
C GLU D 822 19.40 20.69 13.34
N LEU D 823 19.34 19.44 13.81
CA LEU D 823 18.33 18.51 13.34
C LEU D 823 16.92 19.02 13.65
N ASN D 824 16.64 19.27 14.93
CA ASN D 824 15.32 19.73 15.31
C ASN D 824 15.03 21.17 14.90
N ASP D 825 16.03 21.88 14.39
CA ASP D 825 15.82 23.23 13.87
C ASP D 825 15.07 23.16 12.54
N SER D 826 14.75 24.34 12.00
CA SER D 826 14.01 24.44 10.75
C SER D 826 14.58 25.56 9.90
N PRO D 827 15.52 25.25 9.00
CA PRO D 827 15.93 26.22 7.99
C PRO D 827 15.03 26.26 6.77
N VAL D 828 13.84 25.67 6.86
CA VAL D 828 12.90 25.67 5.74
C VAL D 828 12.07 26.95 5.73
N PHE D 829 11.81 27.53 6.90
CA PHE D 829 11.03 28.76 6.96
C PHE D 829 11.83 29.93 6.43
N LYS D 830 11.17 30.75 5.60
CA LYS D 830 11.78 31.95 5.03
C LYS D 830 10.78 33.09 5.11
N THR D 831 11.29 34.31 4.96
CA THR D 831 10.40 35.46 4.84
C THR D 831 9.70 35.44 3.49
N VAL D 832 8.69 36.30 3.34
CA VAL D 832 7.97 36.36 2.07
C VAL D 832 8.90 36.80 0.95
N LEU D 833 9.79 37.75 1.24
CA LEU D 833 10.75 38.20 0.23
C LEU D 833 11.74 37.10 -0.12
N GLU D 834 12.14 36.29 0.87
CA GLU D 834 13.08 35.21 0.62
C GLU D 834 12.43 34.11 -0.23
N ARG D 835 11.22 33.69 0.15
CA ARG D 835 10.53 32.67 -0.63
C ARG D 835 10.25 33.17 -2.05
N MET D 836 9.93 34.45 -2.20
CA MET D 836 9.72 35.00 -3.54
C MET D 836 11.01 35.03 -4.34
N GLN D 837 12.13 35.38 -3.70
CA GLN D 837 13.42 35.35 -4.37
C GLN D 837 13.75 33.94 -4.86
N ARG D 838 13.61 32.94 -3.99
CA ARG D 838 13.85 31.57 -4.40
C ARG D 838 12.91 31.17 -5.53
N PHE D 839 11.68 31.67 -5.50
CA PHE D 839 10.73 31.39 -6.57
C PHE D 839 11.24 31.92 -7.92
N PHE D 840 11.69 33.17 -7.94
CA PHE D 840 12.18 33.76 -9.18
C PHE D 840 13.44 33.05 -9.68
N SER D 841 14.38 32.76 -8.77
CA SER D 841 15.61 32.09 -9.18
C SER D 841 15.33 30.70 -9.74
N THR D 842 14.56 29.90 -9.01
CA THR D 842 14.27 28.55 -9.48
C THR D 842 13.41 28.56 -10.74
N LEU D 843 12.63 29.63 -10.95
CA LEU D 843 11.85 29.73 -12.18
C LEU D 843 12.76 30.04 -13.37
N TYR D 844 13.68 30.99 -13.19
CA TYR D 844 14.66 31.31 -14.24
C TYR D 844 15.48 30.09 -14.61
N GLU D 845 16.20 29.54 -13.63
CA GLU D 845 17.06 28.38 -13.89
C GLU D 845 16.26 27.18 -14.37
N ASN D 846 14.99 27.07 -13.93
CA ASN D 846 14.16 25.96 -14.38
C ASN D 846 13.79 26.09 -15.84
N CYS D 847 13.42 27.29 -16.28
CA CYS D 847 13.06 27.49 -17.68
C CYS D 847 14.27 27.27 -18.60
N PHE D 848 15.40 27.89 -18.26
CA PHE D 848 16.58 27.64 -19.08
C PHE D 848 17.05 26.20 -18.98
N HIS D 849 16.68 25.49 -17.90
CA HIS D 849 16.86 24.05 -17.87
C HIS D 849 15.93 23.34 -18.86
N ILE D 850 14.72 23.87 -19.05
CA ILE D 850 13.82 23.27 -20.02
C ILE D 850 14.35 23.43 -21.44
N LEU D 851 14.95 24.58 -21.74
CA LEU D 851 15.53 24.76 -23.07
C LEU D 851 16.79 23.93 -23.24
N GLY D 852 17.76 24.10 -22.34
CA GLY D 852 19.01 23.38 -22.46
C GLY D 852 18.83 21.87 -22.47
N LYS D 853 17.96 21.36 -21.59
CA LYS D 853 17.63 19.94 -21.64
C LYS D 853 16.79 19.59 -22.86
N ALA D 854 16.02 20.56 -23.37
CA ALA D 854 15.18 20.31 -24.52
C ALA D 854 15.99 20.07 -25.78
N GLY D 855 17.19 20.65 -25.85
CA GLY D 855 18.09 20.40 -26.96
C GLY D 855 18.34 18.94 -27.24
N PRO D 856 18.98 18.22 -26.31
CA PRO D 856 19.34 16.82 -26.59
C PRO D 856 18.17 15.85 -26.52
N SER D 857 17.13 16.15 -25.74
CA SER D 857 16.01 15.21 -25.63
C SER D 857 15.29 15.06 -26.96
N MET D 858 14.83 16.17 -27.54
CA MET D 858 14.26 16.21 -28.88
C MET D 858 15.31 16.85 -29.79
N GLN D 859 15.98 16.05 -30.61
CA GLN D 859 17.11 16.57 -31.37
C GLN D 859 16.66 17.28 -32.64
N GLN D 860 16.14 16.53 -33.60
CA GLN D 860 15.91 17.08 -34.93
C GLN D 860 14.58 17.81 -35.00
N ASP D 861 13.55 17.29 -34.33
CA ASP D 861 12.25 17.95 -34.34
C ASP D 861 12.30 19.29 -33.62
N PHE D 862 13.21 19.45 -32.65
CA PHE D 862 13.35 20.71 -31.93
C PHE D 862 14.34 21.66 -32.58
N TYR D 863 15.42 21.15 -33.18
CA TYR D 863 16.38 22.04 -33.81
C TYR D 863 15.88 22.63 -35.13
N THR D 864 14.81 22.09 -35.71
CA THR D 864 14.28 22.57 -36.99
C THR D 864 13.04 23.45 -36.82
N VAL D 865 12.78 23.95 -35.62
CA VAL D 865 11.62 24.82 -35.41
C VAL D 865 11.78 26.07 -36.25
N GLU D 866 10.75 26.41 -37.02
CA GLU D 866 10.80 27.52 -37.95
C GLU D 866 11.15 28.82 -37.23
N ASP D 867 12.26 29.45 -37.64
CA ASP D 867 12.71 30.72 -37.07
C ASP D 867 12.96 30.59 -35.57
N LEU D 868 13.60 29.49 -35.17
CA LEU D 868 13.90 29.29 -33.76
C LEU D 868 14.97 30.26 -33.27
N ALA D 869 15.92 30.62 -34.14
CA ALA D 869 17.00 31.51 -33.73
C ALA D 869 16.48 32.89 -33.32
N THR D 870 15.62 33.48 -34.16
CA THR D 870 15.07 34.79 -33.84
C THR D 870 14.08 34.74 -32.69
N GLN D 871 13.46 33.58 -32.44
CA GLN D 871 12.58 33.46 -31.27
C GLN D 871 13.40 33.40 -29.98
N LEU D 872 14.48 32.63 -29.98
CA LEU D 872 15.34 32.57 -28.80
C LEU D 872 16.00 33.92 -28.56
N LEU D 873 16.52 34.55 -29.61
CA LEU D 873 17.11 35.88 -29.47
C LEU D 873 16.07 36.91 -29.08
N SER D 874 14.81 36.68 -29.42
CA SER D 874 13.74 37.60 -29.07
C SER D 874 13.20 37.38 -27.66
N SER D 875 13.42 36.19 -27.08
CA SER D 875 12.92 35.88 -25.76
C SER D 875 14.03 35.60 -24.75
N ALA D 876 14.96 34.70 -25.08
CA ALA D 876 16.03 34.38 -24.13
C ALA D 876 17.15 35.42 -24.14
N PHE D 877 17.41 36.03 -25.29
CA PHE D 877 18.46 37.01 -25.45
C PHE D 877 17.89 38.42 -25.69
N VAL D 878 16.79 38.73 -25.01
CA VAL D 878 16.10 39.99 -25.28
C VAL D 878 16.72 41.13 -24.49
N ASN D 879 17.12 40.89 -23.25
CA ASN D 879 17.61 41.94 -22.35
C ASN D 879 18.97 41.58 -21.81
N LEU D 880 19.83 41.00 -22.65
CA LEU D 880 21.18 40.63 -22.23
C LEU D 880 21.92 41.82 -21.63
N ASN D 881 21.72 43.02 -22.20
CA ASN D 881 22.40 44.21 -21.77
C ASN D 881 22.03 44.63 -20.35
N ASN D 882 21.07 43.97 -19.71
CA ASN D 882 20.65 44.36 -18.37
C ASN D 882 20.36 43.15 -17.48
N ILE D 883 20.91 41.99 -17.79
CA ILE D 883 20.72 40.79 -16.96
C ILE D 883 21.87 40.71 -15.97
N PRO D 884 21.59 40.47 -14.69
CA PRO D 884 22.67 40.36 -13.70
C PRO D 884 23.59 39.18 -13.98
N ASP D 885 24.74 39.18 -13.30
CA ASP D 885 25.71 38.12 -13.49
C ASP D 885 25.21 36.79 -12.93
N TYR D 886 24.61 36.82 -11.74
CA TYR D 886 24.04 35.61 -11.16
C TYR D 886 22.86 35.07 -11.95
N ARG D 887 22.32 35.86 -12.88
CA ARG D 887 21.30 35.41 -13.80
C ARG D 887 21.85 35.14 -15.20
N LEU D 888 23.17 35.22 -15.36
CA LEU D 888 23.81 34.90 -16.64
C LEU D 888 24.71 33.68 -16.56
N ARG D 889 25.41 33.48 -15.45
CA ARG D 889 26.19 32.25 -15.28
C ARG D 889 25.33 31.00 -15.39
N PRO D 890 24.16 30.89 -14.74
CA PRO D 890 23.32 29.71 -14.99
C PRO D 890 22.74 29.69 -16.39
N MET D 891 22.33 30.84 -16.91
CA MET D 891 21.77 30.88 -18.26
C MET D 891 22.77 30.37 -19.30
N LEU D 892 24.06 30.54 -19.06
CA LEU D 892 25.07 29.99 -19.94
C LEU D 892 25.43 28.56 -19.59
N ARG D 893 25.35 28.19 -18.31
CA ARG D 893 25.76 26.86 -17.90
C ARG D 893 24.75 25.80 -18.30
N VAL D 894 23.46 26.10 -18.21
CA VAL D 894 22.42 25.10 -18.38
C VAL D 894 21.60 25.29 -19.66
N PHE D 895 21.79 26.39 -20.39
CA PHE D 895 21.03 26.60 -21.63
C PHE D 895 21.91 26.61 -22.86
N VAL D 896 22.92 27.48 -22.95
CA VAL D 896 23.62 27.63 -24.22
C VAL D 896 24.67 26.53 -24.39
N LYS D 897 25.28 26.05 -23.30
CA LYS D 897 26.27 24.99 -23.43
C LYS D 897 25.64 23.68 -23.90
N PRO D 898 24.54 23.20 -23.31
CA PRO D 898 23.91 21.98 -23.87
C PRO D 898 23.23 22.21 -25.21
N LEU D 899 22.74 23.43 -25.47
CA LEU D 899 22.13 23.73 -26.76
C LEU D 899 23.16 23.64 -27.89
N VAL D 900 24.30 24.29 -27.71
CA VAL D 900 25.32 24.31 -28.75
C VAL D 900 26.06 22.98 -28.81
N LEU D 901 26.34 22.37 -27.66
CA LEU D 901 27.15 21.16 -27.64
C LEU D 901 26.40 19.98 -28.23
N PHE D 902 25.09 19.90 -28.03
CA PHE D 902 24.30 18.78 -28.52
C PHE D 902 23.68 19.03 -29.89
N CYS D 903 23.99 20.15 -30.53
CA CYS D 903 23.39 20.44 -31.83
C CYS D 903 24.13 19.66 -32.92
N PRO D 904 23.42 19.01 -33.82
CA PRO D 904 24.08 18.29 -34.92
C PRO D 904 24.65 19.27 -35.93
N PRO D 905 25.61 18.84 -36.76
CA PRO D 905 26.25 19.78 -37.70
C PRO D 905 25.30 20.33 -38.75
N GLU D 906 24.19 19.66 -39.04
CA GLU D 906 23.29 20.09 -40.10
C GLU D 906 22.58 21.40 -39.79
N HIS D 907 22.60 21.86 -38.54
CA HIS D 907 21.93 23.09 -38.16
C HIS D 907 22.87 24.09 -37.52
N TYR D 908 24.19 23.90 -37.68
CA TYR D 908 25.15 24.93 -37.27
C TYR D 908 24.83 26.27 -37.92
N GLU D 909 24.74 26.28 -39.25
CA GLU D 909 24.40 27.49 -39.96
C GLU D 909 23.00 27.98 -39.61
N ALA D 910 22.08 27.05 -39.31
CA ALA D 910 20.69 27.43 -39.10
C ALA D 910 20.51 28.12 -37.75
N LEU D 911 21.13 27.60 -36.69
CA LEU D 911 20.84 28.05 -35.34
C LEU D 911 22.02 28.68 -34.62
N VAL D 912 23.17 27.99 -34.55
CA VAL D 912 24.21 28.43 -33.62
C VAL D 912 24.94 29.68 -34.12
N SER D 913 25.11 29.83 -35.45
CA SER D 913 25.83 30.99 -35.96
C SER D 913 25.06 32.29 -35.74
N PRO D 914 23.75 32.39 -36.02
CA PRO D 914 23.05 33.65 -35.75
C PRO D 914 22.99 34.02 -34.28
N ILE D 915 23.05 33.04 -33.37
CA ILE D 915 22.92 33.32 -31.94
C ILE D 915 24.26 33.67 -31.31
N LEU D 916 25.30 32.89 -31.61
CA LEU D 916 26.56 33.03 -30.87
C LEU D 916 27.27 34.34 -31.21
N GLY D 917 27.24 34.76 -32.47
CA GLY D 917 27.91 35.97 -32.89
C GLY D 917 27.56 37.18 -32.05
N PRO D 918 26.27 37.56 -32.05
CA PRO D 918 25.85 38.64 -31.14
C PRO D 918 26.07 38.32 -29.68
N LEU D 919 25.83 37.06 -29.28
CA LEU D 919 26.03 36.67 -27.89
C LEU D 919 27.48 36.82 -27.47
N PHE D 920 28.40 36.30 -28.28
CA PHE D 920 29.82 36.39 -27.93
C PHE D 920 30.31 37.83 -28.00
N THR D 921 29.81 38.61 -28.97
CA THR D 921 30.19 40.02 -29.05
C THR D 921 29.78 40.76 -27.79
N TYR D 922 28.50 40.64 -27.39
CA TYR D 922 28.05 41.31 -26.18
C TYR D 922 28.78 40.80 -24.95
N LEU D 923 29.04 39.50 -24.89
CA LEU D 923 29.80 38.95 -23.76
C LEU D 923 31.18 39.58 -23.67
N HIS D 924 31.84 39.78 -24.82
CA HIS D 924 33.18 40.35 -24.79
C HIS D 924 33.14 41.83 -24.39
N MET D 925 32.20 42.59 -24.96
CA MET D 925 32.08 44.00 -24.58
C MET D 925 31.78 44.14 -23.09
N ARG D 926 30.86 43.32 -22.58
CA ARG D 926 30.48 43.38 -21.18
C ARG D 926 31.64 43.00 -20.27
N LEU D 927 32.38 41.95 -20.61
CA LEU D 927 33.52 41.55 -19.81
C LEU D 927 34.63 42.59 -19.85
N SER D 928 34.81 43.25 -20.99
CA SER D 928 35.83 44.31 -21.08
C SER D 928 35.44 45.50 -20.20
N GLN D 929 34.19 45.95 -20.31
CA GLN D 929 33.73 47.08 -19.52
C GLN D 929 33.76 46.79 -18.03
N LYS D 930 33.06 45.73 -17.62
CA LYS D 930 32.98 45.39 -16.20
C LYS D 930 34.36 45.05 -15.64
N TRP D 931 35.20 44.41 -16.45
CA TRP D 931 36.57 44.14 -16.01
C TRP D 931 37.35 45.43 -15.82
N GLN D 932 37.12 46.42 -16.68
CA GLN D 932 37.74 47.72 -16.46
C GLN D 932 37.24 48.36 -15.17
N VAL D 933 35.99 48.12 -14.82
CA VAL D 933 35.51 48.54 -13.50
C VAL D 933 36.25 47.80 -12.40
N ILE D 934 36.57 46.53 -12.62
CA ILE D 934 37.29 45.74 -11.64
C ILE D 934 38.71 46.28 -11.45
N ASN D 935 39.33 46.77 -12.52
CA ASN D 935 40.72 47.24 -12.46
C ASN D 935 40.94 48.37 -11.46
N GLN D 936 39.87 48.93 -10.89
CA GLN D 936 40.01 50.16 -10.09
C GLN D 936 40.54 49.89 -8.70
N ARG D 937 40.10 48.81 -8.06
CA ARG D 937 40.46 48.55 -6.66
C ARG D 937 41.89 48.03 -6.58
N SER D 938 42.78 48.82 -5.99
CA SER D 938 44.16 48.39 -5.79
C SER D 938 44.74 48.83 -4.46
N LEU D 939 43.95 49.48 -3.59
CA LEU D 939 44.51 50.13 -2.40
C LEU D 939 43.52 49.98 -1.24
N LEU D 940 43.72 48.94 -0.43
CA LEU D 940 42.97 48.73 0.80
C LEU D 940 43.58 47.60 1.62
N GLU D 952 31.18 46.66 2.56
CA GLU D 952 32.27 46.40 1.63
C GLU D 952 32.18 44.98 1.08
N SER D 953 31.59 44.07 1.86
CA SER D 953 31.45 42.69 1.41
C SER D 953 30.56 42.58 0.18
N GLN D 954 29.59 43.48 0.03
CA GLN D 954 28.76 43.48 -1.16
C GLN D 954 29.48 44.05 -2.36
N GLU D 955 30.38 45.02 -2.15
CA GLU D 955 31.18 45.54 -3.25
C GLU D 955 32.27 44.55 -3.66
N MET D 956 32.89 43.87 -2.69
CA MET D 956 33.83 42.82 -3.00
C MET D 956 33.17 41.54 -3.48
N LEU D 957 31.84 41.42 -3.31
CA LEU D 957 31.14 40.20 -3.67
C LEU D 957 31.05 40.04 -5.19
N GLU D 958 30.66 41.11 -5.89
CA GLU D 958 30.41 40.99 -7.32
C GLU D 958 31.66 40.58 -8.10
N GLU D 959 32.85 40.91 -7.58
CA GLU D 959 34.09 40.48 -8.22
C GLU D 959 34.11 38.97 -8.45
N GLN D 960 33.69 38.21 -7.44
CA GLN D 960 33.64 36.76 -7.58
C GLN D 960 32.70 36.34 -8.70
N LEU D 961 31.57 37.05 -8.86
CA LEU D 961 30.65 36.75 -9.94
C LEU D 961 31.25 37.10 -11.29
N VAL D 962 32.07 38.14 -11.35
CA VAL D 962 32.70 38.51 -12.62
C VAL D 962 33.74 37.47 -13.01
N ARG D 963 34.55 37.01 -12.05
CA ARG D 963 35.58 36.04 -12.38
C ARG D 963 34.98 34.67 -12.67
N MET D 964 33.94 34.28 -11.93
CA MET D 964 33.27 33.01 -12.20
C MET D 964 32.57 33.04 -13.56
N LEU D 965 31.87 34.14 -13.86
CA LEU D 965 31.27 34.29 -15.19
C LEU D 965 32.34 34.25 -16.27
N THR D 966 33.52 34.81 -16.00
CA THR D 966 34.62 34.73 -16.95
C THR D 966 35.04 33.28 -17.15
N ARG D 967 35.13 32.50 -16.08
CA ARG D 967 35.45 31.09 -16.19
C ARG D 967 34.42 30.35 -17.04
N GLU D 968 33.13 30.63 -16.81
CA GLU D 968 32.09 29.93 -17.56
C GLU D 968 32.11 30.30 -19.03
N VAL D 969 32.32 31.58 -19.34
CA VAL D 969 32.36 32.02 -20.73
C VAL D 969 33.56 31.42 -21.45
N MET D 970 34.76 31.56 -20.85
CA MET D 970 35.96 31.04 -21.49
C MET D 970 35.88 29.52 -21.67
N ASP D 971 35.37 28.82 -20.66
CA ASP D 971 35.19 27.37 -20.80
C ASP D 971 34.19 27.05 -21.91
N LEU D 972 33.13 27.85 -22.01
CA LEU D 972 32.13 27.64 -23.06
C LEU D 972 32.77 27.77 -24.45
N ILE D 973 33.49 28.87 -24.67
CA ILE D 973 34.15 29.06 -25.97
C ILE D 973 35.15 27.95 -26.23
N THR D 974 35.88 27.53 -25.19
CA THR D 974 36.88 26.48 -25.36
C THR D 974 36.24 25.17 -25.80
N VAL D 975 35.15 24.76 -25.13
CA VAL D 975 34.48 23.52 -25.51
C VAL D 975 33.83 23.65 -26.88
N CYS D 976 33.39 24.86 -27.25
CA CYS D 976 32.75 25.07 -28.54
C CYS D 976 33.74 25.12 -29.70
N CYS D 977 35.01 25.43 -29.44
CA CYS D 977 35.96 25.71 -30.51
C CYS D 977 37.00 24.63 -30.71
N VAL D 978 37.60 24.08 -29.66
CA VAL D 978 38.75 23.21 -29.78
C VAL D 978 38.43 21.84 -29.18
N SER D 979 39.29 20.88 -29.48
CA SER D 979 39.17 19.52 -28.96
C SER D 979 40.26 19.22 -27.94
N GLU D 1010 42.44 20.70 -35.75
CA GLU D 1010 42.72 20.83 -34.33
C GLU D 1010 41.53 21.46 -33.60
N LEU D 1011 40.77 22.27 -34.33
CA LEU D 1011 39.53 22.82 -33.80
C LEU D 1011 38.44 21.75 -33.77
N THR D 1012 37.26 22.13 -33.28
CA THR D 1012 36.09 21.31 -33.50
C THR D 1012 35.52 21.59 -34.88
N ASP D 1013 34.76 20.62 -35.40
CA ASP D 1013 34.07 20.84 -36.67
C ASP D 1013 33.15 22.05 -36.59
N LEU D 1014 32.50 22.23 -35.43
CA LEU D 1014 31.76 23.47 -35.18
C LEU D 1014 32.70 24.67 -35.05
N GLY D 1015 33.89 24.46 -34.48
CA GLY D 1015 34.85 25.54 -34.34
C GLY D 1015 35.29 26.12 -35.67
N LYS D 1016 35.82 25.27 -36.56
CA LYS D 1016 36.18 25.74 -37.89
C LYS D 1016 34.96 26.11 -38.71
N CYS D 1017 33.80 25.52 -38.40
CA CYS D 1017 32.56 25.98 -39.02
C CYS D 1017 32.23 27.40 -38.61
N LEU D 1018 32.70 27.83 -37.44
CA LEU D 1018 32.52 29.20 -36.99
C LEU D 1018 33.56 30.13 -37.59
N MET D 1019 34.84 29.76 -37.48
CA MET D 1019 35.91 30.61 -38.00
C MET D 1019 35.75 30.91 -39.48
N LYS D 1020 34.99 30.09 -40.21
CA LYS D 1020 34.64 30.43 -41.59
C LYS D 1020 33.69 31.62 -41.66
N HIS D 1021 32.93 31.89 -40.59
CA HIS D 1021 32.16 33.11 -40.49
C HIS D 1021 33.08 34.28 -40.10
N GLU D 1022 32.61 35.49 -40.36
CA GLU D 1022 33.40 36.69 -40.09
C GLU D 1022 33.23 37.17 -38.65
N ASP D 1023 31.99 37.41 -38.23
CA ASP D 1023 31.75 38.05 -36.93
C ASP D 1023 32.17 37.15 -35.77
N VAL D 1024 31.81 35.86 -35.82
CA VAL D 1024 32.17 34.98 -34.72
C VAL D 1024 33.67 34.74 -34.68
N CYS D 1025 34.35 34.87 -35.83
CA CYS D 1025 35.81 34.80 -35.83
C CYS D 1025 36.41 36.02 -35.16
N THR D 1026 35.84 37.21 -35.44
CA THR D 1026 36.33 38.44 -34.81
C THR D 1026 36.13 38.40 -33.31
N ALA D 1027 34.89 38.15 -32.86
CA ALA D 1027 34.63 38.08 -31.42
C ALA D 1027 35.39 36.95 -30.76
N LEU D 1028 35.61 35.84 -31.48
CA LEU D 1028 36.35 34.72 -30.92
C LEU D 1028 37.81 35.09 -30.68
N LEU D 1029 38.47 35.68 -31.69
CA LEU D 1029 39.89 36.00 -31.55
C LEU D 1029 40.09 37.15 -30.56
N ILE D 1030 39.33 38.24 -30.72
CA ILE D 1030 39.51 39.38 -29.83
C ILE D 1030 39.12 39.01 -28.39
N THR D 1031 38.16 38.09 -28.23
CA THR D 1031 37.83 37.61 -26.90
C THR D 1031 38.96 36.77 -26.32
N ALA D 1032 39.52 35.87 -27.13
CA ALA D 1032 40.56 34.96 -26.63
C ALA D 1032 41.83 35.72 -26.24
N PHE D 1033 42.28 36.64 -27.11
CA PHE D 1033 43.52 37.35 -26.83
C PHE D 1033 43.30 38.51 -25.84
N ASN D 1034 42.14 39.15 -25.89
CA ASN D 1034 41.83 40.17 -24.89
C ASN D 1034 41.45 39.56 -23.54
N SER D 1035 41.32 38.23 -23.46
CA SER D 1035 41.00 37.58 -22.20
C SER D 1035 42.11 37.79 -21.17
N LEU D 1036 43.36 37.95 -21.63
CA LEU D 1036 44.49 38.06 -20.72
C LEU D 1036 44.76 39.49 -20.27
N ALA D 1037 44.09 40.49 -20.87
CA ALA D 1037 44.06 41.80 -20.25
C ALA D 1037 43.31 41.79 -18.93
N TRP D 1038 42.57 40.72 -18.65
CA TRP D 1038 41.88 40.50 -17.40
C TRP D 1038 42.76 39.65 -16.47
N LYS D 1039 42.32 39.52 -15.22
CA LYS D 1039 43.21 39.03 -14.18
C LYS D 1039 42.77 37.70 -13.57
N ASP D 1040 42.38 36.76 -14.42
CA ASP D 1040 42.09 35.39 -14.00
C ASP D 1040 43.26 34.51 -14.41
N THR D 1041 44.08 34.11 -13.45
CA THR D 1041 45.30 33.36 -13.73
C THR D 1041 45.03 31.93 -14.17
N LEU D 1042 43.78 31.48 -14.19
CA LEU D 1042 43.44 30.17 -14.74
C LEU D 1042 43.22 30.24 -16.24
N SER D 1043 42.59 31.33 -16.71
CA SER D 1043 42.42 31.58 -18.13
C SER D 1043 43.74 31.81 -18.85
N CYS D 1044 44.85 31.99 -18.13
CA CYS D 1044 46.14 32.08 -18.77
C CYS D 1044 46.54 30.75 -19.40
N GLN D 1045 46.63 29.70 -18.58
CA GLN D 1045 47.00 28.39 -19.12
C GLN D 1045 45.83 27.77 -19.89
N ARG D 1046 44.60 27.93 -19.40
CA ARG D 1046 43.47 27.35 -20.09
C ARG D 1046 43.22 28.03 -21.43
N THR D 1047 43.10 29.36 -21.43
CA THR D 1047 42.83 30.08 -22.66
C THR D 1047 44.04 30.11 -23.59
N THR D 1048 45.26 30.18 -23.03
CA THR D 1048 46.44 30.35 -23.85
C THR D 1048 46.87 29.05 -24.53
N SER D 1049 46.96 27.97 -23.76
CA SER D 1049 47.50 26.72 -24.28
C SER D 1049 46.53 25.96 -25.17
N GLN D 1050 45.24 26.26 -25.10
CA GLN D 1050 44.22 25.47 -25.80
C GLN D 1050 43.41 26.25 -26.83
N LEU D 1051 43.22 27.55 -26.66
CA LEU D 1051 42.28 28.30 -27.48
C LEU D 1051 42.96 29.22 -28.49
N CYS D 1052 43.97 29.98 -28.08
CA CYS D 1052 44.49 31.04 -28.94
C CYS D 1052 45.18 30.49 -30.18
N TRP D 1053 46.08 29.53 -30.00
CA TRP D 1053 46.91 29.08 -31.12
C TRP D 1053 46.14 28.35 -32.21
N PRO D 1054 45.23 27.42 -31.90
CA PRO D 1054 44.47 26.79 -33.00
C PRO D 1054 43.57 27.77 -33.72
N LEU D 1055 42.88 28.66 -33.01
CA LEU D 1055 42.09 29.69 -33.65
C LEU D 1055 42.96 30.56 -34.55
N LEU D 1056 44.19 30.85 -34.12
CA LEU D 1056 45.10 31.63 -34.96
C LEU D 1056 45.54 30.85 -36.18
N LYS D 1057 45.78 29.54 -36.03
CA LYS D 1057 46.19 28.72 -37.17
C LYS D 1057 45.08 28.61 -38.20
N GLN D 1058 43.82 28.59 -37.76
CA GLN D 1058 42.73 28.56 -38.73
C GLN D 1058 42.69 29.82 -39.58
N VAL D 1059 43.29 30.91 -39.11
CA VAL D 1059 43.36 32.16 -39.85
C VAL D 1059 44.80 32.50 -40.26
N LEU D 1060 45.73 31.56 -40.08
CA LEU D 1060 47.10 31.79 -40.54
C LEU D 1060 47.14 31.92 -42.06
N SER D 1061 46.43 31.04 -42.77
CA SER D 1061 46.27 31.19 -44.21
C SER D 1061 45.33 32.34 -44.51
N GLY D 1062 45.73 33.19 -45.46
CA GLY D 1062 44.97 34.37 -45.79
C GLY D 1062 45.58 35.63 -45.17
N THR D 1063 45.12 36.77 -45.68
CA THR D 1063 45.65 38.05 -45.23
C THR D 1063 45.16 38.39 -43.83
N LEU D 1064 45.97 39.15 -43.11
CA LEU D 1064 45.64 39.65 -41.78
C LEU D 1064 45.77 41.16 -41.76
N LEU D 1065 44.86 41.82 -41.05
CA LEU D 1065 44.87 43.27 -40.95
C LEU D 1065 46.10 43.73 -40.17
N ALA D 1066 46.79 44.75 -40.70
CA ALA D 1066 48.07 45.17 -40.15
C ALA D 1066 47.95 45.63 -38.70
N ASP D 1067 47.15 46.68 -38.47
CA ASP D 1067 46.96 47.17 -37.11
C ASP D 1067 46.44 46.08 -36.19
N ALA D 1068 45.65 45.15 -36.72
CA ALA D 1068 45.24 43.98 -35.94
C ALA D 1068 46.45 43.11 -35.60
N VAL D 1069 47.33 42.86 -36.58
CA VAL D 1069 48.54 42.08 -36.33
C VAL D 1069 49.35 42.70 -35.20
N THR D 1070 49.43 44.03 -35.18
CA THR D 1070 50.05 44.71 -34.03
C THR D 1070 49.26 44.44 -32.76
N TRP D 1071 47.93 44.47 -32.85
CA TRP D 1071 47.09 44.36 -31.66
C TRP D 1071 47.19 42.99 -31.00
N LEU D 1072 47.38 41.92 -31.78
CA LEU D 1072 47.44 40.58 -31.20
C LEU D 1072 48.68 40.41 -30.34
N PHE D 1073 49.87 40.61 -30.93
CA PHE D 1073 51.10 40.52 -30.16
C PHE D 1073 51.12 41.54 -29.02
N THR D 1074 50.53 42.71 -29.23
CA THR D 1074 50.36 43.65 -28.13
C THR D 1074 49.53 43.04 -27.00
N SER D 1075 48.52 42.25 -27.36
CA SER D 1075 47.63 41.68 -26.36
C SER D 1075 48.30 40.57 -25.57
N VAL D 1076 48.99 39.66 -26.25
CA VAL D 1076 49.68 38.59 -25.52
C VAL D 1076 50.85 39.15 -24.73
N LEU D 1077 51.51 40.20 -25.23
CA LEU D 1077 52.55 40.86 -24.46
C LEU D 1077 51.97 41.52 -23.20
N LYS D 1078 50.78 42.11 -23.32
CA LYS D 1078 50.09 42.60 -22.13
C LYS D 1078 49.75 41.45 -21.18
N GLY D 1079 49.46 40.27 -21.73
CA GLY D 1079 49.26 39.11 -20.87
C GLY D 1079 50.52 38.70 -20.14
N LEU D 1080 51.69 38.89 -20.77
CA LEU D 1080 52.94 38.62 -20.08
C LEU D 1080 53.23 39.68 -19.01
N GLN D 1081 52.95 40.95 -19.32
CA GLN D 1081 53.13 42.01 -18.34
C GLN D 1081 52.18 41.85 -17.16
N MET D 1082 51.02 41.23 -17.38
CA MET D 1082 50.00 41.16 -16.34
C MET D 1082 50.32 40.08 -15.31
N HIS D 1083 50.37 38.82 -15.74
CA HIS D 1083 50.56 37.72 -14.78
C HIS D 1083 52.03 37.59 -14.40
N GLY D 1084 52.88 37.21 -15.35
CA GLY D 1084 54.31 37.26 -15.15
C GLY D 1084 54.86 36.25 -14.16
N GLN D 1085 54.46 36.40 -12.90
CA GLN D 1085 55.08 35.65 -11.81
C GLN D 1085 54.75 34.16 -11.88
N HIS D 1086 53.60 33.79 -12.44
CA HIS D 1086 53.24 32.38 -12.52
C HIS D 1086 54.16 31.66 -13.50
N ASP D 1087 54.60 30.46 -13.11
CA ASP D 1087 55.62 29.74 -13.87
C ASP D 1087 55.04 29.14 -15.15
N GLY D 1088 54.08 28.22 -15.02
CA GLY D 1088 53.50 27.59 -16.20
C GLY D 1088 52.76 28.58 -17.08
N CYS D 1089 52.11 29.57 -16.46
CA CYS D 1089 51.46 30.63 -17.22
C CYS D 1089 52.47 31.37 -18.09
N MET D 1090 53.62 31.73 -17.51
CA MET D 1090 54.67 32.39 -18.28
C MET D 1090 55.18 31.50 -19.39
N ALA D 1091 55.33 30.20 -19.12
CA ALA D 1091 55.80 29.27 -20.14
C ALA D 1091 54.84 29.24 -21.33
N SER D 1092 53.55 29.07 -21.06
CA SER D 1092 52.56 29.03 -22.14
C SER D 1092 52.51 30.35 -22.88
N LEU D 1093 52.64 31.47 -22.16
CA LEU D 1093 52.59 32.78 -22.81
C LEU D 1093 53.77 32.98 -23.76
N VAL D 1094 54.99 32.70 -23.29
CA VAL D 1094 56.16 32.89 -24.14
C VAL D 1094 56.15 31.90 -25.29
N HIS D 1095 55.56 30.71 -25.10
CA HIS D 1095 55.46 29.77 -26.22
C HIS D 1095 54.49 30.28 -27.27
N LEU D 1096 53.32 30.78 -26.85
CA LEU D 1096 52.35 31.30 -27.80
C LEU D 1096 52.92 32.49 -28.56
N ALA D 1097 53.47 33.46 -27.83
CA ALA D 1097 54.05 34.65 -28.48
C ALA D 1097 55.19 34.25 -29.41
N PHE D 1098 55.98 33.25 -29.01
CA PHE D 1098 57.04 32.74 -29.89
C PHE D 1098 56.45 32.18 -31.18
N GLN D 1099 55.35 31.43 -31.07
CA GLN D 1099 54.69 30.90 -32.26
C GLN D 1099 54.19 32.03 -33.15
N ILE D 1100 53.58 33.06 -32.55
CA ILE D 1100 53.06 34.18 -33.34
C ILE D 1100 54.19 34.90 -34.08
N TYR D 1101 55.30 35.14 -33.38
CA TYR D 1101 56.40 35.87 -34.00
C TYR D 1101 57.04 35.05 -35.11
N GLU D 1102 57.38 33.78 -34.82
CA GLU D 1102 57.98 32.94 -35.85
C GLU D 1102 57.02 32.62 -36.99
N ALA D 1103 55.72 32.83 -36.80
CA ALA D 1103 54.74 32.55 -37.84
C ALA D 1103 54.34 33.77 -38.64
N LEU D 1104 54.56 34.98 -38.12
CA LEU D 1104 54.12 36.20 -38.79
C LEU D 1104 55.25 37.19 -39.04
N ARG D 1105 56.51 36.82 -38.76
CA ARG D 1105 57.61 37.75 -39.02
C ARG D 1105 57.90 37.92 -40.50
N PRO D 1106 58.06 36.85 -41.30
CA PRO D 1106 58.43 37.07 -42.71
C PRO D 1106 57.33 37.71 -43.54
N ARG D 1107 56.07 37.65 -43.10
CA ARG D 1107 54.97 38.19 -43.89
C ARG D 1107 54.54 39.60 -43.46
N TYR D 1108 54.72 39.94 -42.19
CA TYR D 1108 54.32 41.25 -41.68
C TYR D 1108 55.47 41.87 -40.91
N LEU D 1109 55.86 43.08 -41.29
CA LEU D 1109 57.00 43.78 -40.73
C LEU D 1109 56.65 44.65 -39.53
N GLU D 1110 55.37 44.73 -39.16
CA GLU D 1110 54.93 45.67 -38.13
C GLU D 1110 55.22 45.18 -36.72
N ILE D 1111 55.42 43.87 -36.52
CA ILE D 1111 55.62 43.34 -35.18
C ILE D 1111 56.99 43.68 -34.62
N ARG D 1112 57.96 44.02 -35.50
CA ARG D 1112 59.28 44.38 -35.02
C ARG D 1112 59.23 45.61 -34.13
N ALA D 1113 58.53 46.66 -34.59
CA ALA D 1113 58.37 47.86 -33.78
C ALA D 1113 57.59 47.58 -32.50
N VAL D 1114 56.74 46.55 -32.52
CA VAL D 1114 56.02 46.17 -31.30
C VAL D 1114 56.96 45.56 -30.29
N MET D 1115 57.82 44.63 -30.73
CA MET D 1115 58.78 44.03 -29.81
C MET D 1115 59.87 45.00 -29.37
N GLU D 1116 60.14 46.05 -30.15
CA GLU D 1116 61.16 47.01 -29.77
C GLU D 1116 60.78 47.82 -28.55
N GLN D 1117 59.50 47.86 -28.18
CA GLN D 1117 59.05 48.60 -27.01
C GLN D 1117 59.17 47.80 -25.71
N ILE D 1118 59.58 46.54 -25.78
CA ILE D 1118 59.75 45.74 -24.58
C ILE D 1118 60.94 46.29 -23.77
N PRO D 1119 60.84 46.38 -22.45
CA PRO D 1119 61.97 46.90 -21.68
C PRO D 1119 63.15 45.94 -21.67
N GLU D 1120 64.35 46.53 -21.59
CA GLU D 1120 65.61 45.79 -21.52
C GLU D 1120 65.79 44.86 -22.73
N ILE D 1121 65.47 45.36 -23.91
CA ILE D 1121 65.69 44.61 -25.15
C ILE D 1121 67.12 44.79 -25.61
N GLN D 1122 67.55 43.96 -26.57
CA GLN D 1122 68.84 44.11 -27.23
C GLN D 1122 68.59 43.98 -28.72
N LYS D 1123 68.75 45.09 -29.45
CA LYS D 1123 68.34 45.13 -30.84
C LYS D 1123 69.28 44.36 -31.77
N ASP D 1124 70.53 44.11 -31.35
CA ASP D 1124 71.45 43.39 -32.21
C ASP D 1124 71.18 41.89 -32.19
N SER D 1125 70.82 41.34 -31.03
CA SER D 1125 70.41 39.94 -30.97
C SER D 1125 69.07 39.73 -31.67
N LEU D 1126 68.07 40.55 -31.32
CA LEU D 1126 66.78 40.48 -31.99
C LEU D 1126 66.92 40.64 -33.49
N ASP D 1127 67.83 41.51 -33.94
CA ASP D 1127 68.08 41.66 -35.37
C ASP D 1127 68.76 40.43 -35.94
N GLN D 1128 69.64 39.80 -35.17
CA GLN D 1128 70.32 38.60 -35.65
C GLN D 1128 69.33 37.45 -35.84
N PHE D 1129 68.34 37.35 -34.96
CA PHE D 1129 67.31 36.32 -35.13
C PHE D 1129 66.29 36.71 -36.19
N ASP D 1130 66.09 38.01 -36.41
CA ASP D 1130 65.41 38.44 -37.64
C ASP D 1130 66.14 37.90 -38.87
N CYS D 1131 67.47 38.00 -38.87
CA CYS D 1131 68.24 37.41 -39.95
C CYS D 1131 68.15 35.88 -39.94
N LYS D 1132 67.86 35.28 -38.79
CA LYS D 1132 67.62 33.84 -38.74
C LYS D 1132 66.32 33.49 -39.49
N LEU D 1133 65.27 34.27 -39.28
CA LEU D 1133 64.00 34.00 -39.95
C LEU D 1133 63.99 34.43 -41.41
N LEU D 1134 64.81 35.40 -41.80
CA LEU D 1134 64.86 35.81 -43.19
C LEU D 1134 65.46 34.73 -44.08
N ASN D 1135 66.53 34.09 -43.61
CA ASN D 1135 67.19 33.05 -44.39
C ASN D 1135 66.34 31.77 -44.39
N PRO D 1136 66.42 30.96 -45.47
CA PRO D 1136 65.67 29.71 -45.55
C PRO D 1136 66.13 28.68 -44.52
N UNK E 1 64.48 23.39 -31.49
CA UNK E 1 63.65 24.59 -31.40
C UNK E 1 63.71 25.19 -30.00
N UNK E 2 64.44 24.52 -29.11
CA UNK E 2 64.59 24.97 -27.73
C UNK E 2 65.55 26.16 -27.64
N UNK E 3 66.51 26.22 -28.55
CA UNK E 3 67.49 27.29 -28.57
C UNK E 3 66.84 28.60 -29.02
N UNK E 4 66.06 28.53 -30.09
CA UNK E 4 65.36 29.69 -30.62
C UNK E 4 64.33 30.20 -29.60
N UNK E 5 63.65 29.25 -28.95
CA UNK E 5 62.66 29.60 -27.94
C UNK E 5 63.29 30.25 -26.73
N UNK E 6 64.42 29.69 -26.28
CA UNK E 6 65.14 30.21 -25.11
C UNK E 6 65.68 31.60 -25.40
N UNK E 7 66.20 31.79 -26.61
CA UNK E 7 66.74 33.08 -27.03
C UNK E 7 65.64 34.12 -27.14
N UNK E 8 64.50 33.72 -27.70
CA UNK E 8 63.35 34.60 -27.81
C UNK E 8 62.86 34.99 -26.41
N UNK E 9 62.94 34.05 -25.48
CA UNK E 9 62.56 34.29 -24.10
C UNK E 9 63.50 35.30 -23.46
N UNK E 10 64.79 35.18 -23.76
CA UNK E 10 65.78 36.13 -23.26
C UNK E 10 65.56 37.51 -23.88
N UNK E 11 65.00 37.53 -25.09
CA UNK E 11 64.73 38.78 -25.79
C UNK E 11 63.50 39.48 -25.24
N UNK E 12 62.48 38.70 -24.87
CA UNK E 12 61.21 39.27 -24.42
C UNK E 12 61.14 39.38 -22.90
N UNK E 13 62.26 39.14 -22.22
CA UNK E 13 62.30 39.20 -20.77
C UNK E 13 62.05 40.62 -20.29
N PRO F 7 48.77 36.77 38.22
CA PRO F 7 50.18 36.65 37.84
C PRO F 7 50.92 35.57 38.64
N GLN F 8 50.91 34.33 38.15
CA GLN F 8 51.42 33.21 38.91
C GLN F 8 52.63 32.54 38.27
N VAL F 9 52.58 32.27 36.96
CA VAL F 9 53.66 31.58 36.27
C VAL F 9 53.99 32.33 34.98
N GLN F 10 55.27 32.56 34.75
CA GLN F 10 55.76 33.22 33.54
C GLN F 10 56.48 32.22 32.67
N PHE F 11 56.14 32.21 31.38
CA PHE F 11 56.81 31.37 30.40
C PHE F 11 57.60 32.24 29.44
N LYS F 12 58.77 31.76 29.03
CA LYS F 12 59.58 32.43 28.02
C LYS F 12 59.14 31.96 26.64
N LEU F 13 58.62 32.88 25.84
CA LEU F 13 58.08 32.58 24.53
C LEU F 13 58.79 33.45 23.50
N VAL F 14 59.48 32.83 22.55
CA VAL F 14 60.20 33.58 21.52
C VAL F 14 59.41 33.55 20.22
N LEU F 15 59.42 34.66 19.50
CA LEU F 15 58.64 34.83 18.28
C LEU F 15 59.60 35.06 17.12
N VAL F 16 59.69 34.09 16.21
CA VAL F 16 60.68 34.09 15.15
C VAL F 16 59.99 33.93 13.80
N GLY F 17 60.75 34.20 12.74
CA GLY F 17 60.25 34.17 11.38
C GLY F 17 60.81 35.30 10.53
N ASP F 18 60.46 35.33 9.25
CA ASP F 18 61.02 36.33 8.33
C ASP F 18 60.60 37.74 8.74
N GLY F 19 61.22 38.71 8.07
CA GLY F 19 60.93 40.11 8.34
C GLY F 19 59.64 40.56 7.67
N GLY F 20 58.89 41.39 8.39
CA GLY F 20 57.64 41.91 7.88
C GLY F 20 56.47 40.96 7.92
N THR F 21 56.62 39.79 8.55
CA THR F 21 55.54 38.82 8.61
C THR F 21 54.40 39.28 9.53
N GLY F 22 54.68 40.19 10.47
CA GLY F 22 53.64 40.72 11.32
C GLY F 22 53.76 40.32 12.78
N LYS F 23 55.00 40.14 13.25
CA LYS F 23 55.19 39.75 14.65
C LYS F 23 54.87 40.89 15.60
N THR F 24 55.39 42.08 15.32
CA THR F 24 55.19 43.20 16.23
C THR F 24 53.76 43.74 16.16
N THR F 25 53.12 43.64 15.00
CA THR F 25 51.72 44.04 14.90
C THR F 25 50.80 43.04 15.57
N PHE F 26 51.21 41.76 15.62
CA PHE F 26 50.43 40.76 16.34
C PHE F 26 50.60 40.90 17.84
N VAL F 27 51.86 41.02 18.30
CA VAL F 27 52.12 41.23 19.72
C VAL F 27 51.48 42.51 20.21
N LYS F 28 51.60 43.59 19.42
CA LYS F 28 50.97 44.85 19.80
C LYS F 28 49.46 44.77 19.71
N ARG F 29 48.94 43.93 18.80
CA ARG F 29 47.51 43.68 18.76
C ARG F 29 47.04 42.93 20.01
N HIS F 30 47.93 42.16 20.63
CA HIS F 30 47.58 41.52 21.90
C HIS F 30 47.79 42.46 23.08
N LEU F 31 48.71 43.43 22.96
CA LEU F 31 49.01 44.33 24.07
C LEU F 31 47.91 45.36 24.27
N THR F 32 47.66 46.17 23.24
CA THR F 32 46.69 47.26 23.32
C THR F 32 45.44 46.99 22.50
N GLY F 33 45.39 45.90 21.75
CA GLY F 33 44.23 45.63 20.94
C GLY F 33 44.12 46.45 19.66
N GLU F 34 45.20 47.11 19.26
CA GLU F 34 45.20 47.98 18.10
C GLU F 34 46.08 47.41 17.00
N PHE F 35 45.60 47.48 15.76
CA PHE F 35 46.34 47.06 14.59
C PHE F 35 47.03 48.26 13.96
N GLU F 36 48.33 48.14 13.73
CA GLU F 36 49.14 49.23 13.20
C GLU F 36 49.47 48.95 11.74
N LYS F 37 49.12 49.88 10.86
CA LYS F 37 49.36 49.68 9.43
C LYS F 37 50.83 49.80 9.08
N LYS F 38 51.50 50.81 9.64
CA LYS F 38 52.89 51.08 9.27
C LYS F 38 53.82 50.01 9.83
N TYR F 39 54.91 49.77 9.10
CA TYR F 39 55.90 48.76 9.46
C TYR F 39 57.17 49.45 9.97
N VAL F 40 57.46 49.24 11.25
CA VAL F 40 58.71 49.70 11.85
C VAL F 40 59.52 48.46 12.22
N ALA F 41 60.65 48.28 11.55
CA ALA F 41 61.43 47.06 11.70
C ALA F 41 61.96 46.93 13.13
N THR F 42 61.84 45.73 13.69
CA THR F 42 62.34 45.47 15.03
C THR F 42 63.86 45.39 15.02
N LEU F 43 64.48 45.95 16.05
CA LEU F 43 65.94 45.96 16.17
C LEU F 43 66.32 45.03 17.31
N GLY F 44 67.00 43.93 16.97
CA GLY F 44 67.34 42.94 17.97
C GLY F 44 66.12 42.17 18.42
N VAL F 45 65.64 42.46 19.63
CA VAL F 45 64.47 41.82 20.19
C VAL F 45 63.66 42.86 20.95
N GLU F 46 62.36 42.60 21.07
CA GLU F 46 61.47 43.46 21.86
C GLU F 46 60.65 42.59 22.79
N VAL F 47 60.98 42.63 24.09
CA VAL F 47 60.33 41.79 25.08
C VAL F 47 59.06 42.46 25.57
N HIS F 48 57.95 41.72 25.56
CA HIS F 48 56.67 42.23 26.01
C HIS F 48 56.00 41.21 26.93
N PRO F 49 55.43 41.67 28.05
CA PRO F 49 54.66 40.77 28.91
C PRO F 49 53.20 40.72 28.53
N LEU F 50 52.65 39.52 28.37
CA LEU F 50 51.25 39.32 27.99
C LEU F 50 50.59 38.42 29.02
N VAL F 51 49.68 38.98 29.81
CA VAL F 51 48.97 38.21 30.83
C VAL F 51 47.66 37.71 30.25
N PHE F 52 47.32 36.47 30.56
CA PHE F 52 46.07 35.83 30.16
C PHE F 52 45.36 35.33 31.40
N HIS F 53 44.06 35.59 31.48
CA HIS F 53 43.24 35.10 32.58
C HIS F 53 42.61 33.78 32.16
N THR F 54 42.98 32.71 32.86
CA THR F 54 42.63 31.35 32.52
C THR F 54 41.70 30.79 33.58
N ASN F 55 40.99 29.71 33.23
CA ASN F 55 40.28 28.96 34.25
C ASN F 55 41.23 28.40 35.31
N ARG F 56 42.50 28.24 34.97
CA ARG F 56 43.53 27.86 35.92
C ARG F 56 44.22 29.07 36.54
N GLY F 57 43.68 30.26 36.35
CA GLY F 57 44.27 31.46 36.91
C GLY F 57 45.03 32.27 35.88
N PRO F 58 45.62 33.38 36.31
CA PRO F 58 46.41 34.20 35.39
C PRO F 58 47.78 33.59 35.12
N ILE F 59 48.16 33.60 33.84
CA ILE F 59 49.48 33.16 33.40
C ILE F 59 50.09 34.28 32.58
N LYS F 60 51.42 34.28 32.49
CA LYS F 60 52.14 35.34 31.80
C LYS F 60 53.04 34.75 30.74
N PHE F 61 53.01 35.34 29.55
CA PHE F 61 53.91 35.02 28.45
C PHE F 61 54.85 36.19 28.27
N ASN F 62 56.13 35.99 28.59
CA ASN F 62 57.17 36.95 28.24
C ASN F 62 57.59 36.65 26.80
N VAL F 63 57.03 37.39 25.86
CA VAL F 63 57.26 37.14 24.44
C VAL F 63 58.39 38.03 23.95
N TRP F 64 59.45 37.40 23.46
CA TRP F 64 60.59 38.10 22.88
C TRP F 64 60.35 38.21 21.38
N ASP F 65 60.12 39.44 20.92
CA ASP F 65 59.81 39.73 19.52
C ASP F 65 61.11 39.75 18.73
N THR F 66 61.31 38.72 17.90
CA THR F 66 62.56 38.57 17.15
C THR F 66 62.55 39.42 15.90
N ALA F 67 63.67 40.08 15.63
CA ALA F 67 63.84 40.82 14.39
C ALA F 67 64.02 39.85 13.23
N GLY F 68 63.13 39.94 12.23
CA GLY F 68 63.20 39.04 11.09
C GLY F 68 64.24 39.41 10.06
N GLN F 69 64.67 40.67 10.04
CA GLN F 69 65.73 41.09 9.13
C GLN F 69 67.09 40.66 9.66
N GLU F 70 67.93 40.18 8.76
CA GLU F 70 69.26 39.71 9.18
C GLU F 70 70.13 40.87 9.67
N LYS F 71 70.04 42.03 9.00
CA LYS F 71 70.83 43.18 9.40
C LYS F 71 70.36 43.76 10.72
N PHE F 72 69.06 43.67 11.01
CA PHE F 72 68.51 44.22 12.24
C PHE F 72 68.42 43.21 13.38
N GLY F 73 68.64 41.92 13.10
CA GLY F 73 68.69 40.94 14.16
C GLY F 73 69.93 41.14 15.01
N GLY F 74 69.75 41.16 16.32
CA GLY F 74 70.87 41.35 17.22
C GLY F 74 71.52 40.03 17.56
N LEU F 75 71.54 39.67 18.85
CA LEU F 75 71.95 38.32 19.25
C LEU F 75 70.81 37.36 18.93
N ARG F 76 70.58 37.18 17.63
CA ARG F 76 69.43 36.43 17.15
C ARG F 76 69.33 35.07 17.82
N ASP F 77 70.32 34.20 17.57
CA ASP F 77 70.34 32.89 18.21
C ASP F 77 70.32 33.02 19.73
N GLY F 78 71.14 33.93 20.26
CA GLY F 78 71.19 34.16 21.69
C GLY F 78 69.89 34.62 22.30
N TYR F 79 68.97 35.16 21.48
CA TYR F 79 67.67 35.54 22.02
C TYR F 79 66.82 34.33 22.38
N TYR F 80 67.15 33.15 21.85
CA TYR F 80 66.38 31.95 22.10
C TYR F 80 66.75 31.26 23.41
N ILE F 81 67.78 31.75 24.12
CA ILE F 81 68.30 31.03 25.26
C ILE F 81 67.28 31.01 26.39
N GLN F 82 67.12 29.84 27.02
CA GLN F 82 66.17 29.64 28.12
C GLN F 82 64.73 29.89 27.70
N ALA F 83 64.40 29.56 26.45
CA ALA F 83 63.04 29.71 25.95
C ALA F 83 62.25 28.44 26.22
N GLN F 84 60.99 28.62 26.65
CA GLN F 84 60.12 27.51 26.98
C GLN F 84 59.08 27.22 25.91
N CYS F 85 58.77 28.18 25.04
CA CYS F 85 57.89 27.93 23.91
C CYS F 85 58.18 28.94 22.81
N ALA F 86 57.80 28.58 21.59
CA ALA F 86 58.16 29.43 20.45
C ALA F 86 57.05 29.44 19.40
N ILE F 87 56.92 30.59 18.75
CA ILE F 87 55.99 30.78 17.64
C ILE F 87 56.80 31.13 16.40
N ILE F 88 56.67 30.32 15.36
CA ILE F 88 57.26 30.60 14.06
C ILE F 88 56.16 31.17 13.18
N MET F 89 56.29 32.43 12.79
CA MET F 89 55.28 33.09 11.97
C MET F 89 55.80 33.36 10.58
N PHE F 90 54.96 33.10 9.58
CA PHE F 90 55.27 33.42 8.20
C PHE F 90 54.07 34.14 7.56
N ASP F 91 54.30 34.70 6.38
CA ASP F 91 53.30 35.50 5.68
C ASP F 91 52.77 34.70 4.50
N VAL F 92 51.46 34.50 4.45
CA VAL F 92 50.85 33.82 3.31
C VAL F 92 50.89 34.66 2.05
N THR F 93 51.18 35.96 2.17
CA THR F 93 51.31 36.82 1.01
C THR F 93 52.67 36.65 0.33
N SER F 94 53.71 36.38 1.10
CA SER F 94 55.07 36.20 0.59
C SER F 94 55.49 34.75 0.79
N ARG F 95 55.61 34.01 -0.31
CA ARG F 95 55.97 32.59 -0.24
C ARG F 95 57.37 32.37 0.30
N VAL F 96 58.25 33.38 0.23
CA VAL F 96 59.61 33.22 0.71
C VAL F 96 59.63 32.97 2.21
N THR F 97 58.68 33.54 2.94
CA THR F 97 58.60 33.31 4.38
C THR F 97 58.38 31.84 4.68
N TYR F 98 57.36 31.23 4.07
CA TYR F 98 57.13 29.81 4.26
C TYR F 98 58.28 28.98 3.71
N LYS F 99 59.03 29.52 2.73
CA LYS F 99 60.25 28.86 2.31
C LYS F 99 61.31 28.91 3.42
N ASN F 100 61.25 29.92 4.28
CA ASN F 100 62.29 30.17 5.27
C ASN F 100 61.97 29.65 6.66
N VAL F 101 60.74 29.18 6.91
CA VAL F 101 60.40 28.70 8.24
C VAL F 101 61.25 27.50 8.71
N PRO F 102 61.70 26.58 7.85
CA PRO F 102 62.52 25.46 8.39
C PRO F 102 63.84 25.93 9.00
N ASN F 103 64.43 27.01 8.48
CA ASN F 103 65.61 27.57 9.12
C ASN F 103 65.32 27.97 10.56
N TRP F 104 64.24 28.75 10.75
CA TRP F 104 63.85 29.18 12.08
C TRP F 104 63.61 27.99 13.00
N HIS F 105 62.91 26.95 12.49
CA HIS F 105 62.66 25.77 13.31
C HIS F 105 63.97 25.09 13.69
N ARG F 106 64.91 25.01 12.75
CA ARG F 106 66.18 24.34 13.04
C ARG F 106 66.96 25.09 14.12
N ASP F 107 67.03 26.42 14.03
CA ASP F 107 67.72 27.19 15.05
C ASP F 107 67.03 27.02 16.41
N LEU F 108 65.70 27.13 16.44
CA LEU F 108 64.97 26.97 17.68
C LEU F 108 65.25 25.62 18.33
N VAL F 109 65.13 24.54 17.56
CA VAL F 109 65.33 23.20 18.11
C VAL F 109 66.78 23.00 18.53
N ARG F 110 67.74 23.63 17.82
CA ARG F 110 69.14 23.52 18.23
C ARG F 110 69.37 24.19 19.58
N VAL F 111 68.76 25.35 19.80
CA VAL F 111 68.90 26.00 21.11
C VAL F 111 68.06 25.30 22.16
N CYS F 112 66.81 24.94 21.83
CA CYS F 112 65.89 24.31 22.77
C CYS F 112 65.44 22.97 22.20
N GLU F 113 65.80 21.89 22.87
CA GLU F 113 65.62 20.57 22.26
C GLU F 113 64.15 20.17 22.18
N ASN F 114 63.43 20.25 23.31
CA ASN F 114 62.05 19.75 23.39
C ASN F 114 61.16 20.85 23.98
N ILE F 115 60.66 21.73 23.10
CA ILE F 115 59.75 22.80 23.52
C ILE F 115 58.58 22.84 22.56
N PRO F 116 57.43 23.36 22.99
CA PRO F 116 56.30 23.52 22.07
C PRO F 116 56.53 24.67 21.10
N ILE F 117 56.27 24.39 19.83
CA ILE F 117 56.34 25.37 18.75
C ILE F 117 54.97 25.42 18.09
N VAL F 118 54.52 26.62 17.75
CA VAL F 118 53.31 26.80 16.95
C VAL F 118 53.67 27.59 15.70
N LEU F 119 53.28 27.06 14.55
CA LEU F 119 53.52 27.69 13.25
C LEU F 119 52.26 28.45 12.85
N CYS F 120 52.43 29.72 12.48
CA CYS F 120 51.31 30.61 12.22
C CYS F 120 51.46 31.24 10.85
N GLY F 121 50.42 31.08 10.02
CA GLY F 121 50.35 31.75 8.74
C GLY F 121 49.52 33.02 8.84
N ASN F 122 50.19 34.17 8.90
CA ASN F 122 49.53 35.44 9.15
C ASN F 122 49.05 36.06 7.83
N LYS F 123 48.15 37.04 7.98
CA LYS F 123 47.63 37.84 6.86
C LYS F 123 46.76 37.02 5.92
N VAL F 124 45.92 36.14 6.48
CA VAL F 124 44.96 35.40 5.67
C VAL F 124 43.84 36.29 5.15
N ASP F 125 43.70 37.50 5.69
CA ASP F 125 42.69 38.43 5.22
C ASP F 125 42.97 38.94 3.82
N ILE F 126 44.20 38.82 3.34
CA ILE F 126 44.53 39.24 1.98
C ILE F 126 43.76 38.36 0.99
N LYS F 127 43.26 39.00 -0.08
CA LYS F 127 42.38 38.33 -1.02
C LYS F 127 43.04 37.09 -1.61
N ASP F 128 44.11 37.28 -2.37
CA ASP F 128 44.79 36.19 -3.07
C ASP F 128 45.95 35.71 -2.21
N ARG F 129 45.78 34.54 -1.61
CA ARG F 129 46.85 33.93 -0.81
C ARG F 129 47.84 33.24 -1.75
N LYS F 130 49.05 33.79 -1.85
CA LYS F 130 50.07 33.17 -2.68
C LYS F 130 50.55 31.84 -2.10
N VAL F 131 50.27 31.58 -0.82
CA VAL F 131 50.59 30.33 -0.17
C VAL F 131 49.29 29.60 0.11
N LYS F 132 49.03 28.53 -0.64
CA LYS F 132 47.78 27.80 -0.49
C LYS F 132 47.75 27.02 0.82
N ALA F 133 46.55 26.76 1.32
CA ALA F 133 46.40 26.05 2.58
C ALA F 133 46.85 24.59 2.46
N LYS F 134 46.71 24.00 1.27
CA LYS F 134 47.10 22.61 1.08
C LYS F 134 48.61 22.45 0.91
N SER F 135 49.34 23.53 0.64
CA SER F 135 50.78 23.47 0.51
C SER F 135 51.50 23.58 1.85
N ILE F 136 50.77 23.67 2.95
CA ILE F 136 51.36 23.75 4.29
C ILE F 136 51.43 22.32 4.83
N VAL F 137 52.63 21.74 4.80
CA VAL F 137 52.84 20.38 5.28
C VAL F 137 54.03 20.27 6.23
N PHE F 138 54.69 21.39 6.57
CA PHE F 138 55.88 21.31 7.43
C PHE F 138 55.51 20.92 8.85
N HIS F 139 54.41 21.47 9.37
CA HIS F 139 53.97 21.14 10.73
C HIS F 139 53.68 19.66 10.87
N ARG F 140 53.23 19.00 9.81
CA ARG F 140 52.99 17.56 9.87
C ARG F 140 54.29 16.78 9.81
N LYS F 141 55.34 17.36 9.22
CA LYS F 141 56.63 16.67 9.14
C LYS F 141 57.38 16.77 10.46
N LYS F 142 57.49 17.97 11.03
CA LYS F 142 58.24 18.18 12.26
C LYS F 142 57.38 18.11 13.51
N ASN F 143 56.12 17.66 13.39
CA ASN F 143 55.20 17.50 14.52
C ASN F 143 54.99 18.83 15.25
N LEU F 144 54.42 19.79 14.53
CA LEU F 144 54.05 21.09 15.05
C LEU F 144 52.53 21.26 14.98
N GLN F 145 52.06 22.39 15.50
CA GLN F 145 50.65 22.78 15.41
C GLN F 145 50.55 24.05 14.58
N TYR F 146 49.69 24.03 13.57
CA TYR F 146 49.56 25.15 12.65
C TYR F 146 48.29 25.93 12.94
N TYR F 147 48.32 27.23 12.62
CA TYR F 147 47.16 28.09 12.76
C TYR F 147 47.19 29.17 11.68
N ASP F 148 46.06 29.34 11.00
CA ASP F 148 45.87 30.48 10.11
C ASP F 148 45.40 31.67 10.95
N ILE F 149 46.22 32.71 11.02
CA ILE F 149 45.94 33.86 11.86
C ILE F 149 45.91 35.12 11.01
N SER F 150 45.40 36.19 11.60
CA SER F 150 45.33 37.49 10.94
C SER F 150 45.28 38.56 12.03
N ALA F 151 46.38 39.32 12.18
CA ALA F 151 46.42 40.36 13.19
C ALA F 151 45.44 41.50 12.91
N LYS F 152 44.99 41.63 11.65
CA LYS F 152 44.03 42.67 11.28
C LYS F 152 42.59 42.18 11.37
N SER F 153 42.35 40.90 11.09
CA SER F 153 41.01 40.34 11.10
C SER F 153 40.68 39.59 12.38
N ASN F 154 41.64 39.44 13.30
CA ASN F 154 41.49 38.72 14.56
C ASN F 154 41.16 37.25 14.37
N TYR F 155 41.29 36.73 13.14
CA TYR F 155 40.97 35.34 12.87
C TYR F 155 41.99 34.43 13.54
N ASN F 156 41.51 33.51 14.38
CA ASN F 156 42.37 32.65 15.21
C ASN F 156 43.40 33.48 15.96
N PHE F 157 42.91 34.53 16.63
CA PHE F 157 43.79 35.49 17.26
C PHE F 157 44.56 34.88 18.43
N GLU F 158 43.84 34.26 19.37
CA GLU F 158 44.45 33.73 20.59
C GLU F 158 44.77 32.25 20.51
N LYS F 159 44.64 31.64 19.33
CA LYS F 159 44.78 30.19 19.19
C LYS F 159 46.21 29.71 19.43
N PRO F 160 47.25 30.38 18.90
CA PRO F 160 48.62 29.93 19.22
C PRO F 160 48.96 30.06 20.70
N PHE F 161 48.65 31.20 21.32
CA PHE F 161 48.86 31.35 22.75
C PHE F 161 48.09 30.31 23.54
N LEU F 162 46.85 30.05 23.14
CA LEU F 162 46.03 29.07 23.83
C LEU F 162 46.66 27.68 23.75
N TRP F 163 47.00 27.24 22.54
CA TRP F 163 47.60 25.92 22.37
C TRP F 163 48.90 25.79 23.16
N LEU F 164 49.75 26.82 23.09
CA LEU F 164 50.98 26.80 23.86
C LEU F 164 50.71 26.69 25.35
N ALA F 165 49.67 27.40 25.83
CA ALA F 165 49.31 27.28 27.24
C ALA F 165 48.85 25.86 27.57
N ARG F 166 48.08 25.25 26.67
CA ARG F 166 47.64 23.86 26.88
C ARG F 166 48.84 22.93 27.01
N LYS F 167 49.82 23.05 26.10
CA LYS F 167 50.95 22.14 26.13
C LYS F 167 51.84 22.39 27.36
N LEU F 168 52.10 23.66 27.68
CA LEU F 168 52.98 23.97 28.80
C LEU F 168 52.35 23.57 30.12
N ILE F 169 51.05 23.83 30.31
CA ILE F 169 50.38 23.44 31.54
C ILE F 169 49.90 22.00 31.50
N GLY F 170 49.89 21.36 30.32
CA GLY F 170 49.46 19.98 30.22
C GLY F 170 47.98 19.76 30.43
N ASP F 171 47.17 20.81 30.38
CA ASP F 171 45.74 20.70 30.59
C ASP F 171 45.01 20.85 29.26
N PRO F 172 44.49 19.78 28.66
CA PRO F 172 43.82 19.91 27.36
C PRO F 172 42.59 20.81 27.39
N ASN F 173 41.97 20.97 28.56
CA ASN F 173 40.73 21.74 28.69
C ASN F 173 40.99 23.17 29.18
N LEU F 174 42.11 23.76 28.81
CA LEU F 174 42.42 25.13 29.19
C LEU F 174 41.57 26.10 28.37
N GLU F 175 41.09 27.16 29.04
CA GLU F 175 40.26 28.16 28.42
C GLU F 175 40.79 29.55 28.75
N PHE F 176 40.61 30.48 27.80
CA PHE F 176 40.98 31.87 28.03
C PHE F 176 39.74 32.69 28.38
PG GTP G . -72.00 -22.37 -11.29
O1G GTP G . -72.29 -21.47 -12.48
O2G GTP G . -71.88 -23.81 -11.74
O3G GTP G . -73.11 -22.27 -10.28
O3B GTP G . -70.61 -21.90 -10.63
PB GTP G . -69.86 -20.55 -11.06
O1B GTP G . -68.49 -20.55 -10.46
O2B GTP G . -69.77 -20.43 -12.56
O3A GTP G . -70.71 -19.32 -10.45
PA GTP G . -70.79 -17.91 -11.23
O1A GTP G . -69.55 -17.66 -12.04
O2A GTP G . -72.02 -17.91 -12.12
O5' GTP G . -70.91 -16.78 -10.10
C5' GTP G . -70.02 -16.79 -9.01
C4' GTP G . -70.07 -15.45 -8.28
O4' GTP G . -68.76 -15.15 -7.85
C3' GTP G . -70.52 -14.34 -9.21
O3' GTP G . -71.78 -13.83 -8.80
C2' GTP G . -69.46 -13.26 -9.11
O2' GTP G . -70.01 -12.06 -8.64
C1' GTP G . -68.43 -13.80 -8.13
N9 GTP G . -67.10 -13.76 -8.74
C8 GTP G . -66.68 -14.49 -9.82
N7 GTP G . -65.39 -14.18 -10.07
C5 GTP G . -64.97 -13.28 -9.16
C6 GTP G . -63.75 -12.65 -8.97
O6 GTP G . -62.80 -12.88 -9.72
N1 GTP G . -63.61 -11.75 -7.93
C2 GTP G . -64.67 -11.49 -7.09
N2 GTP G . -64.53 -10.64 -6.08
N3 GTP G . -65.88 -12.13 -7.28
C4 GTP G . -66.03 -13.01 -8.30
MG MG H . -71.31 -22.28 -14.58
PG GTP I . 60.32 42.56 11.82
O1G GTP I . 60.84 41.21 11.39
O2G GTP I . 61.26 43.64 11.37
O3G GTP I . 60.20 42.58 13.32
O3B GTP I . 58.88 42.77 11.14
PB GTP I . 57.67 41.77 11.51
O1B GTP I . 57.89 40.44 10.83
O2B GTP I . 57.60 41.60 13.01
O3A GTP I . 56.31 42.45 10.97
PA GTP I . 55.77 43.87 11.52
O1A GTP I . 54.72 43.64 12.57
O2A GTP I . 56.90 44.72 12.06
O5' GTP I . 55.08 44.54 10.23
C5' GTP I . 54.11 43.79 9.55
C4' GTP I . 53.29 44.64 8.58
O4' GTP I . 52.33 43.80 7.97
C3' GTP I . 52.52 45.71 9.34
O3' GTP I . 52.94 46.98 8.90
C2' GTP I . 51.06 45.51 9.00
O2' GTP I . 50.56 46.64 8.33
C1' GTP I . 51.01 44.27 8.11
N9 GTP I . 50.19 43.23 8.75
C8 GTP I . 50.49 42.56 9.89
N7 GTP I . 49.49 41.68 10.15
C5 GTP I . 48.56 41.79 9.18
C6 GTP I . 47.35 41.13 8.97
O6 GTP I . 46.97 40.26 9.76
N1 GTP I . 46.59 41.45 7.87
C2 GTP I . 47.02 42.42 6.98
N2 GTP I . 46.29 42.73 5.93
N3 GTP I . 48.21 43.07 7.21
C4 GTP I . 48.98 42.76 8.29
MG MG J . 58.65 43.33 14.28
#